data_6JMT
#
_entry.id   6JMT
#
_cell.length_a   168.963
_cell.length_b   322.681
_cell.length_c   44.469
_cell.angle_alpha   90.000
_cell.angle_beta   90.000
_cell.angle_gamma   90.000
#
_symmetry.space_group_name_H-M   'P 21 21 2'
#
loop_
_entity.id
_entity.type
_entity.pdbx_description
1 polymer 'ARF GTPase-activating protein GIT2'
2 polymer 'beta PIX'
3 non-polymer 'ZINC ION'
#
loop_
_entity_poly.entity_id
_entity_poly.type
_entity_poly.pdbx_seq_one_letter_code
_entity_poly.pdbx_strand_id
1 'polypeptide(L)'
;GPGSMSKRLRSSDVCADCNGPDPSWASVNRGTFICDECCSVHRSLGRHISQVRHLKHTAWPPTLLQMVETLYNNGANSIW
EHSLLDPASIMSGRRKANPQDKVHPNKAEFIRAKYQMLAFVHRLPCREDDSVTAKDLSKQLHSSVRTGNLETCLRLLSLG
AQANFFHPEKGSTPLHVASKAGQILQAELLAVYGADPGTQDSSGKTPVDYARQGGHHELAERLIEIQYELTDRLAFYLCG
RKPDHKSGQHFLIPQRADAALDLSELAKAAKKKLQSLSNHLFEELAMDVYDEVDRRETDAVWLATQNHSTLVTETTVVPF
LPVNPEYSSTRNQGRQKLARFNAHEFATLVIDILSDAKRRQQGS
;
A,D,B,C,E,F
2 'polypeptide(L)' ALEEDAQILKVIEAYCTSAKT I,J,K,L,M,N
#
loop_
_chem_comp.id
_chem_comp.type
_chem_comp.name
_chem_comp.formula
ZN non-polymer 'ZINC ION' 'Zn 2'
#
# COMPACT_ATOMS: atom_id res chain seq x y z
N ARG A 10 13.98 -24.79 1.10
CA ARG A 10 13.24 -24.87 2.37
C ARG A 10 12.80 -23.49 2.91
N SER A 11 13.77 -22.61 3.16
CA SER A 11 13.52 -21.24 3.64
C SER A 11 12.75 -20.36 2.64
N SER A 12 12.95 -20.61 1.34
CA SER A 12 12.32 -19.86 0.23
C SER A 12 10.79 -19.84 0.24
N ASP A 13 10.18 -20.77 0.94
CA ASP A 13 8.72 -20.89 0.98
C ASP A 13 8.05 -19.80 1.81
N VAL A 14 8.82 -19.11 2.64
CA VAL A 14 8.23 -18.18 3.57
C VAL A 14 8.93 -16.83 3.62
N CYS A 15 8.15 -15.82 3.94
CA CYS A 15 8.65 -14.49 4.22
C CYS A 15 9.60 -14.54 5.40
N ALA A 16 10.76 -13.91 5.24
CA ALA A 16 11.75 -13.82 6.32
C ALA A 16 11.30 -12.94 7.49
N ASP A 17 10.22 -12.19 7.30
CA ASP A 17 9.86 -11.16 8.27
C ASP A 17 8.52 -11.43 8.94
N CYS A 18 7.71 -12.29 8.33
CA CYS A 18 6.42 -12.61 8.94
C CYS A 18 6.02 -14.07 8.80
N ASN A 19 6.83 -14.81 8.08
CA ASN A 19 6.59 -16.21 7.92
C ASN A 19 5.45 -16.45 6.98
N GLY A 20 5.05 -15.43 6.27
CA GLY A 20 4.00 -15.52 5.29
C GLY A 20 4.40 -16.32 4.08
N PRO A 21 3.34 -17.04 3.51
CA PRO A 21 3.78 -17.99 2.50
C PRO A 21 4.11 -17.36 1.18
N ASP A 22 4.86 -18.07 0.38
CA ASP A 22 5.05 -17.72 -1.00
C ASP A 22 5.44 -16.30 -1.31
N PRO A 23 6.64 -15.89 -0.89
CA PRO A 23 7.17 -14.53 -1.08
C PRO A 23 7.62 -14.09 -2.48
N SER A 24 7.47 -12.82 -2.79
CA SER A 24 7.70 -12.34 -4.13
C SER A 24 8.84 -11.38 -4.32
N TRP A 25 9.47 -10.93 -3.27
CA TRP A 25 10.54 -9.94 -3.36
C TRP A 25 11.77 -10.45 -2.68
N ALA A 26 12.92 -9.87 -3.01
CA ALA A 26 14.13 -10.16 -2.26
C ALA A 26 14.75 -8.88 -1.72
N SER A 27 15.35 -8.98 -0.54
CA SER A 27 16.21 -7.94 -0.01
C SER A 27 17.62 -8.42 -0.30
N VAL A 28 18.24 -7.86 -1.34
CA VAL A 28 19.47 -8.42 -1.90
C VAL A 28 20.64 -8.35 -0.93
N ASN A 29 20.83 -7.22 -0.28
CA ASN A 29 21.93 -7.07 0.67
C ASN A 29 21.75 -7.92 1.95
N ARG A 30 20.52 -8.33 2.23
CA ARG A 30 20.20 -9.08 3.44
C ARG A 30 20.06 -10.56 3.15
N GLY A 31 19.99 -10.91 1.87
CA GLY A 31 19.78 -12.28 1.46
C GLY A 31 18.51 -12.92 2.03
N THR A 32 17.41 -12.18 1.96
CA THR A 32 16.13 -12.68 2.43
C THR A 32 15.03 -12.49 1.37
N PHE A 33 14.08 -13.41 1.31
CA PHE A 33 12.90 -13.23 0.48
C PHE A 33 11.80 -12.69 1.37
N ILE A 34 11.02 -11.74 0.88
CA ILE A 34 9.95 -11.19 1.67
C ILE A 34 8.65 -11.11 0.87
N CYS A 35 7.53 -10.98 1.58
CA CYS A 35 6.24 -10.84 0.93
C CYS A 35 5.96 -9.38 0.54
N ASP A 36 4.87 -9.16 -0.17
CA ASP A 36 4.51 -7.82 -0.61
C ASP A 36 4.40 -6.79 0.51
N GLU A 37 3.56 -7.10 1.50
CA GLU A 37 3.36 -6.21 2.64
C GLU A 37 4.68 -5.82 3.32
N CYS A 38 5.50 -6.81 3.61
CA CYS A 38 6.77 -6.53 4.25
C CYS A 38 7.67 -5.74 3.31
N CYS A 39 7.51 -5.96 2.01
CA CYS A 39 8.32 -5.22 1.05
C CYS A 39 7.93 -3.77 1.11
N SER A 40 6.64 -3.48 1.17
CA SER A 40 6.19 -2.09 1.18
C SER A 40 6.85 -1.31 2.33
N VAL A 41 7.13 -1.98 3.44
CA VAL A 41 7.89 -1.36 4.51
C VAL A 41 9.37 -1.26 4.11
N HIS A 42 9.90 -2.28 3.43
CA HIS A 42 11.29 -2.22 2.99
C HIS A 42 11.55 -1.00 2.11
N ARG A 43 10.60 -0.70 1.23
CA ARG A 43 10.80 0.38 0.29
C ARG A 43 10.82 1.72 0.96
N SER A 44 10.30 1.78 2.18
CA SER A 44 10.30 3.06 2.87
C SER A 44 11.60 3.26 3.63
N LEU A 45 12.27 2.17 3.99
CA LEU A 45 13.54 2.27 4.70
C LEU A 45 14.66 2.87 3.85
N GLY A 46 14.60 2.69 2.53
CA GLY A 46 15.61 3.22 1.64
C GLY A 46 16.70 2.20 1.34
N ARG A 47 17.35 2.36 0.18
CA ARG A 47 18.29 1.34 -0.32
C ARG A 47 19.53 1.14 0.58
N HIS A 48 19.83 2.13 1.41
CA HIS A 48 20.97 2.06 2.31
C HIS A 48 20.69 1.10 3.46
N ILE A 49 19.42 0.72 3.61
CA ILE A 49 19.03 -0.27 4.59
C ILE A 49 18.65 -1.58 3.91
N SER A 50 17.78 -1.48 2.91
CA SER A 50 17.35 -2.65 2.14
C SER A 50 17.30 -2.35 0.66
N GLN A 51 17.79 -3.27 -0.15
CA GLN A 51 17.69 -3.11 -1.60
C GLN A 51 16.70 -4.11 -2.13
N VAL A 52 15.60 -3.60 -2.65
CA VAL A 52 14.50 -4.46 -3.03
C VAL A 52 14.42 -4.80 -4.55
N ARG A 53 14.10 -6.06 -4.83
CA ARG A 53 13.87 -6.46 -6.21
C ARG A 53 12.82 -7.58 -6.27
N HIS A 54 11.87 -7.42 -7.18
CA HIS A 54 10.86 -8.45 -7.40
C HIS A 54 11.53 -9.66 -8.02
N LEU A 55 11.10 -10.86 -7.61
CA LEU A 55 11.72 -12.11 -8.03
C LEU A 55 11.29 -12.60 -9.41
N LYS A 56 10.06 -12.34 -9.80
CA LYS A 56 9.55 -12.99 -11.00
C LYS A 56 9.23 -12.02 -12.12
N HIS A 57 9.28 -10.73 -11.84
CA HIS A 57 8.78 -9.72 -12.79
C HIS A 57 9.78 -9.48 -13.91
N THR A 58 11.06 -9.50 -13.60
CA THR A 58 12.08 -9.39 -14.63
C THR A 58 13.02 -10.57 -14.46
N ALA A 59 13.79 -10.91 -15.49
CA ALA A 59 14.87 -11.87 -15.31
C ALA A 59 15.98 -11.22 -14.49
N TRP A 60 16.62 -11.98 -13.63
CA TRP A 60 17.77 -11.46 -12.92
C TRP A 60 19.00 -11.92 -13.65
N PRO A 61 20.16 -11.30 -13.36
CA PRO A 61 21.39 -12.04 -13.69
C PRO A 61 21.33 -13.37 -12.95
N PRO A 62 21.47 -14.49 -13.66
CA PRO A 62 21.26 -15.76 -12.98
C PRO A 62 22.03 -15.84 -11.67
N THR A 63 23.28 -15.41 -11.68
CA THR A 63 24.11 -15.68 -10.51
C THR A 63 23.82 -14.72 -9.35
N LEU A 64 23.22 -13.55 -9.62
CA LEU A 64 22.78 -12.68 -8.53
C LEU A 64 21.60 -13.28 -7.73
N LEU A 65 20.60 -13.79 -8.45
CA LEU A 65 19.49 -14.50 -7.83
C LEU A 65 19.97 -15.80 -7.19
N GLN A 66 20.89 -16.52 -7.82
CA GLN A 66 21.40 -17.71 -7.15
C GLN A 66 22.02 -17.36 -5.79
N MET A 67 22.72 -16.23 -5.74
CA MET A 67 23.36 -15.79 -4.51
C MET A 67 22.34 -15.50 -3.40
N VAL A 68 21.33 -14.70 -3.71
CA VAL A 68 20.34 -14.35 -2.69
C VAL A 68 19.61 -15.60 -2.18
N GLU A 69 19.18 -16.47 -3.07
CA GLU A 69 18.43 -17.66 -2.66
C GLU A 69 19.31 -18.62 -1.87
N THR A 70 20.60 -18.71 -2.21
CA THR A 70 21.54 -19.57 -1.46
C THR A 70 21.75 -19.03 -0.05
N LEU A 71 21.97 -17.73 0.05
CA LEU A 71 22.14 -17.06 1.33
C LEU A 71 20.94 -17.27 2.27
N TYR A 72 19.72 -17.20 1.74
CA TYR A 72 18.51 -17.21 2.57
C TYR A 72 18.19 -18.61 3.06
N ASN A 73 18.55 -19.59 2.23
CA ASN A 73 18.39 -21.01 2.58
C ASN A 73 19.52 -21.55 3.46
N ASN A 74 20.45 -20.68 3.84
CA ASN A 74 21.55 -21.09 4.71
C ASN A 74 21.80 -20.13 5.85
N GLY A 75 20.70 -19.64 6.44
CA GLY A 75 20.77 -18.93 7.71
C GLY A 75 21.05 -17.44 7.67
N ALA A 76 20.80 -16.79 6.54
CA ALA A 76 20.88 -15.33 6.48
C ALA A 76 20.00 -14.71 7.55
N ASN A 77 18.72 -15.12 7.59
CA ASN A 77 17.74 -14.61 8.56
C ASN A 77 18.16 -14.85 10.01
N SER A 78 19.07 -15.79 10.24
CA SER A 78 19.51 -16.10 11.62
C SER A 78 20.55 -15.09 12.10
N ILE A 79 21.17 -14.38 11.17
CA ILE A 79 22.05 -13.29 11.54
C ILE A 79 21.22 -12.12 12.03
N TRP A 80 20.09 -11.92 11.37
CA TRP A 80 19.29 -10.74 11.64
C TRP A 80 18.33 -11.00 12.78
N GLU A 81 18.07 -12.27 13.05
CA GLU A 81 17.15 -12.62 14.13
C GLU A 81 17.84 -13.41 15.26
N HIS A 82 19.14 -13.20 15.44
CA HIS A 82 19.94 -14.03 16.36
C HIS A 82 19.42 -14.01 17.80
N SER A 83 19.12 -12.82 18.32
CA SER A 83 18.55 -12.67 19.65
C SER A 83 17.27 -13.48 19.86
N LEU A 84 16.40 -13.47 18.87
CA LEU A 84 15.11 -14.18 18.96
C LEU A 84 15.31 -15.68 19.11
N LEU A 85 16.36 -16.19 18.47
CA LEU A 85 16.65 -17.62 18.44
C LEU A 85 17.26 -18.12 19.76
N SER A 89 15.98 -16.41 26.24
CA SER A 89 15.94 -14.96 26.13
C SER A 89 14.68 -14.47 25.39
N ILE A 90 13.84 -15.39 24.96
CA ILE A 90 12.63 -15.03 24.22
C ILE A 90 11.61 -14.33 25.13
N MET A 91 11.37 -13.04 24.87
CA MET A 91 10.50 -12.23 25.72
C MET A 91 9.17 -11.86 25.04
N SER A 92 8.24 -11.30 25.79
CA SER A 92 6.89 -11.03 25.30
C SER A 92 6.77 -9.70 24.55
N GLY A 93 7.72 -8.80 24.77
CA GLY A 93 7.71 -7.49 24.13
C GLY A 93 8.47 -7.44 22.81
N ARG A 94 9.31 -8.45 22.59
CA ARG A 94 10.04 -8.62 21.33
C ARG A 94 9.57 -9.91 20.63
N ARG A 95 8.48 -9.80 19.88
CA ARG A 95 7.94 -10.95 19.16
C ARG A 95 8.01 -10.71 17.65
N LYS A 96 8.46 -11.73 16.91
CA LYS A 96 8.47 -11.67 15.46
C LYS A 96 7.02 -11.55 14.97
N ALA A 97 6.80 -10.85 13.85
CA ALA A 97 5.44 -10.72 13.30
C ALA A 97 4.90 -12.04 12.72
N ASN A 98 3.58 -12.14 12.62
CA ASN A 98 2.90 -13.31 12.05
C ASN A 98 2.13 -12.88 10.80
N PRO A 99 1.85 -13.82 9.86
CA PRO A 99 1.32 -13.39 8.55
C PRO A 99 0.09 -12.49 8.58
N GLN A 100 -0.75 -12.69 9.57
CA GLN A 100 -2.02 -11.97 9.67
C GLN A 100 -1.89 -10.66 10.45
N ASP A 101 -0.68 -10.36 10.95
CA ASP A 101 -0.45 -9.13 11.71
C ASP A 101 -0.65 -7.90 10.82
N LYS A 102 -1.19 -6.82 11.39
CA LYS A 102 -1.40 -5.58 10.66
C LYS A 102 -0.07 -5.08 10.13
N VAL A 103 -0.08 -4.41 8.98
CA VAL A 103 1.16 -3.87 8.44
C VAL A 103 1.64 -2.74 9.36
N HIS A 104 0.71 -1.87 9.74
CA HIS A 104 0.96 -0.82 10.72
C HIS A 104 0.12 -1.06 12.00
N PRO A 105 0.78 -1.03 13.16
CA PRO A 105 2.22 -0.88 13.34
C PRO A 105 2.99 -2.20 13.50
N ASN A 106 2.28 -3.33 13.58
CA ASN A 106 2.88 -4.63 13.90
C ASN A 106 4.05 -5.09 13.00
N LYS A 107 3.79 -5.27 11.72
CA LYS A 107 4.86 -5.71 10.84
C LYS A 107 5.89 -4.63 10.67
N ALA A 108 5.46 -3.38 10.58
CA ALA A 108 6.39 -2.26 10.38
C ALA A 108 7.40 -2.07 11.51
N GLU A 109 6.90 -1.99 12.75
CA GLU A 109 7.75 -1.84 13.92
C GLU A 109 8.78 -2.97 13.98
N PHE A 110 8.37 -4.18 13.61
CA PHE A 110 9.27 -5.33 13.65
C PHE A 110 10.38 -5.23 12.60
N ILE A 111 9.99 -4.96 11.36
CA ILE A 111 10.92 -4.83 10.24
C ILE A 111 11.95 -3.74 10.53
N ARG A 112 11.50 -2.58 11.04
CA ARG A 112 12.41 -1.48 11.38
C ARG A 112 13.35 -1.85 12.53
N ALA A 113 12.87 -2.70 13.41
CA ALA A 113 13.71 -3.20 14.48
C ALA A 113 14.69 -4.25 13.96
N LYS A 114 14.25 -5.02 12.96
CA LYS A 114 15.09 -6.08 12.41
C LYS A 114 16.27 -5.47 11.70
N TYR A 115 15.98 -4.52 10.81
CA TYR A 115 16.98 -4.09 9.84
C TYR A 115 17.51 -2.67 10.09
N GLN A 116 16.64 -1.77 10.51
CA GLN A 116 17.08 -0.40 10.74
C GLN A 116 17.82 -0.30 12.07
N MET A 117 17.21 -0.80 13.14
CA MET A 117 17.79 -0.71 14.48
C MET A 117 18.76 -1.85 14.77
N LEU A 118 18.76 -2.89 13.94
CA LEU A 118 19.59 -4.09 14.15
C LEU A 118 19.42 -4.62 15.56
N ALA A 119 18.17 -4.86 15.94
CA ALA A 119 17.82 -5.12 17.32
C ALA A 119 18.15 -6.53 17.76
N PHE A 120 18.26 -7.43 16.79
CA PHE A 120 18.33 -8.83 17.17
C PHE A 120 19.64 -9.50 16.78
N VAL A 121 20.63 -8.70 16.41
CA VAL A 121 21.87 -9.29 15.94
C VAL A 121 22.73 -9.70 17.14
N HIS A 122 23.63 -10.66 16.92
CA HIS A 122 24.51 -11.17 17.96
C HIS A 122 25.47 -10.09 18.50
N ARG A 123 25.99 -9.25 17.61
CA ARG A 123 26.80 -8.09 17.99
C ARG A 123 26.66 -7.03 16.90
N LEU A 124 26.56 -5.76 17.30
CA LEU A 124 26.36 -4.64 16.37
C LEU A 124 27.61 -4.38 15.53
N PRO A 125 27.44 -3.75 14.33
CA PRO A 125 28.61 -3.42 13.51
C PRO A 125 29.50 -2.36 14.16
N CYS A 126 30.81 -2.60 14.14
CA CYS A 126 31.78 -1.66 14.72
C CYS A 126 31.61 -0.23 14.19
N ARG A 127 31.98 0.76 15.02
CA ARG A 127 31.90 2.16 14.62
C ARG A 127 32.93 2.42 13.53
N GLU A 128 32.63 3.33 12.61
CA GLU A 128 33.51 3.53 11.45
C GLU A 128 34.94 3.89 11.84
N ASP A 129 35.10 4.56 12.98
CA ASP A 129 36.41 4.99 13.49
C ASP A 129 37.19 3.85 14.16
N ASP A 130 36.62 2.64 14.16
CA ASP A 130 37.23 1.47 14.80
C ASP A 130 38.19 0.81 13.81
N SER A 131 39.40 1.34 13.70
CA SER A 131 40.36 0.86 12.70
C SER A 131 40.80 -0.60 12.91
N VAL A 132 41.09 -0.98 14.17
CA VAL A 132 41.65 -2.29 14.48
C VAL A 132 40.67 -3.46 14.25
N THR A 133 39.42 -3.30 14.72
CA THR A 133 38.41 -4.34 14.56
C THR A 133 37.99 -4.45 13.08
N ALA A 134 37.76 -3.29 12.45
CA ALA A 134 37.49 -3.24 11.02
C ALA A 134 38.57 -3.98 10.23
N LYS A 135 39.84 -3.76 10.58
CA LYS A 135 40.94 -4.42 9.89
C LYS A 135 40.89 -5.94 10.12
N ASP A 136 40.65 -6.36 11.36
CA ASP A 136 40.62 -7.78 11.70
C ASP A 136 39.49 -8.49 10.96
N LEU A 137 38.27 -7.98 11.08
CA LEU A 137 37.10 -8.51 10.38
C LEU A 137 37.33 -8.58 8.87
N SER A 138 37.97 -7.54 8.34
CA SER A 138 38.25 -7.45 6.91
C SER A 138 39.29 -8.48 6.44
N LYS A 139 40.27 -8.77 7.28
CA LYS A 139 41.25 -9.82 6.92
C LYS A 139 40.60 -11.22 7.01
N GLN A 140 39.60 -11.39 7.87
CA GLN A 140 38.85 -12.65 7.93
C GLN A 140 38.05 -12.87 6.64
N LEU A 141 37.34 -11.83 6.21
CA LEU A 141 36.63 -11.83 4.94
C LEU A 141 37.56 -12.20 3.79
N HIS A 142 38.71 -11.53 3.72
CA HIS A 142 39.64 -11.67 2.59
C HIS A 142 40.22 -13.08 2.54
N SER A 143 40.17 -13.79 3.67
CA SER A 143 40.47 -15.22 3.71
C SER A 143 39.22 -16.06 3.43
N SER A 144 38.14 -15.77 4.16
CA SER A 144 36.92 -16.57 4.11
C SER A 144 36.36 -16.71 2.70
N VAL A 145 36.54 -15.66 1.90
CA VAL A 145 35.95 -15.57 0.56
C VAL A 145 36.51 -16.62 -0.41
N ARG A 146 37.74 -17.10 -0.16
CA ARG A 146 38.33 -18.15 -0.98
C ARG A 146 37.44 -19.42 -0.96
N THR A 147 36.82 -19.70 0.19
CA THR A 147 35.91 -20.84 0.32
C THR A 147 34.53 -20.41 -0.10
N GLY A 148 33.56 -21.30 0.03
CA GLY A 148 32.22 -21.05 -0.51
C GLY A 148 31.11 -20.81 0.52
N ASN A 149 31.50 -20.40 1.73
CA ASN A 149 30.51 -20.12 2.77
C ASN A 149 29.99 -18.70 2.67
N LEU A 150 28.86 -18.51 2.02
CA LEU A 150 28.25 -17.19 1.95
C LEU A 150 27.77 -16.66 3.31
N GLU A 151 27.34 -17.53 4.20
CA GLU A 151 26.85 -17.09 5.51
C GLU A 151 27.94 -16.41 6.36
N THR A 152 29.15 -16.95 6.29
CA THR A 152 30.27 -16.36 7.01
C THR A 152 30.50 -14.97 6.47
N CYS A 153 30.44 -14.84 5.15
CA CYS A 153 30.77 -13.57 4.53
C CYS A 153 29.72 -12.52 4.82
N LEU A 154 28.46 -12.90 4.76
CA LEU A 154 27.42 -11.95 5.14
C LEU A 154 27.56 -11.61 6.64
N ARG A 155 27.91 -12.61 7.45
CA ARG A 155 28.10 -12.36 8.89
C ARG A 155 29.23 -11.34 9.13
N LEU A 156 30.40 -11.60 8.57
CA LEU A 156 31.52 -10.69 8.64
C LEU A 156 31.12 -9.29 8.22
N LEU A 157 30.47 -9.17 7.06
CA LEU A 157 30.08 -7.86 6.51
C LEU A 157 29.12 -7.13 7.44
N SER A 158 28.18 -7.88 8.01
CA SER A 158 27.19 -7.30 8.91
C SER A 158 27.89 -6.77 10.16
N LEU A 159 29.03 -7.38 10.49
CA LEU A 159 29.84 -6.91 11.62
C LEU A 159 30.69 -5.69 11.29
N GLY A 160 30.84 -5.39 10.00
CA GLY A 160 31.56 -4.20 9.62
C GLY A 160 32.80 -4.47 8.80
N ALA A 161 32.95 -5.71 8.32
CA ALA A 161 33.99 -6.04 7.35
C ALA A 161 33.78 -5.22 6.08
N GLN A 162 34.86 -4.82 5.44
CA GLN A 162 34.77 -3.97 4.26
C GLN A 162 35.07 -4.80 3.02
N ALA A 163 34.15 -4.77 2.06
CA ALA A 163 34.30 -5.56 0.84
C ALA A 163 35.35 -5.00 -0.13
N ASN A 164 35.58 -3.70 -0.10
CA ASN A 164 36.59 -3.16 -1.00
C ASN A 164 37.93 -2.96 -0.28
N PHE A 165 38.06 -3.62 0.87
CA PHE A 165 39.27 -3.59 1.69
C PHE A 165 40.51 -4.06 0.96
N PHE A 166 41.61 -3.33 1.10
CA PHE A 166 42.87 -3.69 0.46
C PHE A 166 43.88 -4.27 1.46
N HIS A 167 44.15 -5.57 1.34
CA HIS A 167 45.12 -6.22 2.23
C HIS A 167 46.50 -5.55 2.13
N PRO A 168 46.98 -4.97 3.24
CA PRO A 168 48.28 -4.30 3.18
C PRO A 168 49.43 -5.29 2.86
N GLU A 169 49.30 -6.53 3.31
CA GLU A 169 50.38 -7.49 3.13
C GLU A 169 50.17 -8.39 1.92
N LYS A 170 48.93 -8.81 1.65
CA LYS A 170 48.71 -9.72 0.52
C LYS A 170 48.54 -8.97 -0.80
N GLY A 171 48.20 -7.69 -0.70
CA GLY A 171 48.18 -6.80 -1.85
C GLY A 171 46.93 -6.89 -2.71
N SER A 172 45.83 -7.38 -2.14
CA SER A 172 44.63 -7.63 -2.94
C SER A 172 43.35 -7.47 -2.13
N THR A 173 42.22 -7.35 -2.81
CA THR A 173 40.92 -7.18 -2.19
C THR A 173 40.19 -8.52 -2.10
N PRO A 174 39.13 -8.62 -1.28
CA PRO A 174 38.35 -9.87 -1.27
C PRO A 174 37.81 -10.24 -2.64
N LEU A 175 37.49 -9.25 -3.46
CA LEU A 175 36.94 -9.53 -4.78
C LEU A 175 37.99 -10.20 -5.69
N HIS A 176 39.25 -9.80 -5.56
CA HIS A 176 40.35 -10.49 -6.26
C HIS A 176 40.38 -11.95 -5.86
N VAL A 177 40.19 -12.22 -4.56
CA VAL A 177 40.37 -13.58 -4.06
C VAL A 177 39.26 -14.44 -4.59
N ALA A 178 38.03 -13.96 -4.47
CA ALA A 178 36.87 -14.72 -4.91
C ALA A 178 36.97 -15.06 -6.39
N SER A 179 37.48 -14.08 -7.13
CA SER A 179 37.58 -14.16 -8.59
C SER A 179 38.61 -15.18 -9.04
N LYS A 180 39.76 -15.20 -8.37
CA LYS A 180 40.82 -16.17 -8.68
C LYS A 180 40.41 -17.59 -8.27
N ALA A 181 39.49 -17.68 -7.31
CA ALA A 181 39.01 -18.95 -6.81
C ALA A 181 37.79 -19.44 -7.58
N GLY A 182 37.29 -18.60 -8.49
CA GLY A 182 36.06 -18.88 -9.22
C GLY A 182 34.77 -18.80 -8.40
N GLN A 183 34.87 -18.26 -7.18
CA GLN A 183 33.73 -18.19 -6.28
C GLN A 183 32.76 -17.09 -6.70
N ILE A 184 31.92 -17.39 -7.67
CA ILE A 184 31.07 -16.40 -8.31
C ILE A 184 29.95 -15.86 -7.39
N LEU A 185 29.36 -16.72 -6.56
CA LEU A 185 28.37 -16.25 -5.58
C LEU A 185 29.01 -15.30 -4.59
N GLN A 186 30.25 -15.59 -4.20
CA GLN A 186 31.02 -14.69 -3.35
C GLN A 186 31.25 -13.36 -4.03
N ALA A 187 31.59 -13.41 -5.32
CA ALA A 187 31.81 -12.20 -6.09
C ALA A 187 30.54 -11.40 -6.08
N GLU A 188 29.44 -12.11 -6.35
CA GLU A 188 28.14 -11.49 -6.38
C GLU A 188 27.81 -10.82 -5.05
N LEU A 189 27.96 -11.54 -3.95
CA LEU A 189 27.69 -10.95 -2.63
C LEU A 189 28.55 -9.72 -2.38
N LEU A 190 29.85 -9.82 -2.66
CA LEU A 190 30.79 -8.73 -2.45
C LEU A 190 30.45 -7.48 -3.26
N ALA A 191 30.09 -7.68 -4.54
CA ALA A 191 29.71 -6.55 -5.40
C ALA A 191 28.47 -5.80 -4.84
N VAL A 192 27.55 -6.52 -4.22
CA VAL A 192 26.37 -5.94 -3.55
C VAL A 192 26.77 -4.96 -2.44
N TYR A 193 27.78 -5.36 -1.67
CA TYR A 193 28.36 -4.47 -0.69
C TYR A 193 29.47 -3.65 -1.38
N GLY A 194 29.23 -3.34 -2.66
CA GLY A 194 30.05 -2.38 -3.38
C GLY A 194 31.52 -2.68 -3.59
N ALA A 195 31.87 -3.95 -3.82
CA ALA A 195 33.22 -4.28 -4.24
C ALA A 195 33.44 -3.82 -5.70
N ASP A 196 34.68 -3.50 -6.02
CA ASP A 196 34.97 -2.83 -7.26
C ASP A 196 35.76 -3.75 -8.20
N PRO A 197 35.15 -4.15 -9.33
CA PRO A 197 35.81 -5.09 -10.25
C PRO A 197 36.98 -4.46 -10.98
N GLY A 198 37.12 -3.14 -10.84
CA GLY A 198 38.13 -2.39 -11.57
C GLY A 198 39.37 -2.06 -10.75
N THR A 199 39.36 -2.45 -9.48
CA THR A 199 40.47 -2.16 -8.59
C THR A 199 41.67 -3.07 -8.89
N GLN A 200 42.84 -2.46 -9.05
CA GLN A 200 44.05 -3.21 -9.32
C GLN A 200 44.70 -3.72 -8.04
N ASP A 201 45.32 -4.90 -8.11
CA ASP A 201 46.12 -5.38 -6.99
C ASP A 201 47.52 -4.75 -7.06
N SER A 202 48.43 -5.22 -6.22
CA SER A 202 49.77 -4.61 -6.15
C SER A 202 50.54 -4.88 -7.44
N SER A 203 50.16 -5.95 -8.13
CA SER A 203 50.78 -6.35 -9.40
C SER A 203 50.06 -5.71 -10.59
N GLY A 204 49.05 -4.90 -10.28
CA GLY A 204 48.39 -4.05 -11.26
C GLY A 204 47.20 -4.64 -11.99
N LYS A 205 46.60 -5.69 -11.43
CA LYS A 205 45.55 -6.44 -12.12
C LYS A 205 44.18 -6.39 -11.42
N THR A 206 43.14 -6.41 -12.25
CA THR A 206 41.75 -6.40 -11.79
C THR A 206 41.22 -7.79 -11.45
N PRO A 207 40.18 -7.85 -10.61
CA PRO A 207 39.52 -9.15 -10.39
C PRO A 207 39.03 -9.78 -11.71
N VAL A 208 38.62 -8.96 -12.67
CA VAL A 208 38.30 -9.45 -14.02
C VAL A 208 39.49 -10.22 -14.54
N ASP A 209 40.67 -9.62 -14.47
CA ASP A 209 41.90 -10.28 -14.90
C ASP A 209 42.12 -11.63 -14.20
N TYR A 210 41.97 -11.69 -12.87
CA TYR A 210 42.17 -12.98 -12.18
C TYR A 210 41.18 -14.02 -12.64
N ALA A 211 39.98 -13.56 -13.01
CA ALA A 211 38.94 -14.48 -13.46
C ALA A 211 39.38 -15.12 -14.76
N ARG A 212 39.75 -14.32 -15.75
CA ARG A 212 40.16 -14.85 -17.04
C ARG A 212 41.37 -15.77 -16.92
N GLN A 213 42.31 -15.38 -16.05
CA GLN A 213 43.53 -16.15 -15.82
C GLN A 213 43.22 -17.50 -15.19
N GLY A 214 42.07 -17.59 -14.55
CA GLY A 214 41.72 -18.79 -13.79
C GLY A 214 40.88 -19.70 -14.63
N GLY A 215 40.48 -19.21 -15.80
CA GLY A 215 39.58 -19.93 -16.67
C GLY A 215 38.13 -19.82 -16.24
N HIS A 216 37.81 -18.80 -15.45
CA HIS A 216 36.44 -18.56 -15.03
C HIS A 216 35.84 -17.47 -15.90
N HIS A 217 35.35 -17.85 -17.08
CA HIS A 217 34.98 -16.87 -18.07
C HIS A 217 33.59 -16.28 -17.87
N GLU A 218 32.66 -17.06 -17.37
CA GLU A 218 31.34 -16.51 -17.14
C GLU A 218 31.42 -15.47 -16.03
N LEU A 219 32.19 -15.79 -14.99
CA LEU A 219 32.43 -14.86 -13.90
C LEU A 219 33.07 -13.58 -14.40
N ALA A 220 34.00 -13.70 -15.34
CA ALA A 220 34.63 -12.53 -15.94
C ALA A 220 33.60 -11.69 -16.65
N GLU A 221 32.83 -12.33 -17.52
CA GLU A 221 31.70 -11.67 -18.17
C GLU A 221 30.81 -11.03 -17.10
N ARG A 222 30.48 -11.75 -16.03
CA ARG A 222 29.66 -11.19 -14.94
C ARG A 222 30.28 -9.98 -14.21
N LEU A 223 31.57 -10.04 -13.92
CA LEU A 223 32.27 -8.92 -13.30
C LEU A 223 32.16 -7.65 -14.15
N ILE A 224 32.22 -7.80 -15.46
CA ILE A 224 32.14 -6.65 -16.34
C ILE A 224 30.71 -6.08 -16.34
N GLU A 225 29.72 -6.95 -16.27
CA GLU A 225 28.34 -6.50 -16.10
C GLU A 225 28.19 -5.67 -14.81
N ILE A 226 28.92 -6.08 -13.78
CA ILE A 226 28.85 -5.44 -12.47
C ILE A 226 29.56 -4.06 -12.45
N GLN A 227 30.76 -4.02 -13.03
CA GLN A 227 31.46 -2.79 -13.33
C GLN A 227 30.59 -1.67 -13.92
N TYR A 228 29.76 -2.05 -14.89
CA TYR A 228 28.93 -1.11 -15.63
C TYR A 228 27.46 -1.09 -15.21
N GLU A 229 27.18 -1.64 -14.05
CA GLU A 229 25.81 -1.73 -13.53
C GLU A 229 25.08 -0.38 -13.55
N LEU A 230 25.75 0.70 -13.13
CA LEU A 230 25.12 2.00 -12.95
C LEU A 230 24.65 2.56 -14.26
N THR A 231 25.52 2.52 -15.26
CA THR A 231 25.23 3.11 -16.55
C THR A 231 24.26 2.24 -17.32
N ASP A 232 24.41 0.91 -17.18
CA ASP A 232 23.50 -0.06 -17.80
C ASP A 232 22.05 0.15 -17.36
N ARG A 233 21.88 0.40 -16.08
CA ARG A 233 20.56 0.63 -15.53
C ARG A 233 20.00 1.95 -16.08
N LEU A 234 20.81 3.00 -16.12
CA LEU A 234 20.32 4.26 -16.69
C LEU A 234 19.94 4.10 -18.16
N ALA A 235 20.78 3.44 -18.95
CA ALA A 235 20.46 3.27 -20.36
C ALA A 235 19.13 2.48 -20.55
N PHE A 236 18.99 1.39 -19.81
CA PHE A 236 17.79 0.57 -19.92
C PHE A 236 16.51 1.36 -19.62
N TYR A 237 16.57 2.22 -18.61
CA TYR A 237 15.46 3.09 -18.21
C TYR A 237 14.89 3.91 -19.34
N LEU A 238 15.67 4.13 -20.39
CA LEU A 238 15.16 4.91 -21.51
C LEU A 238 15.00 4.08 -22.80
N CYS A 239 15.70 2.96 -22.93
CA CYS A 239 15.70 2.23 -24.21
C CYS A 239 15.09 0.85 -24.15
N GLY A 240 15.10 0.24 -22.97
CA GLY A 240 14.76 -1.16 -22.89
C GLY A 240 15.84 -2.06 -23.46
N ARG A 241 17.04 -1.50 -23.65
CA ARG A 241 18.22 -2.28 -24.03
C ARG A 241 19.43 -1.87 -23.14
N LYS A 242 20.48 -2.69 -23.13
CA LYS A 242 21.73 -2.41 -22.43
C LYS A 242 22.90 -2.59 -23.39
N PRO A 243 24.11 -2.08 -23.02
CA PRO A 243 25.21 -2.26 -23.95
C PRO A 243 25.52 -3.74 -24.14
N ASP A 244 26.09 -4.09 -25.28
CA ASP A 244 26.59 -5.43 -25.53
C ASP A 244 28.06 -5.49 -25.14
N HIS A 245 28.33 -5.87 -23.89
CA HIS A 245 29.68 -5.85 -23.35
C HIS A 245 30.66 -6.79 -24.05
N LYS A 246 30.15 -7.89 -24.62
CA LYS A 246 31.01 -8.84 -25.34
C LYS A 246 31.50 -8.18 -26.63
N SER A 247 30.72 -7.24 -27.15
CA SER A 247 31.08 -6.51 -28.36
C SER A 247 32.15 -5.47 -28.10
N GLY A 248 32.36 -5.10 -26.86
CA GLY A 248 33.38 -4.09 -26.56
C GLY A 248 32.92 -2.65 -26.38
N GLN A 249 31.70 -2.33 -26.82
CA GLN A 249 31.10 -1.01 -26.52
C GLN A 249 30.34 -1.12 -25.19
N HIS A 250 30.63 -0.23 -24.25
CA HIS A 250 30.18 -0.44 -22.88
C HIS A 250 29.18 0.58 -22.41
N PHE A 251 28.83 1.49 -23.29
CA PHE A 251 27.86 2.50 -22.95
C PHE A 251 26.73 2.44 -23.96
N LEU A 252 25.67 3.18 -23.70
CA LEU A 252 24.61 3.33 -24.67
C LEU A 252 23.91 4.62 -24.41
N ILE A 253 24.19 5.61 -25.26
CA ILE A 253 23.61 6.95 -25.11
C ILE A 253 22.28 7.05 -25.82
N PRO A 254 21.17 7.00 -25.08
CA PRO A 254 19.86 7.09 -25.73
C PRO A 254 19.69 8.45 -26.38
N GLN A 255 18.95 8.56 -27.49
CA GLN A 255 18.68 9.83 -28.11
C GLN A 255 17.61 10.66 -27.35
N ARG A 256 17.80 11.97 -27.29
CA ARG A 256 16.78 12.85 -26.72
C ARG A 256 15.56 12.96 -27.67
N ALA A 257 14.36 13.24 -27.12
CA ALA A 257 13.14 13.23 -27.94
C ALA A 257 13.09 14.43 -28.87
N ASP A 258 13.64 15.54 -28.39
CA ASP A 258 13.64 16.80 -29.13
C ASP A 258 14.79 16.84 -30.15
N ALA A 259 15.21 15.67 -30.61
CA ALA A 259 16.39 15.56 -31.46
C ALA A 259 16.31 16.35 -32.78
N ALA A 260 15.11 16.71 -33.20
CA ALA A 260 14.92 17.40 -34.46
C ALA A 260 15.06 18.91 -34.30
N LEU A 261 15.22 19.35 -33.06
CA LEU A 261 15.28 20.78 -32.73
C LEU A 261 16.64 21.11 -32.16
N ASP A 262 17.11 22.33 -32.34
CA ASP A 262 18.40 22.69 -31.78
C ASP A 262 18.33 22.66 -30.26
N LEU A 263 19.44 22.24 -29.64
CA LEU A 263 19.57 22.19 -28.19
C LEU A 263 19.40 23.58 -27.59
N SER A 264 18.60 23.70 -26.54
CA SER A 264 18.26 25.00 -25.98
C SER A 264 19.35 25.50 -25.04
N GLU A 265 19.40 26.80 -24.84
CA GLU A 265 20.53 27.42 -24.15
C GLU A 265 20.69 27.03 -22.68
N LEU A 266 19.60 26.68 -22.00
CA LEU A 266 19.73 26.29 -20.61
C LEU A 266 20.17 24.82 -20.54
N ALA A 267 19.75 24.04 -21.53
CA ALA A 267 20.21 22.67 -21.64
C ALA A 267 21.72 22.62 -21.80
N LYS A 268 22.26 23.59 -22.55
CA LYS A 268 23.70 23.63 -22.73
C LYS A 268 24.36 24.07 -21.41
N ALA A 269 23.68 24.92 -20.67
CA ALA A 269 24.26 25.43 -19.43
C ALA A 269 24.25 24.36 -18.35
N ALA A 270 23.18 23.57 -18.33
CA ALA A 270 23.03 22.49 -17.37
C ALA A 270 24.19 21.51 -17.52
N LYS A 271 24.40 21.05 -18.76
CA LYS A 271 25.46 20.11 -19.05
C LYS A 271 26.85 20.69 -18.73
N LYS A 272 27.08 21.97 -19.04
CA LYS A 272 28.35 22.60 -18.66
C LYS A 272 28.58 22.45 -17.15
N LYS A 273 27.57 22.81 -16.36
CA LYS A 273 27.63 22.64 -14.91
C LYS A 273 27.97 21.19 -14.51
N LEU A 274 27.30 20.24 -15.13
CA LEU A 274 27.57 18.82 -14.89
C LEU A 274 29.02 18.41 -15.18
N GLN A 275 29.62 18.93 -16.26
CA GLN A 275 30.98 18.53 -16.63
C GLN A 275 32.00 19.09 -15.67
N SER A 276 31.58 20.16 -14.99
CA SER A 276 32.42 20.88 -14.04
C SER A 276 32.67 20.13 -12.73
N LEU A 277 31.86 19.09 -12.48
CA LEU A 277 32.05 18.30 -11.27
C LEU A 277 33.26 17.41 -11.43
N SER A 278 34.08 17.35 -10.38
CA SER A 278 35.16 16.38 -10.29
C SER A 278 34.58 14.99 -10.46
N ASN A 279 35.40 14.06 -10.95
CA ASN A 279 34.99 12.68 -11.07
C ASN A 279 34.38 12.16 -9.78
N HIS A 280 34.96 12.48 -8.63
CA HIS A 280 34.38 12.03 -7.39
C HIS A 280 32.94 12.54 -7.19
N LEU A 281 32.71 13.83 -7.38
CA LEU A 281 31.36 14.35 -7.20
C LEU A 281 30.38 13.82 -8.27
N PHE A 282 30.87 13.67 -9.50
CA PHE A 282 30.04 13.16 -10.57
C PHE A 282 29.51 11.78 -10.23
N GLU A 283 30.40 10.90 -9.78
CA GLU A 283 29.99 9.54 -9.46
C GLU A 283 29.01 9.57 -8.29
N GLU A 284 29.15 10.52 -7.40
CA GLU A 284 28.15 10.68 -6.35
C GLU A 284 26.80 11.07 -6.93
N LEU A 285 26.79 12.03 -7.87
CA LEU A 285 25.54 12.42 -8.51
C LEU A 285 24.89 11.25 -9.22
N ALA A 286 25.69 10.41 -9.86
CA ALA A 286 25.13 9.30 -10.63
C ALA A 286 24.52 8.25 -9.71
N MET A 287 25.12 8.04 -8.55
CA MET A 287 24.50 7.12 -7.59
C MET A 287 23.11 7.64 -7.19
N ASP A 288 23.00 8.96 -7.01
CA ASP A 288 21.75 9.59 -6.66
C ASP A 288 20.73 9.36 -7.78
N VAL A 289 21.14 9.65 -9.01
CA VAL A 289 20.26 9.43 -10.15
C VAL A 289 19.95 7.94 -10.33
N TYR A 290 20.91 7.08 -9.99
CA TYR A 290 20.69 5.65 -10.01
C TYR A 290 19.54 5.29 -9.08
N ASP A 291 19.56 5.87 -7.88
CA ASP A 291 18.59 5.54 -6.84
C ASP A 291 17.18 5.98 -7.24
N GLU A 292 17.11 7.13 -7.91
CA GLU A 292 15.82 7.66 -8.32
C GLU A 292 15.28 6.82 -9.47
N VAL A 293 16.17 6.45 -10.39
CA VAL A 293 15.80 5.50 -11.42
C VAL A 293 15.19 4.23 -10.80
N ASP A 294 15.89 3.67 -9.82
CA ASP A 294 15.46 2.45 -9.17
C ASP A 294 14.10 2.64 -8.50
N ARG A 295 13.85 3.85 -8.00
CA ARG A 295 12.60 4.18 -7.33
C ARG A 295 11.46 4.26 -8.30
N ARG A 296 11.66 5.01 -9.38
CA ARG A 296 10.64 5.16 -10.42
C ARG A 296 10.36 3.80 -11.05
N GLU A 297 11.41 3.02 -11.25
CA GLU A 297 11.21 1.66 -11.77
C GLU A 297 10.40 0.78 -10.81
N THR A 298 10.76 0.79 -9.53
CA THR A 298 10.09 -0.10 -8.58
C THR A 298 8.62 0.31 -8.34
N ASP A 299 8.37 1.61 -8.31
CA ASP A 299 7.03 2.15 -8.35
C ASP A 299 6.14 1.46 -9.38
N ALA A 300 6.63 1.32 -10.61
CA ALA A 300 5.84 0.69 -11.65
C ALA A 300 5.72 -0.83 -11.45
N VAL A 301 6.76 -1.49 -10.93
CA VAL A 301 6.63 -2.92 -10.65
C VAL A 301 5.61 -3.11 -9.52
N TRP A 302 5.65 -2.24 -8.52
CA TRP A 302 4.66 -2.27 -7.45
C TRP A 302 3.23 -2.25 -7.97
N LEU A 303 2.89 -1.23 -8.76
CA LEU A 303 1.56 -1.14 -9.36
C LEU A 303 1.20 -2.32 -10.26
N ALA A 304 2.21 -2.99 -10.80
CA ALA A 304 1.96 -4.11 -11.71
C ALA A 304 1.79 -5.43 -10.97
N THR A 305 2.34 -5.50 -9.76
CA THR A 305 2.23 -6.72 -8.98
C THR A 305 1.10 -6.66 -7.94
N GLN A 306 0.76 -5.51 -7.43
CA GLN A 306 -0.26 -5.38 -6.42
C GLN A 306 -1.68 -5.51 -6.90
N ASN A 307 -2.52 -6.12 -6.07
CA ASN A 307 -3.95 -6.21 -6.21
C ASN A 307 -4.58 -4.84 -5.93
N HIS A 308 -5.71 -4.60 -6.59
CA HIS A 308 -6.38 -3.30 -6.55
C HIS A 308 -6.67 -2.89 -5.10
N SER A 309 -6.83 -3.87 -4.22
CA SER A 309 -7.10 -3.64 -2.81
C SER A 309 -5.93 -2.97 -2.07
N THR A 310 -4.72 -3.52 -2.21
CA THR A 310 -3.55 -3.08 -1.43
C THR A 310 -3.10 -1.67 -1.76
N LEU A 311 -3.31 -1.27 -3.01
CA LEU A 311 -2.86 0.04 -3.50
C LEU A 311 -3.79 1.17 -3.09
N VAL A 312 -5.09 0.97 -3.33
CA VAL A 312 -6.12 1.94 -3.00
C VAL A 312 -6.24 2.14 -1.48
N THR A 313 -5.54 1.31 -0.72
CA THR A 313 -5.38 1.49 0.72
C THR A 313 -3.97 2.01 1.04
N VAL A 317 3.92 4.25 1.56
CA VAL A 317 5.35 4.52 1.45
C VAL A 317 5.63 6.02 1.23
N VAL A 318 6.53 6.35 0.32
CA VAL A 318 6.92 7.75 0.13
C VAL A 318 7.07 8.11 -1.36
N PRO A 319 6.72 9.36 -1.71
CA PRO A 319 6.72 9.82 -3.10
C PRO A 319 8.07 10.33 -3.56
N PHE A 320 9.10 10.11 -2.75
CA PHE A 320 10.47 10.46 -3.13
C PHE A 320 11.46 9.59 -2.38
N LEU A 321 12.75 9.62 -2.77
CA LEU A 321 13.76 8.77 -2.14
C LEU A 321 13.74 8.91 -0.61
N PRO A 322 13.84 7.78 0.11
CA PRO A 322 13.93 7.92 1.57
C PRO A 322 15.19 8.66 2.01
N VAL A 323 15.09 9.26 3.20
CA VAL A 323 16.22 9.91 3.83
C VAL A 323 17.27 8.90 4.22
N ASN A 324 18.48 9.11 3.74
CA ASN A 324 19.61 8.36 4.25
C ASN A 324 20.29 9.19 5.35
N PRO A 325 20.21 8.72 6.61
CA PRO A 325 20.74 9.46 7.77
C PRO A 325 22.25 9.71 7.71
N GLU A 326 22.98 8.87 6.97
CA GLU A 326 24.42 9.08 6.81
C GLU A 326 24.71 10.20 5.78
N TYR A 327 23.70 10.63 5.04
CA TYR A 327 23.86 11.79 4.16
C TYR A 327 23.51 13.09 4.90
N SER A 328 24.03 14.22 4.42
CA SER A 328 23.63 15.53 4.93
C SER A 328 22.17 15.86 4.63
N SER A 329 21.64 16.92 5.23
CA SER A 329 20.31 17.32 4.84
C SER A 329 20.33 17.86 3.41
N THR A 330 21.50 18.34 2.96
CA THR A 330 21.63 18.87 1.59
C THR A 330 21.65 17.74 0.56
N ARG A 331 22.45 16.72 0.80
CA ARG A 331 22.50 15.60 -0.11
C ARG A 331 21.12 15.01 -0.26
N ASN A 332 20.46 14.75 0.87
CA ASN A 332 19.12 14.15 0.89
C ASN A 332 18.08 15.03 0.19
N GLN A 333 18.21 16.34 0.32
CA GLN A 333 17.31 17.28 -0.36
C GLN A 333 17.41 17.17 -1.88
N GLY A 334 18.65 17.13 -2.38
CA GLY A 334 18.91 16.95 -3.78
C GLY A 334 18.37 15.62 -4.28
N ARG A 335 18.54 14.58 -3.47
CA ARG A 335 18.07 13.24 -3.85
C ARG A 335 16.55 13.26 -3.97
N GLN A 336 15.89 13.92 -3.03
CA GLN A 336 14.43 13.97 -3.06
C GLN A 336 13.92 14.96 -4.08
N LYS A 337 14.77 15.92 -4.45
CA LYS A 337 14.36 16.87 -5.51
C LYS A 337 14.20 16.11 -6.84
N LEU A 338 14.84 14.95 -6.95
CA LEU A 338 14.83 14.22 -8.21
C LEU A 338 13.42 13.74 -8.57
N ALA A 339 12.60 13.49 -7.55
CA ALA A 339 11.21 13.10 -7.79
C ALA A 339 10.35 14.24 -8.43
N ARG A 340 10.79 15.48 -8.35
CA ARG A 340 10.05 16.61 -8.94
C ARG A 340 10.20 16.61 -10.46
N PHE A 341 11.31 16.05 -10.95
CA PHE A 341 11.58 16.00 -12.39
C PHE A 341 10.45 15.34 -13.17
N ASN A 342 9.98 16.01 -14.21
CA ASN A 342 8.99 15.39 -15.08
C ASN A 342 9.76 14.49 -16.05
N ALA A 343 9.03 13.64 -16.79
CA ALA A 343 9.68 12.69 -17.68
C ALA A 343 10.79 13.30 -18.56
N HIS A 344 10.53 14.47 -19.15
CA HIS A 344 11.46 15.09 -20.10
C HIS A 344 12.72 15.64 -19.40
N GLU A 345 12.52 16.32 -18.25
CA GLU A 345 13.65 16.79 -17.43
C GLU A 345 14.54 15.65 -16.99
N PHE A 346 13.92 14.62 -16.43
CA PHE A 346 14.63 13.47 -15.90
C PHE A 346 15.41 12.76 -16.99
N ALA A 347 14.79 12.58 -18.16
CA ALA A 347 15.43 11.92 -19.29
C ALA A 347 16.67 12.70 -19.76
N THR A 348 16.62 14.02 -19.59
CA THR A 348 17.70 14.87 -20.02
C THR A 348 18.87 14.71 -19.08
N LEU A 349 18.57 14.64 -17.79
CA LEU A 349 19.62 14.44 -16.82
C LEU A 349 20.24 13.07 -17.03
N VAL A 350 19.41 12.05 -17.27
CA VAL A 350 19.96 10.69 -17.45
C VAL A 350 20.85 10.55 -18.70
N ILE A 351 20.43 11.15 -19.82
CA ILE A 351 21.22 11.15 -21.04
C ILE A 351 22.58 11.85 -20.91
N ASP A 352 22.59 12.99 -20.20
CA ASP A 352 23.82 13.78 -20.02
C ASP A 352 24.75 13.10 -19.04
N ILE A 353 24.18 12.34 -18.10
CA ILE A 353 25.01 11.61 -17.17
C ILE A 353 25.62 10.44 -17.91
N LEU A 354 24.86 9.83 -18.81
CA LEU A 354 25.38 8.71 -19.57
C LEU A 354 26.46 9.16 -20.54
N SER A 355 26.22 10.20 -21.34
CA SER A 355 27.25 10.64 -22.28
C SER A 355 28.52 11.13 -21.59
N ASP A 356 28.42 11.62 -20.36
CA ASP A 356 29.64 12.05 -19.69
C ASP A 356 30.34 10.99 -18.86
N ALA A 357 29.59 10.02 -18.33
CA ALA A 357 30.21 8.82 -17.81
C ALA A 357 31.15 8.21 -18.85
N LYS A 358 30.70 8.23 -20.11
CA LYS A 358 31.50 7.79 -21.25
C LYS A 358 32.69 8.72 -21.51
N ARG A 359 32.44 10.03 -21.57
CA ARG A 359 33.52 11.00 -21.73
C ARG A 359 34.63 10.82 -20.70
N ARG A 360 34.23 10.67 -19.44
CA ARG A 360 35.15 10.60 -18.33
C ARG A 360 35.98 9.33 -18.36
N GLN A 361 35.50 8.31 -19.06
CA GLN A 361 36.23 7.05 -19.08
C GLN A 361 37.15 6.91 -20.29
N GLN A 362 36.97 7.72 -21.34
CA GLN A 362 37.89 7.70 -22.49
C GLN A 362 39.08 8.58 -22.18
N ARG B 10 -30.13 -5.50 -75.06
CA ARG B 10 -31.42 -4.82 -75.13
C ARG B 10 -31.26 -3.37 -75.61
N SER B 11 -30.80 -2.51 -74.70
CA SER B 11 -30.56 -1.09 -75.00
C SER B 11 -29.49 -0.90 -76.06
N SER B 12 -28.55 -1.86 -76.15
CA SER B 12 -27.41 -1.80 -77.07
C SER B 12 -27.83 -1.86 -78.53
N ASP B 13 -29.12 -2.09 -78.76
CA ASP B 13 -29.65 -2.26 -80.11
C ASP B 13 -30.11 -0.93 -80.68
N VAL B 14 -30.10 0.11 -79.85
CA VAL B 14 -30.83 1.33 -80.16
C VAL B 14 -30.07 2.53 -79.66
N CYS B 15 -30.17 3.66 -80.37
CA CYS B 15 -29.52 4.91 -79.92
C CYS B 15 -30.24 5.52 -78.72
N ALA B 16 -29.48 5.90 -77.71
CA ALA B 16 -30.02 6.56 -76.52
C ALA B 16 -30.76 7.87 -76.78
N ASP B 17 -30.46 8.54 -77.89
CA ASP B 17 -30.97 9.88 -78.10
C ASP B 17 -32.17 9.99 -79.09
N CYS B 18 -32.28 9.07 -80.05
CA CYS B 18 -33.37 9.11 -81.01
C CYS B 18 -33.99 7.72 -81.23
N ASN B 19 -33.52 6.71 -80.50
CA ASN B 19 -34.02 5.34 -80.65
C ASN B 19 -33.69 4.71 -82.01
N GLY B 20 -32.86 5.39 -82.80
CA GLY B 20 -32.40 4.84 -84.06
C GLY B 20 -31.71 3.52 -83.86
N PRO B 21 -31.77 2.63 -84.86
CA PRO B 21 -31.23 1.28 -84.68
C PRO B 21 -29.71 1.23 -84.88
N ASP B 22 -29.07 0.29 -84.18
CA ASP B 22 -27.64 -0.01 -84.35
C ASP B 22 -26.72 1.17 -84.20
N PRO B 23 -26.61 1.72 -82.97
CA PRO B 23 -25.72 2.85 -82.71
C PRO B 23 -24.29 2.48 -83.01
N SER B 24 -23.48 3.43 -83.44
CA SER B 24 -22.11 3.08 -83.81
C SER B 24 -21.10 3.75 -82.89
N TRP B 25 -21.58 4.59 -81.98
CA TRP B 25 -20.69 5.38 -81.10
C TRP B 25 -21.03 5.25 -79.62
N ALA B 26 -20.11 5.65 -78.75
CA ALA B 26 -20.44 5.71 -77.32
C ALA B 26 -20.29 7.12 -76.80
N SER B 27 -21.10 7.45 -75.81
CA SER B 27 -20.78 8.59 -74.96
C SER B 27 -20.25 8.03 -73.61
N VAL B 28 -18.92 8.01 -73.49
CA VAL B 28 -18.25 7.29 -72.44
C VAL B 28 -18.65 7.77 -71.05
N ASN B 29 -18.64 9.08 -70.82
CA ASN B 29 -19.02 9.57 -69.48
C ASN B 29 -20.52 9.49 -69.18
N ARG B 30 -21.35 9.38 -70.21
CA ARG B 30 -22.80 9.33 -70.05
C ARG B 30 -23.29 7.90 -69.99
N GLY B 31 -22.42 6.96 -70.38
CA GLY B 31 -22.80 5.57 -70.41
C GLY B 31 -23.89 5.24 -71.41
N THR B 32 -23.86 5.85 -72.60
CA THR B 32 -24.88 5.53 -73.60
C THR B 32 -24.24 5.23 -74.96
N PHE B 33 -25.00 4.54 -75.82
CA PHE B 33 -24.61 4.37 -77.22
C PHE B 33 -25.45 5.29 -78.09
N ILE B 34 -24.89 5.76 -79.21
CA ILE B 34 -25.60 6.73 -80.05
C ILE B 34 -25.31 6.54 -81.54
N CYS B 35 -26.20 7.06 -82.40
CA CYS B 35 -26.00 6.91 -83.85
C CYS B 35 -25.04 7.97 -84.45
N ASP B 36 -24.73 7.86 -85.75
CA ASP B 36 -23.86 8.85 -86.42
C ASP B 36 -24.40 10.26 -86.28
N GLU B 37 -25.71 10.38 -86.50
CA GLU B 37 -26.35 11.65 -86.58
C GLU B 37 -26.31 12.31 -85.21
N CYS B 38 -26.69 11.57 -84.19
CA CYS B 38 -26.69 12.13 -82.86
C CYS B 38 -25.24 12.45 -82.43
N CYS B 39 -24.32 11.55 -82.77
CA CYS B 39 -22.92 11.76 -82.45
C CYS B 39 -22.44 13.09 -83.00
N SER B 40 -22.90 13.43 -84.21
CA SER B 40 -22.46 14.65 -84.89
C SER B 40 -22.71 15.89 -84.02
N VAL B 41 -23.76 15.83 -83.21
CA VAL B 41 -24.12 16.91 -82.30
C VAL B 41 -23.30 16.86 -80.98
N HIS B 42 -23.18 15.65 -80.40
CA HIS B 42 -22.25 15.39 -79.28
C HIS B 42 -20.84 15.95 -79.53
N ARG B 43 -20.37 15.86 -80.78
CA ARG B 43 -19.02 16.31 -81.09
C ARG B 43 -18.91 17.82 -80.91
N SER B 44 -20.01 18.50 -81.22
CA SER B 44 -20.09 19.94 -81.17
C SER B 44 -20.22 20.46 -79.75
N LEU B 45 -20.62 19.57 -78.84
CA LEU B 45 -20.84 19.98 -77.45
C LEU B 45 -19.57 20.19 -76.59
N GLY B 46 -18.48 19.48 -76.91
CA GLY B 46 -17.29 19.48 -76.08
C GLY B 46 -17.17 18.21 -75.25
N ARG B 47 -15.97 17.92 -74.76
CA ARG B 47 -15.73 16.70 -73.99
C ARG B 47 -16.17 16.88 -72.56
N HIS B 48 -16.23 18.14 -72.14
CA HIS B 48 -16.69 18.45 -70.79
C HIS B 48 -18.16 18.10 -70.67
N ILE B 49 -18.80 17.73 -71.78
CA ILE B 49 -20.17 17.30 -71.73
C ILE B 49 -20.30 15.88 -72.25
N SER B 50 -19.63 15.63 -73.37
CA SER B 50 -19.67 14.32 -73.98
C SER B 50 -18.31 13.89 -74.55
N GLN B 51 -17.86 12.72 -74.14
CA GLN B 51 -16.63 12.14 -74.62
C GLN B 51 -16.98 11.02 -75.60
N VAL B 52 -16.67 11.27 -76.86
CA VAL B 52 -17.18 10.52 -77.98
C VAL B 52 -16.19 9.46 -78.45
N ARG B 53 -16.68 8.25 -78.68
CA ARG B 53 -15.78 7.23 -79.23
C ARG B 53 -16.53 6.18 -80.03
N HIS B 54 -16.01 5.91 -81.23
CA HIS B 54 -16.63 4.97 -82.16
C HIS B 54 -16.50 3.56 -81.60
N LEU B 55 -17.54 2.76 -81.78
CA LEU B 55 -17.59 1.44 -81.14
C LEU B 55 -16.73 0.38 -81.84
N LYS B 56 -16.60 0.46 -83.17
CA LYS B 56 -16.05 -0.66 -83.93
C LYS B 56 -14.70 -0.39 -84.64
N HIS B 57 -14.36 0.88 -84.83
CA HIS B 57 -13.26 1.24 -85.71
C HIS B 57 -11.87 0.85 -85.20
N THR B 58 -11.73 0.81 -83.88
CA THR B 58 -10.48 0.48 -83.22
C THR B 58 -10.82 -0.26 -81.96
N ALA B 59 -10.05 -1.27 -81.61
CA ALA B 59 -10.26 -2.00 -80.36
C ALA B 59 -10.21 -1.05 -79.17
N TRP B 60 -11.01 -1.34 -78.17
CA TRP B 60 -10.96 -0.57 -76.93
C TRP B 60 -10.11 -1.34 -75.93
N PRO B 61 -9.74 -0.68 -74.81
CA PRO B 61 -9.40 -1.46 -73.61
C PRO B 61 -10.62 -2.25 -73.23
N PRO B 62 -10.58 -3.58 -73.33
CA PRO B 62 -11.73 -4.43 -73.10
C PRO B 62 -12.63 -3.96 -71.98
N THR B 63 -12.02 -3.66 -70.84
CA THR B 63 -12.78 -3.49 -69.62
C THR B 63 -13.48 -2.10 -69.63
N LEU B 64 -12.91 -1.15 -70.38
CA LEU B 64 -13.54 0.15 -70.61
C LEU B 64 -14.81 0.06 -71.45
N LEU B 65 -14.78 -0.68 -72.56
CA LEU B 65 -15.97 -0.83 -73.37
C LEU B 65 -17.01 -1.60 -72.57
N GLN B 66 -16.56 -2.56 -71.76
CA GLN B 66 -17.49 -3.35 -70.95
C GLN B 66 -18.24 -2.49 -69.94
N MET B 67 -17.55 -1.49 -69.38
CA MET B 67 -18.17 -0.54 -68.45
C MET B 67 -19.28 0.26 -69.13
N VAL B 68 -19.03 0.75 -70.33
CA VAL B 68 -20.03 1.59 -70.98
C VAL B 68 -21.27 0.77 -71.40
N GLU B 69 -21.07 -0.40 -72.00
CA GLU B 69 -22.22 -1.18 -72.42
C GLU B 69 -23.01 -1.65 -71.19
N THR B 70 -22.30 -1.93 -70.08
CA THR B 70 -22.95 -2.40 -68.87
C THR B 70 -23.76 -1.27 -68.24
N LEU B 71 -23.23 -0.05 -68.40
CA LEU B 71 -23.91 1.13 -67.92
C LEU B 71 -25.20 1.32 -68.70
N TYR B 72 -25.08 1.33 -70.04
CA TYR B 72 -26.22 1.55 -70.92
C TYR B 72 -27.35 0.52 -70.75
N ASN B 73 -27.03 -0.74 -70.48
CA ASN B 73 -28.08 -1.76 -70.33
C ASN B 73 -28.62 -1.86 -68.90
N ASN B 74 -28.25 -0.91 -68.05
CA ASN B 74 -28.75 -0.91 -66.67
C ASN B 74 -29.07 0.47 -66.12
N GLY B 75 -29.70 1.32 -66.92
CA GLY B 75 -30.26 2.55 -66.39
C GLY B 75 -29.57 3.89 -66.61
N ALA B 76 -28.49 3.94 -67.38
CA ALA B 76 -27.86 5.21 -67.65
C ALA B 76 -28.85 6.21 -68.25
N ASN B 77 -29.54 5.78 -69.31
CA ASN B 77 -30.51 6.66 -69.95
C ASN B 77 -31.62 7.00 -68.99
N SER B 78 -31.92 6.08 -68.07
CA SER B 78 -32.99 6.32 -67.10
C SER B 78 -32.64 7.51 -66.21
N ILE B 79 -31.35 7.81 -66.09
CA ILE B 79 -30.91 8.97 -65.34
C ILE B 79 -31.05 10.27 -66.15
N TRP B 80 -30.50 10.32 -67.37
CA TRP B 80 -30.53 11.55 -68.15
C TRP B 80 -31.95 11.82 -68.70
N GLU B 81 -32.83 10.82 -68.61
CA GLU B 81 -34.16 10.93 -69.20
C GLU B 81 -35.25 10.77 -68.16
N HIS B 82 -34.84 10.78 -66.90
CA HIS B 82 -35.71 10.56 -65.76
C HIS B 82 -37.13 11.14 -65.97
N SER B 83 -37.21 12.46 -66.07
CA SER B 83 -38.48 13.18 -66.22
C SER B 83 -39.31 12.73 -67.42
N LEU B 84 -38.67 12.16 -68.44
CA LEU B 84 -39.40 11.70 -69.62
C LEU B 84 -40.10 10.39 -69.32
N LEU B 85 -39.65 9.75 -68.25
CA LEU B 85 -40.09 8.41 -67.86
C LEU B 85 -41.16 8.46 -66.75
N ASP B 86 -40.95 9.36 -65.78
CA ASP B 86 -41.87 9.51 -64.63
C ASP B 86 -43.26 9.95 -65.08
N PRO B 87 -44.28 9.12 -64.80
CA PRO B 87 -45.68 9.41 -65.15
C PRO B 87 -46.13 10.80 -64.67
N ALA B 88 -45.58 11.22 -63.53
CA ALA B 88 -45.90 12.51 -62.95
C ALA B 88 -45.39 13.68 -63.79
N SER B 89 -44.35 13.45 -64.59
CA SER B 89 -43.69 14.54 -65.32
C SER B 89 -43.76 14.42 -66.84
N ILE B 90 -44.50 13.42 -67.34
CA ILE B 90 -44.69 13.29 -68.78
C ILE B 90 -45.57 14.43 -69.25
N MET B 91 -45.18 15.07 -70.33
CA MET B 91 -45.96 16.18 -70.85
C MET B 91 -45.65 16.48 -72.30
N SER B 92 -46.57 17.20 -72.92
CA SER B 92 -46.48 17.60 -74.32
C SER B 92 -45.16 18.27 -74.64
N GLY B 93 -44.78 19.23 -73.81
CA GLY B 93 -43.62 20.09 -74.05
C GLY B 93 -42.27 19.40 -74.03
N ARG B 94 -42.22 18.18 -73.48
CA ARG B 94 -40.98 17.40 -73.43
C ARG B 94 -41.11 16.08 -74.20
N ARG B 95 -40.62 16.08 -75.44
CA ARG B 95 -40.77 14.94 -76.34
C ARG B 95 -39.43 14.48 -76.90
N LYS B 96 -39.11 13.22 -76.67
CA LYS B 96 -37.89 12.62 -77.19
C LYS B 96 -37.81 12.64 -78.73
N ALA B 97 -36.60 12.76 -79.26
CA ALA B 97 -36.40 12.71 -80.69
C ALA B 97 -36.76 11.32 -81.25
N ASN B 98 -37.22 11.30 -82.50
CA ASN B 98 -37.51 10.05 -83.22
C ASN B 98 -36.39 9.85 -84.25
N PRO B 99 -36.21 8.60 -84.75
CA PRO B 99 -35.07 8.37 -85.63
C PRO B 99 -35.15 9.13 -86.94
N GLN B 100 -36.35 9.33 -87.45
CA GLN B 100 -36.49 9.98 -88.75
C GLN B 100 -36.43 11.51 -88.63
N ASP B 101 -36.43 12.02 -87.39
CA ASP B 101 -36.39 13.48 -87.14
C ASP B 101 -35.15 14.14 -87.70
N LYS B 102 -35.34 15.21 -88.46
CA LYS B 102 -34.27 16.11 -88.91
C LYS B 102 -33.24 16.35 -87.79
N VAL B 103 -31.96 16.17 -88.10
CA VAL B 103 -30.89 16.40 -87.13
C VAL B 103 -30.94 17.81 -86.57
N HIS B 104 -31.05 18.82 -87.44
CA HIS B 104 -31.30 20.19 -86.98
C HIS B 104 -32.72 20.62 -87.34
N PRO B 105 -33.42 21.24 -86.38
CA PRO B 105 -32.97 21.45 -85.01
C PRO B 105 -33.44 20.35 -84.05
N ASN B 106 -34.21 19.40 -84.56
CA ASN B 106 -34.91 18.43 -83.70
C ASN B 106 -34.02 17.58 -82.79
N LYS B 107 -33.16 16.76 -83.38
CA LYS B 107 -32.29 15.92 -82.62
C LYS B 107 -31.30 16.73 -81.80
N ALA B 108 -30.73 17.76 -82.44
CA ALA B 108 -29.76 18.60 -81.76
C ALA B 108 -30.34 19.26 -80.51
N GLU B 109 -31.58 19.73 -80.58
CA GLU B 109 -32.16 20.39 -79.40
C GLU B 109 -32.55 19.39 -78.33
N PHE B 110 -32.95 18.17 -78.71
CA PHE B 110 -33.21 17.18 -77.66
C PHE B 110 -31.93 16.78 -76.95
N ILE B 111 -30.90 16.53 -77.77
CA ILE B 111 -29.59 16.17 -77.26
C ILE B 111 -29.02 17.27 -76.39
N ARG B 112 -29.09 18.53 -76.84
CA ARG B 112 -28.53 19.63 -76.03
C ARG B 112 -29.27 19.74 -74.71
N ALA B 113 -30.60 19.73 -74.80
CA ALA B 113 -31.43 19.78 -73.60
C ALA B 113 -31.15 18.61 -72.64
N LYS B 114 -30.90 17.44 -73.21
CA LYS B 114 -30.61 16.25 -72.41
C LYS B 114 -29.27 16.34 -71.63
N TYR B 115 -28.18 16.65 -72.32
CA TYR B 115 -26.87 16.53 -71.68
C TYR B 115 -26.28 17.86 -71.20
N GLN B 116 -26.55 18.93 -71.92
CA GLN B 116 -26.07 20.25 -71.51
C GLN B 116 -26.97 20.86 -70.45
N MET B 117 -28.22 21.15 -70.81
CA MET B 117 -29.19 21.77 -69.90
C MET B 117 -29.65 20.84 -68.77
N LEU B 118 -29.50 19.53 -68.96
CA LEU B 118 -29.96 18.52 -68.00
C LEU B 118 -31.44 18.73 -67.65
N ALA B 119 -32.27 18.89 -68.69
CA ALA B 119 -33.64 19.30 -68.51
C ALA B 119 -34.53 18.19 -67.94
N PHE B 120 -34.05 16.97 -67.95
CA PHE B 120 -34.90 15.83 -67.60
C PHE B 120 -34.37 15.01 -66.42
N VAL B 121 -33.25 15.42 -65.83
CA VAL B 121 -32.76 14.72 -64.65
C VAL B 121 -33.70 14.92 -63.47
N HIS B 122 -33.55 14.09 -62.45
CA HIS B 122 -34.44 14.17 -61.32
C HIS B 122 -34.07 15.34 -60.42
N ARG B 123 -32.78 15.45 -60.12
CA ARG B 123 -32.22 16.58 -59.36
C ARG B 123 -30.95 17.08 -60.05
N LEU B 124 -30.89 18.39 -60.28
CA LEU B 124 -29.70 19.05 -60.81
C LEU B 124 -28.47 18.81 -59.94
N PRO B 125 -27.28 18.74 -60.55
CA PRO B 125 -26.08 18.56 -59.73
C PRO B 125 -25.88 19.76 -58.81
N CYS B 126 -25.36 19.54 -57.59
CA CYS B 126 -24.98 20.65 -56.73
C CYS B 126 -23.88 21.51 -57.39
N ARG B 127 -23.88 22.82 -57.14
CA ARG B 127 -22.81 23.67 -57.65
C ARG B 127 -21.50 23.28 -56.93
N GLU B 128 -20.39 23.33 -57.68
CA GLU B 128 -19.08 22.92 -57.16
C GLU B 128 -18.66 23.73 -55.93
N ASP B 129 -19.32 24.87 -55.74
CA ASP B 129 -19.15 25.69 -54.55
C ASP B 129 -19.82 25.08 -53.32
N ASP B 130 -20.80 24.21 -53.53
CA ASP B 130 -21.47 23.62 -52.36
C ASP B 130 -20.56 22.59 -51.72
N SER B 131 -19.68 23.07 -50.86
CA SER B 131 -18.77 22.21 -50.10
C SER B 131 -19.50 21.07 -49.38
N VAL B 132 -20.55 21.42 -48.62
CA VAL B 132 -21.20 20.47 -47.71
C VAL B 132 -21.91 19.33 -48.43
N THR B 133 -22.67 19.68 -49.47
CA THR B 133 -23.43 18.70 -50.26
C THR B 133 -22.50 17.79 -51.02
N ALA B 134 -21.44 18.37 -51.59
CA ALA B 134 -20.47 17.61 -52.35
C ALA B 134 -19.73 16.62 -51.47
N LYS B 135 -19.37 17.00 -50.24
CA LYS B 135 -18.67 16.07 -49.36
C LYS B 135 -19.57 14.87 -49.09
N ASP B 136 -20.86 15.15 -48.86
CA ASP B 136 -21.81 14.10 -48.49
C ASP B 136 -22.01 13.09 -49.63
N LEU B 137 -22.27 13.60 -50.84
CA LEU B 137 -22.42 12.77 -52.05
C LEU B 137 -21.17 11.95 -52.28
N SER B 138 -20.02 12.58 -52.05
CA SER B 138 -18.77 11.92 -52.34
C SER B 138 -18.45 10.84 -51.33
N LYS B 139 -18.87 11.02 -50.08
CA LYS B 139 -18.71 9.95 -49.10
C LYS B 139 -19.58 8.75 -49.49
N GLN B 140 -20.80 9.01 -49.97
CA GLN B 140 -21.67 7.92 -50.46
C GLN B 140 -21.03 7.19 -51.63
N LEU B 141 -20.45 7.95 -52.56
CA LEU B 141 -19.71 7.38 -53.68
C LEU B 141 -18.57 6.54 -53.15
N HIS B 142 -17.90 7.06 -52.12
CA HIS B 142 -16.76 6.37 -51.52
C HIS B 142 -17.17 4.99 -51.01
N SER B 143 -18.42 4.89 -50.56
CA SER B 143 -18.99 3.66 -50.03
C SER B 143 -19.50 2.72 -51.12
N SER B 144 -20.16 3.34 -52.10
CA SER B 144 -20.99 2.67 -53.10
C SER B 144 -20.21 1.93 -54.20
N VAL B 145 -18.90 2.20 -54.24
CA VAL B 145 -18.01 1.72 -55.30
C VAL B 145 -17.39 0.34 -54.93
N ARG B 146 -17.72 -0.13 -53.73
CA ARG B 146 -17.37 -1.49 -53.26
C ARG B 146 -18.18 -2.59 -53.96
N THR B 147 -19.38 -2.24 -54.43
CA THR B 147 -20.28 -3.15 -55.14
C THR B 147 -20.14 -2.89 -56.64
N GLY B 148 -20.76 -3.71 -57.48
CA GLY B 148 -20.67 -3.53 -58.91
C GLY B 148 -21.86 -2.81 -59.51
N ASN B 149 -22.46 -1.90 -58.75
CA ASN B 149 -23.63 -1.18 -59.24
C ASN B 149 -23.24 0.13 -59.90
N LEU B 150 -23.01 0.07 -61.20
CA LEU B 150 -22.53 1.22 -61.95
C LEU B 150 -23.58 2.34 -62.06
N GLU B 151 -24.85 1.98 -62.14
CA GLU B 151 -25.92 2.97 -62.25
C GLU B 151 -25.95 3.86 -61.01
N THR B 152 -25.74 3.27 -59.84
CA THR B 152 -25.69 4.06 -58.63
C THR B 152 -24.59 5.07 -58.72
N CYS B 153 -23.44 4.63 -59.21
CA CYS B 153 -22.25 5.47 -59.18
C CYS B 153 -22.34 6.59 -60.21
N LEU B 154 -22.91 6.28 -61.37
CA LEU B 154 -23.16 7.30 -62.37
C LEU B 154 -24.13 8.37 -61.80
N ARG B 155 -25.13 7.91 -61.05
CA ARG B 155 -26.15 8.78 -60.48
C ARG B 155 -25.50 9.69 -59.43
N LEU B 156 -24.72 9.10 -58.52
CA LEU B 156 -23.95 9.90 -57.56
C LEU B 156 -23.06 10.94 -58.26
N LEU B 157 -22.30 10.50 -59.27
CA LEU B 157 -21.45 11.39 -60.04
C LEU B 157 -22.21 12.53 -60.72
N SER B 158 -23.40 12.22 -61.24
CA SER B 158 -24.22 13.23 -61.89
C SER B 158 -24.76 14.23 -60.89
N LEU B 159 -25.06 13.79 -59.67
CA LEU B 159 -25.56 14.69 -58.63
C LEU B 159 -24.50 15.68 -58.13
N GLY B 160 -23.22 15.30 -58.27
CA GLY B 160 -22.14 16.20 -57.91
C GLY B 160 -21.06 15.56 -57.07
N ALA B 161 -21.18 14.24 -56.85
CA ALA B 161 -20.11 13.51 -56.18
C ALA B 161 -18.80 13.68 -56.95
N GLN B 162 -17.69 13.62 -56.23
CA GLN B 162 -16.38 13.84 -56.82
C GLN B 162 -15.58 12.52 -56.95
N ALA B 163 -15.10 12.24 -58.17
CA ALA B 163 -14.36 11.01 -58.44
C ALA B 163 -13.05 10.90 -57.64
N ASN B 164 -12.36 12.02 -57.46
CA ASN B 164 -11.08 11.98 -56.76
C ASN B 164 -11.20 12.49 -55.33
N PHE B 165 -12.37 12.28 -54.74
CA PHE B 165 -12.61 12.75 -53.40
C PHE B 165 -11.71 12.04 -52.40
N PHE B 166 -11.12 12.78 -51.47
CA PHE B 166 -10.28 12.17 -50.43
C PHE B 166 -10.99 12.15 -49.09
N HIS B 167 -11.44 10.97 -48.67
CA HIS B 167 -12.28 10.80 -47.49
C HIS B 167 -11.50 11.18 -46.28
N PRO B 168 -11.97 12.19 -45.55
CA PRO B 168 -11.12 12.67 -44.47
C PRO B 168 -10.95 11.73 -43.27
N GLU B 169 -11.92 10.86 -42.99
CA GLU B 169 -11.84 10.04 -41.77
C GLU B 169 -11.56 8.60 -42.14
N LYS B 170 -11.53 8.34 -43.43
CA LYS B 170 -11.24 6.98 -43.86
C LYS B 170 -9.89 7.02 -44.62
N GLY B 171 -9.37 8.22 -44.91
CA GLY B 171 -8.06 8.35 -45.55
C GLY B 171 -7.78 7.75 -46.92
N SER B 172 -8.82 7.51 -47.71
CA SER B 172 -8.60 6.98 -49.07
C SER B 172 -9.62 7.50 -50.06
N THR B 173 -9.48 7.11 -51.32
CA THR B 173 -10.36 7.61 -52.39
C THR B 173 -11.30 6.52 -52.92
N PRO B 174 -12.40 6.94 -53.56
CA PRO B 174 -13.24 5.92 -54.18
C PRO B 174 -12.45 4.99 -55.10
N LEU B 175 -11.44 5.52 -55.80
CA LEU B 175 -10.63 4.67 -56.65
C LEU B 175 -9.80 3.67 -55.83
N HIS B 176 -9.30 4.10 -54.67
CA HIS B 176 -8.68 3.17 -53.73
C HIS B 176 -9.65 2.06 -53.41
N VAL B 177 -10.87 2.46 -53.06
CA VAL B 177 -11.89 1.54 -52.60
C VAL B 177 -12.24 0.53 -53.69
N ALA B 178 -12.54 1.05 -54.89
CA ALA B 178 -12.79 0.21 -56.05
C ALA B 178 -11.68 -0.83 -56.20
N SER B 179 -10.45 -0.38 -56.03
CA SER B 179 -9.29 -1.20 -56.32
C SER B 179 -9.04 -2.29 -55.29
N LYS B 180 -9.28 -2.01 -54.01
CA LYS B 180 -9.10 -3.06 -53.00
C LYS B 180 -10.11 -4.18 -53.23
N ALA B 181 -11.25 -3.82 -53.82
CA ALA B 181 -12.32 -4.78 -54.04
C ALA B 181 -12.37 -5.40 -55.44
N GLY B 182 -11.37 -5.11 -56.26
CA GLY B 182 -11.35 -5.59 -57.63
C GLY B 182 -12.54 -5.19 -58.48
N GLN B 183 -13.14 -4.05 -58.16
CA GLN B 183 -14.30 -3.59 -58.87
C GLN B 183 -13.92 -2.87 -60.16
N ILE B 184 -13.41 -3.60 -61.15
CA ILE B 184 -12.77 -2.92 -62.28
C ILE B 184 -13.75 -2.08 -63.13
N LEU B 185 -15.01 -2.46 -63.23
CA LEU B 185 -15.97 -1.62 -63.98
C LEU B 185 -16.17 -0.25 -63.30
N GLN B 186 -16.39 -0.26 -62.00
CA GLN B 186 -16.42 0.98 -61.23
C GLN B 186 -15.17 1.83 -61.45
N ALA B 187 -14.03 1.17 -61.35
CA ALA B 187 -12.74 1.82 -61.41
C ALA B 187 -12.63 2.53 -62.75
N GLU B 188 -13.03 1.83 -63.78
CA GLU B 188 -13.06 2.39 -65.11
C GLU B 188 -13.89 3.69 -65.15
N LEU B 189 -15.14 3.59 -64.71
CA LEU B 189 -16.04 4.74 -64.56
C LEU B 189 -15.43 5.90 -63.75
N LEU B 190 -14.89 5.57 -62.58
CA LEU B 190 -14.19 6.56 -61.78
C LEU B 190 -13.13 7.29 -62.58
N ALA B 191 -12.31 6.58 -63.32
CA ALA B 191 -11.24 7.23 -64.06
C ALA B 191 -11.75 8.07 -65.24
N VAL B 192 -12.93 7.73 -65.75
CA VAL B 192 -13.59 8.58 -66.75
C VAL B 192 -13.94 9.96 -66.16
N TYR B 193 -14.38 9.99 -64.90
CA TYR B 193 -14.68 11.26 -64.25
C TYR B 193 -13.43 11.85 -63.57
N GLY B 194 -12.26 11.37 -63.97
CA GLY B 194 -11.02 11.99 -63.57
C GLY B 194 -10.30 11.44 -62.34
N ALA B 195 -10.70 10.26 -61.85
CA ALA B 195 -10.04 9.69 -60.68
C ALA B 195 -8.58 9.32 -61.00
N ASP B 196 -7.69 9.49 -60.02
CA ASP B 196 -6.25 9.32 -60.22
C ASP B 196 -5.68 8.08 -59.50
N PRO B 197 -5.12 7.15 -60.27
CA PRO B 197 -4.48 5.93 -59.80
C PRO B 197 -3.11 6.20 -59.16
N GLY B 198 -2.61 7.42 -59.32
CA GLY B 198 -1.41 7.86 -58.61
C GLY B 198 -1.58 8.48 -57.21
N THR B 199 -2.80 8.82 -56.82
CA THR B 199 -3.04 9.42 -55.51
C THR B 199 -2.66 8.48 -54.39
N GLN B 200 -1.89 8.99 -53.43
CA GLN B 200 -1.47 8.22 -52.26
C GLN B 200 -2.47 8.35 -51.10
N ASP B 201 -2.55 7.33 -50.26
CA ASP B 201 -3.41 7.45 -49.08
C ASP B 201 -2.62 8.05 -47.93
N SER B 202 -3.21 8.00 -46.73
CA SER B 202 -2.58 8.49 -45.50
C SER B 202 -1.24 7.78 -45.24
N SER B 203 -1.14 6.52 -45.64
CA SER B 203 0.08 5.75 -45.43
C SER B 203 1.06 5.79 -46.62
N GLY B 204 0.66 6.33 -47.76
CA GLY B 204 1.58 6.50 -48.89
C GLY B 204 1.35 5.58 -50.07
N LYS B 205 0.34 4.71 -49.96
CA LYS B 205 0.06 3.67 -50.95
C LYS B 205 -1.02 4.13 -51.94
N THR B 206 -0.97 3.59 -53.15
CA THR B 206 -1.83 4.03 -54.25
C THR B 206 -2.96 3.05 -54.56
N PRO B 207 -3.95 3.46 -55.36
CA PRO B 207 -4.95 2.46 -55.78
C PRO B 207 -4.33 1.26 -56.52
N VAL B 208 -3.27 1.51 -57.28
CA VAL B 208 -2.51 0.42 -57.91
C VAL B 208 -2.01 -0.54 -56.83
N ASP B 209 -1.37 -0.01 -55.81
CA ASP B 209 -0.96 -0.79 -54.65
C ASP B 209 -2.12 -1.58 -54.05
N TYR B 210 -3.27 -0.93 -53.88
CA TYR B 210 -4.42 -1.62 -53.29
C TYR B 210 -4.81 -2.81 -54.15
N ALA B 211 -5.05 -2.55 -55.44
CA ALA B 211 -5.35 -3.62 -56.41
C ALA B 211 -4.33 -4.73 -56.27
N ARG B 212 -3.06 -4.36 -56.13
CA ARG B 212 -2.01 -5.36 -55.99
C ARG B 212 -2.16 -6.12 -54.67
N GLN B 213 -2.47 -5.42 -53.57
CA GLN B 213 -2.52 -6.06 -52.25
C GLN B 213 -3.60 -7.15 -52.16
N GLY B 214 -4.72 -6.96 -52.86
CA GLY B 214 -5.84 -7.88 -52.78
C GLY B 214 -5.86 -8.85 -53.95
N GLY B 215 -4.73 -8.94 -54.63
CA GLY B 215 -4.54 -9.90 -55.71
C GLY B 215 -5.11 -9.53 -57.07
N HIS B 216 -5.66 -8.33 -57.20
CA HIS B 216 -6.28 -7.97 -58.46
C HIS B 216 -5.30 -7.45 -59.52
N HIS B 217 -4.48 -8.34 -60.09
CA HIS B 217 -3.38 -7.89 -60.94
C HIS B 217 -3.75 -7.39 -62.35
N GLU B 218 -4.81 -7.95 -62.96
CA GLU B 218 -5.29 -7.42 -64.23
C GLU B 218 -5.70 -5.98 -64.02
N LEU B 219 -6.33 -5.71 -62.88
CA LEU B 219 -6.83 -4.39 -62.54
C LEU B 219 -5.70 -3.40 -62.27
N ALA B 220 -4.62 -3.90 -61.68
CA ALA B 220 -3.48 -3.05 -61.40
C ALA B 220 -2.86 -2.58 -62.73
N GLU B 221 -2.65 -3.53 -63.65
CA GLU B 221 -2.09 -3.22 -64.96
C GLU B 221 -2.98 -2.27 -65.76
N ARG B 222 -4.29 -2.43 -65.62
CA ARG B 222 -5.22 -1.52 -66.26
C ARG B 222 -5.20 -0.14 -65.57
N LEU B 223 -5.19 -0.15 -64.23
CA LEU B 223 -4.93 1.07 -63.47
C LEU B 223 -3.73 1.83 -64.02
N ILE B 224 -2.65 1.11 -64.30
CA ILE B 224 -1.42 1.74 -64.74
C ILE B 224 -1.57 2.29 -66.14
N GLU B 225 -2.26 1.57 -67.01
CA GLU B 225 -2.58 2.14 -68.34
C GLU B 225 -3.40 3.43 -68.17
N ILE B 226 -4.32 3.44 -67.22
CA ILE B 226 -5.15 4.62 -67.05
C ILE B 226 -4.29 5.81 -66.64
N GLN B 227 -3.33 5.58 -65.74
CA GLN B 227 -2.38 6.60 -65.30
C GLN B 227 -1.78 7.33 -66.45
N TYR B 228 -1.29 6.60 -67.44
CA TYR B 228 -0.60 7.23 -68.53
C TYR B 228 -1.47 7.43 -69.81
N GLU B 229 -2.81 7.56 -69.68
CA GLU B 229 -3.64 7.71 -70.89
C GLU B 229 -3.25 8.95 -71.67
N LEU B 230 -2.94 10.03 -70.96
CA LEU B 230 -2.61 11.25 -71.65
C LEU B 230 -1.36 11.07 -72.50
N THR B 231 -0.24 10.66 -71.92
CA THR B 231 0.96 10.55 -72.74
C THR B 231 0.89 9.35 -73.71
N ASP B 232 0.18 8.30 -73.34
CA ASP B 232 -0.06 7.19 -74.28
C ASP B 232 -0.77 7.68 -75.55
N ARG B 233 -1.85 8.43 -75.37
CA ARG B 233 -2.67 8.89 -76.49
C ARG B 233 -1.86 9.74 -77.43
N LEU B 234 -1.02 10.62 -76.85
CA LEU B 234 -0.12 11.48 -77.62
C LEU B 234 0.90 10.66 -78.41
N ALA B 235 1.53 9.72 -77.74
CA ALA B 235 2.56 8.88 -78.34
C ALA B 235 1.98 8.06 -79.50
N PHE B 236 0.71 7.71 -79.39
CA PHE B 236 0.08 6.90 -80.43
C PHE B 236 -0.20 7.72 -81.70
N TYR B 237 -0.49 9.00 -81.50
CA TYR B 237 -0.87 9.88 -82.58
C TYR B 237 0.30 10.09 -83.52
N LEU B 238 1.50 9.83 -83.05
CA LEU B 238 2.66 9.98 -83.90
C LEU B 238 3.26 8.64 -84.31
N CYS B 239 3.18 7.62 -83.47
CA CYS B 239 3.88 6.35 -83.76
C CYS B 239 2.96 5.23 -84.16
N GLY B 240 1.72 5.31 -83.71
CA GLY B 240 0.80 4.19 -83.84
C GLY B 240 1.10 3.07 -82.86
N ARG B 241 1.67 3.43 -81.72
CA ARG B 241 2.07 2.44 -80.72
C ARG B 241 2.15 3.12 -79.36
N LYS B 242 1.87 2.36 -78.31
CA LYS B 242 1.87 2.87 -76.96
C LYS B 242 2.98 2.21 -76.14
N PRO B 243 3.45 2.84 -75.05
CA PRO B 243 4.56 2.28 -74.27
C PRO B 243 4.21 0.93 -73.62
N ASP B 244 5.21 0.11 -73.32
CA ASP B 244 4.95 -1.20 -72.73
C ASP B 244 4.95 -1.14 -71.19
N HIS B 245 3.77 -0.87 -70.62
CA HIS B 245 3.63 -0.67 -69.19
C HIS B 245 3.92 -1.95 -68.40
N LYS B 246 3.64 -3.09 -69.02
CA LYS B 246 3.92 -4.35 -68.33
C LYS B 246 5.42 -4.57 -68.18
N SER B 247 6.19 -4.16 -69.19
CA SER B 247 7.64 -4.32 -69.19
C SER B 247 8.30 -3.17 -68.43
N GLY B 248 7.47 -2.30 -67.85
CA GLY B 248 7.96 -1.18 -67.06
C GLY B 248 8.37 0.11 -67.78
N GLN B 249 8.16 0.19 -69.10
CA GLN B 249 8.37 1.45 -69.83
C GLN B 249 7.04 2.23 -70.03
N HIS B 250 6.92 3.38 -69.38
CA HIS B 250 5.65 4.11 -69.34
C HIS B 250 5.62 5.31 -70.28
N PHE B 251 6.77 5.64 -70.88
CA PHE B 251 6.80 6.72 -71.85
C PHE B 251 7.37 6.27 -73.19
N LEU B 252 6.74 6.73 -74.27
CA LEU B 252 7.24 6.49 -75.62
C LEU B 252 7.64 7.82 -76.23
N ILE B 253 8.92 8.03 -76.54
CA ILE B 253 9.28 9.32 -77.13
C ILE B 253 9.60 9.14 -78.59
N PRO B 254 8.66 9.57 -79.47
CA PRO B 254 8.81 9.43 -80.92
C PRO B 254 9.89 10.35 -81.46
N GLN B 255 10.41 10.07 -82.64
CA GLN B 255 11.48 10.93 -83.17
C GLN B 255 10.95 12.06 -84.06
N ARG B 256 11.70 13.15 -84.10
CA ARG B 256 11.43 14.24 -85.03
C ARG B 256 11.65 13.79 -86.47
N ALA B 257 10.97 14.43 -87.42
CA ALA B 257 11.21 14.14 -88.81
C ALA B 257 12.45 14.90 -89.30
N ASP B 258 12.80 15.98 -88.61
CA ASP B 258 13.99 16.74 -88.96
C ASP B 258 15.11 16.43 -87.97
N ALA B 259 15.14 15.20 -87.48
CA ALA B 259 16.12 14.78 -86.47
C ALA B 259 17.55 14.71 -87.04
N ALA B 260 17.67 14.46 -88.35
CA ALA B 260 18.98 14.43 -88.98
C ALA B 260 19.55 15.84 -89.14
N LEU B 261 18.79 16.83 -88.69
CA LEU B 261 19.19 18.23 -88.82
C LEU B 261 19.20 18.89 -87.44
N ASP B 262 20.09 19.86 -87.24
CA ASP B 262 20.18 20.59 -85.98
C ASP B 262 18.90 21.41 -85.75
N LEU B 263 18.19 21.16 -84.64
CA LEU B 263 16.89 21.79 -84.42
C LEU B 263 17.00 23.31 -84.36
N SER B 264 15.99 24.00 -84.89
CA SER B 264 16.07 25.42 -85.14
C SER B 264 16.12 26.25 -83.86
N GLU B 265 16.49 27.52 -83.99
CA GLU B 265 16.62 28.38 -82.81
C GLU B 265 15.24 28.60 -82.19
N LEU B 266 14.24 28.86 -83.03
CA LEU B 266 12.84 29.00 -82.61
C LEU B 266 12.38 27.74 -81.87
N ALA B 267 12.82 26.58 -82.35
CA ALA B 267 12.56 25.33 -81.68
C ALA B 267 13.15 25.34 -80.26
N LYS B 268 14.41 25.70 -80.13
CA LYS B 268 15.07 25.71 -78.82
C LYS B 268 14.32 26.62 -77.85
N ALA B 269 13.73 27.67 -78.41
CA ALA B 269 13.05 28.72 -77.65
C ALA B 269 11.75 28.23 -77.05
N ALA B 270 10.88 27.73 -77.92
CA ALA B 270 9.58 27.20 -77.51
C ALA B 270 9.75 26.22 -76.34
N LYS B 271 10.66 25.24 -76.50
CA LYS B 271 10.85 24.23 -75.47
C LYS B 271 11.33 24.78 -74.11
N LYS B 272 12.15 25.83 -74.12
CA LYS B 272 12.51 26.51 -72.88
C LYS B 272 11.24 27.03 -72.21
N LYS B 273 10.41 27.67 -72.99
CA LYS B 273 9.16 28.19 -72.49
C LYS B 273 8.25 27.10 -71.96
N LEU B 274 8.19 25.95 -72.61
CA LEU B 274 7.43 24.82 -72.10
C LEU B 274 7.95 24.29 -70.79
N GLN B 275 9.26 24.23 -70.68
CA GLN B 275 9.91 23.81 -69.47
C GLN B 275 9.65 24.75 -68.33
N SER B 276 9.58 26.01 -68.64
CA SER B 276 9.51 27.00 -67.57
C SER B 276 8.21 26.92 -66.81
N LEU B 277 7.24 26.18 -67.35
CA LEU B 277 5.96 26.02 -66.70
C LEU B 277 6.13 25.21 -65.43
N SER B 278 5.25 25.42 -64.46
CA SER B 278 5.18 24.55 -63.29
C SER B 278 4.53 23.24 -63.70
N ASN B 279 4.69 22.20 -62.88
CA ASN B 279 4.01 20.94 -63.18
C ASN B 279 2.52 21.16 -63.41
N HIS B 280 1.89 22.02 -62.60
CA HIS B 280 0.45 22.23 -62.73
C HIS B 280 0.09 22.81 -64.09
N LEU B 281 0.73 23.90 -64.49
CA LEU B 281 0.38 24.51 -65.78
C LEU B 281 0.76 23.57 -66.94
N PHE B 282 1.86 22.86 -66.79
CA PHE B 282 2.29 21.91 -67.80
C PHE B 282 1.23 20.86 -68.02
N GLU B 283 0.67 20.36 -66.92
CA GLU B 283 -0.34 19.31 -67.00
C GLU B 283 -1.59 19.84 -67.67
N GLU B 284 -1.95 21.08 -67.37
CA GLU B 284 -3.10 21.69 -68.01
C GLU B 284 -2.90 21.82 -69.52
N LEU B 285 -1.72 22.31 -69.92
CA LEU B 285 -1.40 22.40 -71.34
C LEU B 285 -1.47 21.01 -71.96
N ALA B 286 -0.98 20.00 -71.25
CA ALA B 286 -0.99 18.66 -71.80
C ALA B 286 -2.45 18.25 -72.09
N MET B 287 -3.37 18.55 -71.18
CA MET B 287 -4.78 18.23 -71.45
C MET B 287 -5.31 18.98 -72.68
N ASP B 288 -4.95 20.25 -72.84
CA ASP B 288 -5.37 21.00 -74.02
C ASP B 288 -4.91 20.27 -75.30
N VAL B 289 -3.63 19.93 -75.36
CA VAL B 289 -3.07 19.19 -76.47
C VAL B 289 -3.70 17.80 -76.65
N TYR B 290 -4.08 17.17 -75.54
CA TYR B 290 -4.74 15.87 -75.58
C TYR B 290 -6.07 15.97 -76.36
N ASP B 291 -6.98 16.80 -75.84
CA ASP B 291 -8.22 17.15 -76.50
C ASP B 291 -8.04 17.45 -77.99
N GLU B 292 -7.00 18.20 -78.34
CA GLU B 292 -6.79 18.49 -79.76
C GLU B 292 -6.39 17.24 -80.56
N VAL B 293 -5.53 16.42 -79.96
CA VAL B 293 -5.24 15.12 -80.58
C VAL B 293 -6.57 14.38 -80.80
N ASP B 294 -7.44 14.41 -79.79
CA ASP B 294 -8.71 13.73 -79.85
C ASP B 294 -9.65 14.23 -80.93
N ARG B 295 -9.73 15.56 -81.08
CA ARG B 295 -10.52 16.16 -82.13
C ARG B 295 -9.96 15.70 -83.47
N ARG B 296 -8.63 15.79 -83.63
CA ARG B 296 -7.96 15.44 -84.90
C ARG B 296 -8.21 13.96 -85.25
N GLU B 297 -8.10 13.12 -84.23
CA GLU B 297 -8.34 11.70 -84.38
C GLU B 297 -9.79 11.41 -84.73
N THR B 298 -10.73 11.99 -83.99
CA THR B 298 -12.14 11.70 -84.23
C THR B 298 -12.61 12.29 -85.58
N ASP B 299 -11.94 13.34 -86.05
CA ASP B 299 -12.15 13.85 -87.40
C ASP B 299 -11.87 12.77 -88.45
N ALA B 300 -10.71 12.13 -88.38
CA ALA B 300 -10.38 11.07 -89.34
C ALA B 300 -11.37 9.89 -89.26
N VAL B 301 -11.65 9.43 -88.04
CA VAL B 301 -12.66 8.40 -87.80
C VAL B 301 -14.01 8.79 -88.39
N TRP B 302 -14.44 10.02 -88.14
CA TRP B 302 -15.66 10.53 -88.71
C TRP B 302 -15.65 10.32 -90.23
N LEU B 303 -14.70 10.94 -90.93
CA LEU B 303 -14.54 10.75 -92.38
C LEU B 303 -14.44 9.29 -92.82
N ALA B 304 -13.93 8.43 -91.95
CA ALA B 304 -13.73 7.03 -92.31
C ALA B 304 -15.02 6.23 -92.25
N THR B 305 -15.99 6.69 -91.48
CA THR B 305 -17.16 5.86 -91.19
C THR B 305 -18.49 6.42 -91.75
N GLN B 306 -18.49 7.65 -92.27
CA GLN B 306 -19.71 8.25 -92.83
C GLN B 306 -19.94 7.94 -94.31
N ASN B 307 -21.20 7.97 -94.73
CA ASN B 307 -21.56 7.88 -96.15
C ASN B 307 -21.30 9.22 -96.86
N HIS B 308 -21.00 9.17 -98.16
CA HIS B 308 -20.67 10.38 -98.92
C HIS B 308 -21.82 11.38 -98.88
N SER B 309 -23.00 10.88 -98.56
CA SER B 309 -24.18 11.71 -98.35
C SER B 309 -24.02 12.63 -97.13
N THR B 310 -23.65 12.04 -95.99
CA THR B 310 -23.61 12.77 -94.72
C THR B 310 -22.56 13.88 -94.69
N LEU B 311 -21.34 13.57 -95.13
CA LEU B 311 -20.23 14.53 -95.07
C LEU B 311 -20.40 15.70 -96.04
N VAL B 312 -20.83 15.40 -97.27
CA VAL B 312 -21.11 16.43 -98.27
C VAL B 312 -22.36 17.24 -97.91
N THR B 313 -23.40 16.57 -97.42
CA THR B 313 -24.62 17.24 -97.01
C THR B 313 -24.85 17.08 -95.51
N VAL B 318 -17.56 21.72 -86.28
CA VAL B 318 -16.70 22.75 -85.68
C VAL B 318 -15.22 22.41 -85.91
N PRO B 319 -14.50 23.34 -86.59
CA PRO B 319 -13.15 23.09 -87.13
C PRO B 319 -12.05 23.23 -86.09
N PHE B 320 -12.44 23.36 -84.83
CA PHE B 320 -11.52 23.53 -83.72
C PHE B 320 -12.23 23.12 -82.43
N LEU B 321 -11.54 23.14 -81.30
CA LEU B 321 -12.13 22.66 -80.05
C LEU B 321 -13.28 23.57 -79.69
N PRO B 322 -14.42 22.97 -79.37
CA PRO B 322 -15.56 23.75 -78.89
C PRO B 322 -15.21 24.47 -77.61
N VAL B 323 -15.96 25.53 -77.34
CA VAL B 323 -15.79 26.34 -76.15
C VAL B 323 -16.23 25.58 -74.93
N ASN B 324 -15.46 25.70 -73.86
CA ASN B 324 -15.84 25.16 -72.58
C ASN B 324 -16.17 26.33 -71.67
N PRO B 325 -17.47 26.52 -71.37
CA PRO B 325 -17.97 27.65 -70.59
C PRO B 325 -17.20 27.85 -69.28
N GLU B 326 -16.76 26.77 -68.67
CA GLU B 326 -16.04 26.86 -67.40
C GLU B 326 -14.56 27.31 -67.56
N TYR B 327 -14.06 27.36 -68.79
CA TYR B 327 -12.72 27.90 -69.06
C TYR B 327 -12.84 29.38 -69.36
N SER B 328 -11.81 30.16 -69.07
CA SER B 328 -11.78 31.56 -69.50
C SER B 328 -11.63 31.67 -71.00
N SER B 329 -11.93 32.84 -71.55
CA SER B 329 -11.77 33.11 -72.98
C SER B 329 -10.36 32.78 -73.50
N THR B 330 -9.36 32.91 -72.63
CA THR B 330 -7.95 32.79 -73.01
C THR B 330 -7.53 31.32 -73.08
N ARG B 331 -7.90 30.57 -72.05
CA ARG B 331 -7.81 29.12 -72.05
C ARG B 331 -8.45 28.58 -73.33
N ASN B 332 -9.69 29.01 -73.58
CA ASN B 332 -10.41 28.69 -74.80
C ASN B 332 -9.72 29.18 -76.10
N GLN B 333 -9.15 30.40 -76.07
CA GLN B 333 -8.43 30.91 -77.24
C GLN B 333 -7.27 29.99 -77.55
N GLY B 334 -6.50 29.67 -76.53
CA GLY B 334 -5.37 28.78 -76.67
C GLY B 334 -5.77 27.43 -77.22
N ARG B 335 -6.89 26.91 -76.72
CA ARG B 335 -7.35 25.57 -77.14
C ARG B 335 -7.82 25.59 -78.58
N GLN B 336 -8.39 26.71 -79.01
CA GLN B 336 -8.74 26.81 -80.41
C GLN B 336 -7.53 27.13 -81.26
N LYS B 337 -6.53 27.84 -80.71
CA LYS B 337 -5.37 28.15 -81.53
C LYS B 337 -4.64 26.86 -81.92
N LEU B 338 -4.80 25.79 -81.14
CA LEU B 338 -4.22 24.49 -81.46
C LEU B 338 -4.66 23.95 -82.85
N ALA B 339 -5.88 24.27 -83.28
CA ALA B 339 -6.37 23.79 -84.58
C ALA B 339 -5.62 24.33 -85.80
N ARG B 340 -4.90 25.44 -85.66
CA ARG B 340 -4.23 25.99 -86.83
C ARG B 340 -2.80 25.46 -86.93
N PHE B 341 -2.36 24.70 -85.91
CA PHE B 341 -1.07 24.03 -85.98
C PHE B 341 -1.14 23.13 -87.17
N ASN B 342 -0.18 23.24 -88.08
CA ASN B 342 -0.09 22.26 -89.14
C ASN B 342 0.55 20.98 -88.60
N ALA B 343 0.69 19.97 -89.46
CA ALA B 343 1.24 18.69 -89.05
C ALA B 343 2.62 18.79 -88.37
N HIS B 344 3.55 19.56 -88.93
CA HIS B 344 4.90 19.64 -88.38
C HIS B 344 4.91 20.39 -87.05
N GLU B 345 4.12 21.46 -86.94
CA GLU B 345 4.09 22.25 -85.72
C GLU B 345 3.48 21.47 -84.56
N PHE B 346 2.52 20.60 -84.89
CA PHE B 346 1.81 19.86 -83.85
C PHE B 346 2.65 18.68 -83.33
N ALA B 347 3.35 18.01 -84.22
CA ALA B 347 4.16 16.89 -83.81
C ALA B 347 5.31 17.41 -82.99
N THR B 348 5.73 18.64 -83.29
CA THR B 348 6.84 19.21 -82.55
C THR B 348 6.37 19.50 -81.14
N LEU B 349 5.13 19.96 -80.99
CA LEU B 349 4.60 20.25 -79.66
C LEU B 349 4.38 18.94 -78.88
N VAL B 350 3.86 17.92 -79.55
CA VAL B 350 3.60 16.62 -78.91
C VAL B 350 4.89 15.95 -78.43
N ILE B 351 5.91 15.98 -79.28
CA ILE B 351 7.17 15.39 -78.90
C ILE B 351 7.73 16.09 -77.65
N ASP B 352 7.66 17.40 -77.61
CA ASP B 352 8.18 18.10 -76.45
C ASP B 352 7.37 17.78 -75.18
N ILE B 353 6.04 17.79 -75.28
CA ILE B 353 5.24 17.46 -74.11
C ILE B 353 5.56 16.05 -73.63
N LEU B 354 5.58 15.09 -74.54
CA LEU B 354 5.96 13.73 -74.17
C LEU B 354 7.33 13.69 -73.45
N SER B 355 8.37 14.30 -74.02
CA SER B 355 9.69 14.10 -73.41
C SER B 355 9.83 14.89 -72.12
N ASP B 356 9.07 15.97 -71.96
CA ASP B 356 9.16 16.71 -70.71
C ASP B 356 8.21 16.10 -69.66
N ALA B 357 7.13 15.48 -70.12
CA ALA B 357 6.29 14.72 -69.23
C ALA B 357 7.16 13.72 -68.47
N LYS B 358 8.02 13.04 -69.25
CA LYS B 358 8.93 12.03 -68.71
C LYS B 358 9.99 12.64 -67.80
N ARG B 359 10.51 13.81 -68.15
CA ARG B 359 11.55 14.45 -67.32
C ARG B 359 11.03 14.86 -65.94
N ARG B 360 9.75 15.21 -65.87
CA ARG B 360 9.13 15.66 -64.63
C ARG B 360 8.77 14.49 -63.72
N GLN B 361 8.45 13.34 -64.30
CA GLN B 361 8.13 12.15 -63.50
C GLN B 361 9.38 11.58 -62.86
N GLN B 362 10.52 11.78 -63.52
CA GLN B 362 11.80 11.25 -63.04
C GLN B 362 12.21 11.89 -61.72
N GLY B 363 11.73 13.12 -61.48
CA GLY B 363 12.02 13.84 -60.26
C GLY B 363 13.01 14.98 -60.46
N ARG C 10 -11.98 40.27 -6.70
CA ARG C 10 -12.65 40.05 -5.42
C ARG C 10 -12.62 38.57 -5.01
N SER C 11 -13.36 37.73 -5.74
CA SER C 11 -13.42 36.29 -5.44
C SER C 11 -12.06 35.60 -5.53
N SER C 12 -11.19 36.10 -6.42
CA SER C 12 -9.81 35.60 -6.63
C SER C 12 -8.89 35.52 -5.42
N ASP C 13 -9.14 36.34 -4.41
CA ASP C 13 -8.23 36.44 -3.27
C ASP C 13 -8.38 35.24 -2.33
N VAL C 14 -9.39 34.41 -2.59
CA VAL C 14 -9.85 33.41 -1.64
C VAL C 14 -10.13 32.04 -2.32
N CYS C 15 -10.13 30.96 -1.54
CA CYS C 15 -10.44 29.63 -2.10
C CYS C 15 -11.95 29.45 -2.23
N ALA C 16 -12.42 29.10 -3.41
CA ALA C 16 -13.85 28.83 -3.62
C ALA C 16 -14.48 27.76 -2.71
N ASP C 17 -13.70 26.83 -2.19
CA ASP C 17 -14.29 25.68 -1.53
C ASP C 17 -14.21 25.81 0.00
N CYS C 18 -13.26 26.61 0.48
CA CYS C 18 -13.08 26.77 1.93
C CYS C 18 -12.76 28.20 2.41
N ASN C 19 -12.66 29.13 1.47
CA ASN C 19 -12.37 30.54 1.79
C ASN C 19 -10.98 30.81 2.33
N GLY C 20 -10.10 29.82 2.23
CA GLY C 20 -8.71 30.05 2.59
C GLY C 20 -8.07 31.08 1.69
N PRO C 21 -7.16 31.89 2.24
CA PRO C 21 -6.58 32.98 1.44
C PRO C 21 -5.63 32.49 0.34
N ASP C 22 -5.43 33.34 -0.68
CA ASP C 22 -4.44 33.16 -1.75
C ASP C 22 -4.36 31.76 -2.37
N PRO C 23 -5.41 31.37 -3.10
CA PRO C 23 -5.48 30.08 -3.79
C PRO C 23 -4.46 29.97 -4.93
N SER C 24 -3.93 28.77 -5.18
CA SER C 24 -2.89 28.60 -6.21
C SER C 24 -3.26 27.64 -7.36
N TRP C 25 -4.46 27.09 -7.31
CA TRP C 25 -4.91 26.21 -8.39
C TRP C 25 -6.22 26.69 -8.94
N ALA C 26 -6.47 26.34 -10.19
CA ALA C 26 -7.78 26.51 -10.76
C ALA C 26 -8.36 25.14 -10.97
N SER C 27 -9.68 25.04 -10.84
CA SER C 27 -10.43 23.98 -11.49
C SER C 27 -11.07 24.60 -12.74
N VAL C 28 -10.53 24.24 -13.90
CA VAL C 28 -10.83 24.97 -15.14
C VAL C 28 -12.27 24.85 -15.63
N ASN C 29 -12.83 23.65 -15.55
CA ASN C 29 -14.19 23.40 -16.03
C ASN C 29 -15.24 23.94 -15.06
N ARG C 30 -14.81 24.23 -13.83
CA ARG C 30 -15.74 24.73 -12.81
C ARG C 30 -15.67 26.24 -12.66
N GLY C 31 -14.69 26.87 -13.29
CA GLY C 31 -14.59 28.31 -13.27
C GLY C 31 -14.25 28.79 -11.88
N THR C 32 -13.33 28.07 -11.25
CA THR C 32 -13.10 28.27 -9.84
C THR C 32 -11.58 28.25 -9.54
N PHE C 33 -11.16 29.02 -8.53
CA PHE C 33 -9.77 28.95 -8.00
C PHE C 33 -9.81 28.24 -6.64
N ILE C 34 -8.80 27.42 -6.34
CA ILE C 34 -8.77 26.69 -5.06
C ILE C 34 -7.37 26.65 -4.43
N CYS C 35 -7.33 26.31 -3.14
CA CYS C 35 -6.06 26.16 -2.40
C CYS C 35 -5.48 24.75 -2.54
N ASP C 36 -4.30 24.51 -1.98
CA ASP C 36 -3.65 23.20 -2.09
C ASP C 36 -4.45 22.10 -1.42
N GLU C 37 -4.92 22.39 -0.22
CA GLU C 37 -5.62 21.39 0.56
C GLU C 37 -6.85 20.88 -0.17
N CYS C 38 -7.59 21.81 -0.76
CA CYS C 38 -8.79 21.45 -1.48
C CYS C 38 -8.46 20.77 -2.82
N CYS C 39 -7.40 21.23 -3.48
CA CYS C 39 -7.01 20.68 -4.77
C CYS C 39 -6.62 19.18 -4.70
N SER C 40 -6.00 18.76 -3.59
CA SER C 40 -5.66 17.35 -3.38
C SER C 40 -6.89 16.44 -3.47
N VAL C 41 -8.04 16.95 -2.98
CA VAL C 41 -9.31 16.25 -3.08
C VAL C 41 -9.85 16.27 -4.51
N HIS C 42 -9.87 17.45 -5.12
CA HIS C 42 -10.22 17.60 -6.52
C HIS C 42 -9.49 16.56 -7.38
N ARG C 43 -8.17 16.43 -7.14
CA ARG C 43 -7.33 15.49 -7.86
C ARG C 43 -7.87 14.08 -7.77
N SER C 44 -8.40 13.73 -6.60
CA SER C 44 -8.85 12.37 -6.35
C SER C 44 -10.20 12.06 -7.02
N LEU C 45 -10.84 13.09 -7.54
CA LEU C 45 -12.15 12.94 -8.19
C LEU C 45 -12.08 12.64 -9.71
N GLY C 46 -10.97 12.99 -10.36
CA GLY C 46 -10.90 12.80 -11.81
C GLY C 46 -11.39 13.96 -12.68
N ARG C 47 -10.91 14.01 -13.92
CA ARG C 47 -11.15 15.16 -14.79
C ARG C 47 -12.58 15.27 -15.28
N HIS C 48 -13.32 14.16 -15.27
CA HIS C 48 -14.74 14.23 -15.61
C HIS C 48 -15.50 15.05 -14.57
N ILE C 49 -14.86 15.38 -13.46
CA ILE C 49 -15.51 16.19 -12.43
C ILE C 49 -14.82 17.56 -12.26
N SER C 50 -13.50 17.55 -12.09
CA SER C 50 -12.72 18.77 -11.94
C SER C 50 -11.44 18.64 -12.76
N GLN C 51 -11.21 19.58 -13.68
CA GLN C 51 -9.95 19.69 -14.42
C GLN C 51 -8.99 20.68 -13.73
N VAL C 52 -7.94 20.13 -13.12
CA VAL C 52 -7.06 20.87 -12.24
C VAL C 52 -5.82 21.44 -12.95
N ARG C 53 -5.56 22.72 -12.78
CA ARG C 53 -4.30 23.29 -13.23
C ARG C 53 -3.76 24.29 -12.22
N HIS C 54 -2.44 24.33 -12.11
CA HIS C 54 -1.78 25.24 -11.19
C HIS C 54 -1.72 26.61 -11.83
N LEU C 55 -1.93 27.65 -11.02
CA LEU C 55 -2.01 29.02 -11.54
C LEU C 55 -0.66 29.67 -11.95
N LYS C 56 0.42 29.45 -11.20
CA LYS C 56 1.67 30.18 -11.49
C LYS C 56 2.82 29.33 -12.03
N HIS C 57 2.78 28.03 -11.77
CA HIS C 57 3.88 27.14 -12.16
C HIS C 57 4.21 27.17 -13.67
N THR C 58 3.20 27.37 -14.52
CA THR C 58 3.43 27.40 -15.96
C THR C 58 2.50 28.38 -16.64
N ALA C 59 3.04 29.21 -17.54
CA ALA C 59 2.24 30.17 -18.31
C ALA C 59 1.05 29.47 -18.98
N TRP C 60 -0.13 30.04 -18.80
CA TRP C 60 -1.33 29.53 -19.45
C TRP C 60 -1.45 30.24 -20.80
N PRO C 61 -2.22 29.63 -21.73
CA PRO C 61 -2.87 30.49 -22.73
C PRO C 61 -3.54 31.66 -22.01
N PRO C 62 -3.12 32.90 -22.29
CA PRO C 62 -3.61 34.06 -21.54
C PRO C 62 -5.13 34.06 -21.47
N THR C 63 -5.69 33.86 -22.65
CA THR C 63 -7.12 34.02 -22.87
C THR C 63 -7.87 32.94 -22.07
N LEU C 64 -7.24 31.79 -21.87
CA LEU C 64 -7.87 30.72 -21.11
C LEU C 64 -7.95 31.07 -19.62
N LEU C 65 -6.85 31.56 -19.06
CA LEU C 65 -6.79 31.94 -17.65
C LEU C 65 -7.74 33.10 -17.42
N GLN C 66 -7.79 34.03 -18.38
CA GLN C 66 -8.70 35.16 -18.30
C GLN C 66 -10.14 34.65 -18.25
N MET C 67 -10.39 33.54 -18.91
CA MET C 67 -11.71 32.93 -18.87
C MET C 67 -12.05 32.44 -17.47
N VAL C 68 -11.14 31.74 -16.81
CA VAL C 68 -11.46 31.11 -15.53
C VAL C 68 -11.56 32.14 -14.43
N GLU C 69 -10.64 33.11 -14.41
CA GLU C 69 -10.70 34.16 -13.38
C GLU C 69 -11.95 35.04 -13.56
N THR C 70 -12.41 35.20 -14.81
CA THR C 70 -13.61 35.99 -15.09
C THR C 70 -14.87 35.25 -14.65
N LEU C 71 -14.91 33.94 -14.87
CA LEU C 71 -16.03 33.11 -14.47
C LEU C 71 -16.14 33.07 -12.93
N TYR C 72 -15.00 32.94 -12.26
CA TYR C 72 -14.99 32.82 -10.81
C TYR C 72 -15.37 34.15 -10.19
N ASN C 73 -14.98 35.25 -10.83
CA ASN C 73 -15.30 36.57 -10.32
C ASN C 73 -16.68 37.06 -10.73
N ASN C 74 -17.34 36.30 -11.58
CA ASN C 74 -18.73 36.58 -11.88
C ASN C 74 -19.62 35.34 -11.72
N GLY C 75 -19.75 34.86 -10.49
CA GLY C 75 -20.84 33.97 -10.13
C GLY C 75 -20.70 32.50 -10.49
N ALA C 76 -19.47 32.02 -10.62
CA ALA C 76 -19.26 30.60 -10.81
C ALA C 76 -19.74 29.88 -9.56
N ASN C 77 -19.36 30.41 -8.41
CA ASN C 77 -19.77 29.79 -7.18
C ASN C 77 -21.28 29.97 -6.92
N SER C 78 -21.90 30.99 -7.49
CA SER C 78 -23.35 31.17 -7.32
C SER C 78 -24.12 29.98 -7.94
N ILE C 79 -23.48 29.31 -8.88
CA ILE C 79 -24.04 28.11 -9.48
C ILE C 79 -23.85 26.91 -8.54
N TRP C 80 -22.60 26.53 -8.32
CA TRP C 80 -22.29 25.38 -7.48
C TRP C 80 -22.71 25.54 -6.02
N GLU C 81 -22.84 26.78 -5.55
CA GLU C 81 -23.16 26.95 -4.14
C GLU C 81 -24.55 27.57 -3.95
N HIS C 82 -25.37 27.54 -5.00
CA HIS C 82 -26.68 28.19 -5.00
C HIS C 82 -27.48 28.00 -3.71
N SER C 83 -27.90 26.77 -3.44
CA SER C 83 -28.60 26.41 -2.19
C SER C 83 -28.03 26.98 -0.86
N LEU C 84 -26.71 27.16 -0.79
CA LEU C 84 -26.07 27.74 0.40
C LEU C 84 -26.15 29.27 0.42
N LEU C 85 -26.45 29.87 -0.74
CA LEU C 85 -26.57 31.33 -0.90
C LEU C 85 -28.01 31.81 -0.74
N ASP C 86 -28.94 31.02 -1.29
CA ASP C 86 -30.39 31.25 -1.22
C ASP C 86 -30.87 31.36 0.23
N PRO C 87 -31.30 32.57 0.63
CA PRO C 87 -31.68 32.82 2.03
C PRO C 87 -32.71 31.84 2.60
N ALA C 88 -33.63 31.36 1.77
CA ALA C 88 -34.67 30.43 2.20
C ALA C 88 -34.15 29.03 2.53
N SER C 89 -33.03 28.66 1.91
CA SER C 89 -32.50 27.30 2.02
C SER C 89 -31.38 27.16 3.04
N ILE C 90 -30.98 28.27 3.65
CA ILE C 90 -29.83 28.23 4.56
C ILE C 90 -30.20 27.51 5.85
N MET C 91 -29.41 26.49 6.18
CA MET C 91 -29.61 25.69 7.39
C MET C 91 -28.30 25.09 7.90
N SER C 92 -28.33 24.64 9.16
CA SER C 92 -27.13 24.23 9.89
C SER C 92 -26.45 23.00 9.31
N GLY C 93 -27.23 22.11 8.69
CA GLY C 93 -26.70 20.87 8.14
C GLY C 93 -25.94 20.99 6.82
N ARG C 94 -26.11 22.11 6.14
CA ARG C 94 -25.37 22.33 4.91
C ARG C 94 -24.43 23.52 5.14
N ARG C 95 -23.19 23.22 5.52
CA ARG C 95 -22.22 24.24 5.86
C ARG C 95 -20.97 24.11 5.03
N LYS C 96 -20.66 25.18 4.31
CA LYS C 96 -19.39 25.29 3.60
C LYS C 96 -18.22 25.17 4.58
N ALA C 97 -17.13 24.58 4.12
CA ALA C 97 -15.97 24.35 4.99
C ALA C 97 -15.30 25.67 5.37
N ASN C 98 -14.73 25.74 6.58
CA ASN C 98 -13.93 26.91 7.02
C ASN C 98 -12.46 26.65 6.63
N PRO C 99 -11.61 27.69 6.60
CA PRO C 99 -10.23 27.43 6.13
C PRO C 99 -9.41 26.46 6.99
N GLN C 100 -9.51 26.52 8.31
CA GLN C 100 -8.73 25.61 9.14
C GLN C 100 -9.52 24.33 9.46
N ASP C 101 -10.55 24.04 8.66
CA ASP C 101 -11.24 22.74 8.71
C ASP C 101 -10.29 21.59 8.35
N LYS C 102 -10.48 20.43 8.98
CA LYS C 102 -9.67 19.25 8.66
C LYS C 102 -9.94 18.86 7.20
N VAL C 103 -8.90 18.43 6.48
CA VAL C 103 -9.04 18.05 5.07
C VAL C 103 -9.96 16.84 4.93
N HIS C 104 -9.79 15.87 5.83
CA HIS C 104 -10.67 14.71 5.90
C HIS C 104 -11.26 14.62 7.30
N PRO C 105 -12.60 14.48 7.40
CA PRO C 105 -13.52 14.45 6.26
C PRO C 105 -14.06 15.83 5.87
N ASN C 106 -13.82 16.83 6.68
CA ASN C 106 -14.55 18.05 6.56
C ASN C 106 -14.47 18.83 5.30
N LYS C 107 -13.30 19.19 4.84
CA LYS C 107 -13.17 19.75 3.52
C LYS C 107 -13.56 18.81 2.43
N ALA C 108 -13.22 17.54 2.56
CA ALA C 108 -13.40 16.60 1.48
C ALA C 108 -14.80 16.28 1.17
N GLU C 109 -15.62 16.18 2.20
CA GLU C 109 -16.99 15.79 2.04
C GLU C 109 -17.73 16.94 1.45
N PHE C 110 -17.30 18.12 1.77
CA PHE C 110 -17.86 19.30 1.14
C PHE C 110 -17.62 19.32 -0.37
N ILE C 111 -16.38 19.08 -0.78
CA ILE C 111 -16.00 19.17 -2.18
C ILE C 111 -16.72 18.11 -2.99
N ARG C 112 -16.78 16.88 -2.48
CA ARG C 112 -17.51 15.82 -3.17
C ARG C 112 -18.97 16.19 -3.27
N ALA C 113 -19.51 16.75 -2.19
CA ALA C 113 -20.88 17.20 -2.21
C ALA C 113 -21.05 18.34 -3.20
N LYS C 114 -20.14 19.29 -3.19
CA LYS C 114 -20.25 20.46 -4.04
C LYS C 114 -20.22 20.13 -5.56
N TYR C 115 -19.22 19.38 -5.99
CA TYR C 115 -19.02 19.19 -7.42
C TYR C 115 -19.44 17.82 -7.96
N GLN C 116 -19.16 16.75 -7.20
CA GLN C 116 -19.52 15.39 -7.60
C GLN C 116 -21.00 15.10 -7.35
N MET C 117 -21.45 15.38 -6.14
CA MET C 117 -22.84 15.17 -5.78
C MET C 117 -23.79 16.24 -6.31
N LEU C 118 -23.25 17.38 -6.75
CA LEU C 118 -24.09 18.52 -7.13
C LEU C 118 -25.18 18.79 -6.09
N ALA C 119 -24.81 18.72 -4.82
CA ALA C 119 -25.74 18.89 -3.72
C ALA C 119 -26.42 20.26 -3.64
N PHE C 120 -25.77 21.31 -4.09
CA PHE C 120 -26.24 22.65 -3.79
C PHE C 120 -26.70 23.47 -4.95
N VAL C 121 -26.81 22.88 -6.11
CA VAL C 121 -27.22 23.56 -7.31
C VAL C 121 -28.71 23.76 -7.36
N HIS C 122 -29.17 24.70 -8.17
CA HIS C 122 -30.58 24.92 -8.30
C HIS C 122 -31.31 23.74 -8.91
N ARG C 123 -30.85 23.25 -10.04
CA ARG C 123 -31.49 22.13 -10.69
C ARG C 123 -30.44 21.21 -11.14
N LEU C 124 -30.66 19.91 -10.99
CA LEU C 124 -29.73 18.91 -11.48
C LEU C 124 -29.71 18.91 -12.97
N PRO C 125 -28.62 18.39 -13.54
CA PRO C 125 -28.59 18.23 -15.00
C PRO C 125 -29.50 17.11 -15.42
N CYS C 126 -30.12 17.26 -16.59
CA CYS C 126 -30.95 16.21 -17.17
C CYS C 126 -30.13 14.94 -17.38
N ARG C 127 -30.81 13.79 -17.35
CA ARG C 127 -30.17 12.53 -17.70
C ARG C 127 -29.70 12.65 -19.13
N GLU C 128 -28.48 12.16 -19.42
CA GLU C 128 -27.94 12.23 -20.79
C GLU C 128 -28.88 11.60 -21.81
N ASP C 129 -29.75 10.71 -21.34
CA ASP C 129 -30.75 10.03 -22.17
C ASP C 129 -31.97 10.92 -22.45
N ASP C 130 -32.04 12.06 -21.77
CA ASP C 130 -33.16 13.01 -21.93
C ASP C 130 -33.01 13.89 -23.18
N SER C 131 -33.30 13.32 -24.35
CA SER C 131 -33.14 14.00 -25.64
C SER C 131 -33.77 15.37 -25.70
N VAL C 132 -35.09 15.40 -25.58
CA VAL C 132 -35.88 16.63 -25.73
C VAL C 132 -35.29 17.79 -24.94
N THR C 133 -35.05 17.55 -23.65
CA THR C 133 -34.50 18.57 -22.76
C THR C 133 -33.15 19.02 -23.26
N ALA C 134 -32.23 18.06 -23.37
CA ALA C 134 -30.89 18.32 -23.87
C ALA C 134 -30.88 19.22 -25.12
N LYS C 135 -31.69 18.87 -26.12
CA LYS C 135 -31.79 19.68 -27.33
C LYS C 135 -32.24 21.10 -26.96
N ASP C 136 -33.22 21.22 -26.09
CA ASP C 136 -33.69 22.54 -25.72
C ASP C 136 -32.61 23.39 -25.03
N LEU C 137 -31.85 22.77 -24.13
CA LEU C 137 -30.79 23.48 -23.43
C LEU C 137 -29.70 23.87 -24.42
N SER C 138 -29.38 22.95 -25.31
CA SER C 138 -28.32 23.17 -26.29
C SER C 138 -28.69 24.28 -27.26
N LYS C 139 -29.96 24.32 -27.67
CA LYS C 139 -30.46 25.39 -28.52
C LYS C 139 -30.35 26.71 -27.79
N GLN C 140 -30.53 26.65 -26.48
CA GLN C 140 -30.44 27.84 -25.66
C GLN C 140 -28.99 28.27 -25.56
N LEU C 141 -28.08 27.30 -25.39
CA LEU C 141 -26.66 27.61 -25.35
C LEU C 141 -26.21 28.26 -26.66
N HIS C 142 -26.77 27.77 -27.76
CA HIS C 142 -26.43 28.19 -29.12
C HIS C 142 -26.82 29.64 -29.34
N SER C 143 -27.96 30.03 -28.79
CA SER C 143 -28.41 31.41 -28.90
C SER C 143 -27.66 32.26 -27.90
N SER C 144 -27.40 31.68 -26.72
CA SER C 144 -26.70 32.37 -25.62
C SER C 144 -25.31 32.87 -25.89
N VAL C 145 -24.51 32.15 -26.64
CA VAL C 145 -23.11 32.49 -26.63
C VAL C 145 -22.81 33.70 -27.51
N ARG C 146 -23.75 34.08 -28.36
CA ARG C 146 -23.56 35.24 -29.22
C ARG C 146 -23.35 36.54 -28.45
N THR C 147 -24.26 36.83 -27.53
CA THR C 147 -24.23 38.09 -26.79
C THR C 147 -24.07 37.85 -25.31
N GLY C 148 -24.42 36.65 -24.86
CA GLY C 148 -24.48 36.35 -23.44
C GLY C 148 -23.17 36.43 -22.71
N ASN C 149 -23.26 36.25 -21.39
CA ASN C 149 -22.10 36.32 -20.51
C ASN C 149 -21.68 34.92 -20.06
N LEU C 150 -20.53 34.82 -19.38
CA LEU C 150 -20.01 33.51 -19.02
C LEU C 150 -20.90 32.74 -18.05
N GLU C 151 -21.53 33.42 -17.08
CA GLU C 151 -22.37 32.70 -16.13
C GLU C 151 -23.52 31.96 -16.83
N THR C 152 -24.18 32.63 -17.76
CA THR C 152 -25.27 31.99 -18.50
C THR C 152 -24.76 30.78 -19.28
N CYS C 153 -23.56 30.90 -19.84
CA CYS C 153 -22.99 29.80 -20.57
C CYS C 153 -22.71 28.61 -19.64
N LEU C 154 -22.08 28.87 -18.51
CA LEU C 154 -21.70 27.78 -17.61
C LEU C 154 -22.92 27.15 -16.94
N ARG C 155 -23.88 27.98 -16.52
CA ARG C 155 -25.12 27.48 -15.96
C ARG C 155 -25.80 26.54 -16.95
N LEU C 156 -25.93 27.00 -18.20
CA LEU C 156 -26.51 26.20 -19.24
C LEU C 156 -25.80 24.86 -19.42
N LEU C 157 -24.47 24.87 -19.37
CA LEU C 157 -23.73 23.63 -19.52
C LEU C 157 -23.95 22.75 -18.29
N SER C 158 -24.00 23.38 -17.12
CA SER C 158 -24.20 22.60 -15.89
C SER C 158 -25.53 21.86 -15.97
N LEU C 159 -26.55 22.52 -16.50
CA LEU C 159 -27.88 21.97 -16.67
C LEU C 159 -27.99 20.85 -17.71
N GLY C 160 -26.96 20.64 -18.52
CA GLY C 160 -27.00 19.54 -19.48
C GLY C 160 -26.90 19.91 -20.94
N ALA C 161 -26.81 21.20 -21.22
CA ALA C 161 -26.54 21.68 -22.58
C ALA C 161 -25.24 21.07 -23.11
N GLN C 162 -25.23 20.81 -24.41
CA GLN C 162 -24.10 20.17 -25.08
C GLN C 162 -23.28 21.17 -25.88
N ALA C 163 -22.00 21.30 -25.56
CA ALA C 163 -21.19 22.38 -26.16
C ALA C 163 -20.92 22.17 -27.64
N ASN C 164 -20.99 20.92 -28.06
CA ASN C 164 -20.68 20.55 -29.43
C ASN C 164 -21.94 20.28 -30.23
N PHE C 165 -23.05 20.80 -29.73
CA PHE C 165 -24.37 20.67 -30.36
C PHE C 165 -24.38 21.17 -31.79
N PHE C 166 -25.06 20.44 -32.67
CA PHE C 166 -25.25 20.88 -34.04
C PHE C 166 -26.72 21.24 -34.24
N HIS C 167 -27.01 22.54 -34.27
CA HIS C 167 -28.37 23.05 -34.49
C HIS C 167 -28.92 22.49 -35.78
N PRO C 168 -30.06 21.76 -35.70
CA PRO C 168 -30.67 21.13 -36.87
C PRO C 168 -31.30 22.13 -37.85
N GLU C 169 -31.77 23.26 -37.33
CA GLU C 169 -32.35 24.30 -38.16
C GLU C 169 -31.31 25.31 -38.64
N LYS C 170 -30.58 25.93 -37.69
CA LYS C 170 -29.67 27.04 -38.02
C LYS C 170 -28.31 26.57 -38.56
N GLY C 171 -28.07 25.26 -38.56
CA GLY C 171 -26.94 24.66 -39.26
C GLY C 171 -25.52 24.82 -38.70
N SER C 172 -25.37 25.14 -37.43
CA SER C 172 -24.06 25.39 -36.84
C SER C 172 -23.97 24.94 -35.38
N THR C 173 -22.79 25.08 -34.78
CA THR C 173 -22.57 24.73 -33.38
C THR C 173 -22.41 25.99 -32.51
N PRO C 174 -22.45 25.85 -31.18
CA PRO C 174 -22.23 27.06 -30.38
C PRO C 174 -20.91 27.77 -30.71
N LEU C 175 -19.84 27.02 -30.90
CA LEU C 175 -18.53 27.62 -31.23
C LEU C 175 -18.55 28.52 -32.48
N HIS C 176 -19.23 28.10 -33.54
CA HIS C 176 -19.48 28.95 -34.72
C HIS C 176 -20.13 30.30 -34.40
N VAL C 177 -21.06 30.28 -33.45
CA VAL C 177 -21.73 31.50 -33.06
C VAL C 177 -20.78 32.35 -32.23
N ALA C 178 -20.06 31.70 -31.32
CA ALA C 178 -19.13 32.41 -30.47
C ALA C 178 -18.02 33.02 -31.32
N SER C 179 -17.48 32.23 -32.25
CA SER C 179 -16.38 32.67 -33.09
C SER C 179 -16.78 33.80 -34.01
N LYS C 180 -17.95 33.67 -34.64
CA LYS C 180 -18.43 34.69 -35.58
C LYS C 180 -18.56 36.00 -34.85
N ALA C 181 -18.98 35.93 -33.60
CA ALA C 181 -19.25 37.12 -32.81
C ALA C 181 -17.99 37.58 -32.08
N GLY C 182 -16.92 36.80 -32.20
CA GLY C 182 -15.66 37.18 -31.59
C GLY C 182 -15.63 36.96 -30.09
N GLN C 183 -16.57 36.19 -29.57
CA GLN C 183 -16.68 36.00 -28.13
C GLN C 183 -15.62 35.04 -27.64
N ILE C 184 -14.41 35.53 -27.48
CA ILE C 184 -13.27 34.69 -27.18
C ILE C 184 -13.33 33.93 -25.82
N LEU C 185 -13.80 34.54 -24.74
CA LEU C 185 -13.85 33.81 -23.48
C LEU C 185 -14.91 32.71 -23.52
N GLN C 186 -15.97 32.94 -24.30
CA GLN C 186 -17.04 31.95 -24.47
C GLN C 186 -16.52 30.74 -25.25
N ALA C 187 -15.84 31.01 -26.36
CA ALA C 187 -15.18 30.01 -27.16
C ALA C 187 -14.35 29.17 -26.24
N GLU C 188 -13.50 29.85 -25.49
CA GLU C 188 -12.62 29.20 -24.56
C GLU C 188 -13.38 28.24 -23.60
N LEU C 189 -14.53 28.67 -23.08
CA LEU C 189 -15.31 27.82 -22.18
C LEU C 189 -15.94 26.61 -22.86
N LEU C 190 -16.57 26.86 -24.02
CA LEU C 190 -17.08 25.80 -24.89
C LEU C 190 -16.02 24.71 -25.10
N ALA C 191 -14.82 25.14 -25.46
CA ALA C 191 -13.72 24.23 -25.73
C ALA C 191 -13.45 23.30 -24.54
N VAL C 192 -13.30 23.87 -23.36
CA VAL C 192 -13.16 23.06 -22.18
C VAL C 192 -14.28 21.99 -22.10
N TYR C 193 -15.49 22.32 -22.53
CA TYR C 193 -16.56 21.32 -22.49
C TYR C 193 -16.65 20.50 -23.77
N GLY C 194 -15.60 20.56 -24.59
CA GLY C 194 -15.49 19.62 -25.68
C GLY C 194 -15.87 20.12 -27.06
N ALA C 195 -16.18 21.40 -27.19
CA ALA C 195 -16.48 21.97 -28.49
C ALA C 195 -15.33 21.77 -29.49
N ASP C 196 -15.65 21.26 -30.67
CA ASP C 196 -14.66 21.02 -31.72
C ASP C 196 -14.46 22.25 -32.65
N PRO C 197 -13.24 22.84 -32.64
CA PRO C 197 -12.83 23.96 -33.52
C PRO C 197 -12.82 23.64 -35.02
N GLY C 198 -12.74 22.35 -35.36
CA GLY C 198 -12.62 21.90 -36.74
C GLY C 198 -13.93 21.49 -37.41
N THR C 199 -15.04 21.56 -36.69
CA THR C 199 -16.32 21.14 -37.26
C THR C 199 -16.83 22.13 -38.31
N GLN C 200 -17.23 21.64 -39.48
CA GLN C 200 -17.81 22.51 -40.51
C GLN C 200 -19.31 22.67 -40.35
N ASP C 201 -19.83 23.87 -40.63
CA ASP C 201 -21.28 24.08 -40.52
C ASP C 201 -21.97 23.78 -41.84
N SER C 202 -23.21 24.24 -42.00
CA SER C 202 -23.97 24.00 -43.24
C SER C 202 -23.29 24.65 -44.47
N SER C 203 -22.51 25.69 -44.23
CA SER C 203 -21.83 26.44 -45.29
C SER C 203 -20.51 25.83 -45.70
N GLY C 204 -19.98 24.96 -44.85
CA GLY C 204 -18.70 24.31 -45.10
C GLY C 204 -17.57 24.93 -44.32
N LYS C 205 -17.91 25.90 -43.48
CA LYS C 205 -16.93 26.69 -42.75
C LYS C 205 -16.81 26.29 -41.25
N THR C 206 -15.63 26.53 -40.70
CA THR C 206 -15.29 26.17 -39.32
C THR C 206 -15.34 27.36 -38.38
N PRO C 207 -15.34 27.12 -37.05
CA PRO C 207 -15.19 28.29 -36.17
C PRO C 207 -13.93 29.11 -36.48
N VAL C 208 -12.84 28.43 -36.82
CA VAL C 208 -11.62 29.10 -37.24
C VAL C 208 -11.89 30.00 -38.43
N ASP C 209 -12.66 29.51 -39.38
CA ASP C 209 -12.99 30.30 -40.55
C ASP C 209 -13.79 31.55 -40.16
N TYR C 210 -14.77 31.43 -39.26
CA TYR C 210 -15.56 32.60 -38.87
C TYR C 210 -14.79 33.61 -38.03
N ALA C 211 -13.84 33.15 -37.23
CA ALA C 211 -13.03 34.09 -36.49
C ALA C 211 -12.23 34.94 -37.48
N ARG C 212 -11.60 34.30 -38.47
CA ARG C 212 -10.84 35.05 -39.48
C ARG C 212 -11.69 36.03 -40.31
N GLN C 213 -12.89 35.61 -40.72
CA GLN C 213 -13.71 36.49 -41.53
C GLN C 213 -14.10 37.73 -40.69
N GLY C 214 -14.40 37.52 -39.41
CA GLY C 214 -14.85 38.62 -38.57
C GLY C 214 -13.74 39.52 -38.02
N GLY C 215 -12.51 39.34 -38.51
CA GLY C 215 -11.37 40.08 -38.01
C GLY C 215 -11.00 39.78 -36.57
N HIS C 216 -11.41 38.62 -36.07
CA HIS C 216 -11.07 38.23 -34.72
C HIS C 216 -9.82 37.36 -34.74
N HIS C 217 -8.66 37.98 -34.87
CA HIS C 217 -7.46 37.21 -35.18
C HIS C 217 -6.86 36.49 -33.99
N GLU C 218 -6.83 37.13 -32.83
CA GLU C 218 -6.41 36.45 -31.61
C GLU C 218 -7.22 35.17 -31.38
N LEU C 219 -8.53 35.24 -31.61
CA LEU C 219 -9.41 34.07 -31.47
C LEU C 219 -9.19 33.02 -32.54
N ALA C 220 -8.84 33.45 -33.75
CA ALA C 220 -8.56 32.51 -34.82
C ALA C 220 -7.34 31.66 -34.44
N GLU C 221 -6.27 32.31 -34.00
CA GLU C 221 -5.03 31.59 -33.70
C GLU C 221 -5.19 30.73 -32.43
N ARG C 222 -5.91 31.22 -31.45
CA ARG C 222 -6.15 30.44 -30.26
C ARG C 222 -7.08 29.22 -30.53
N LEU C 223 -7.99 29.36 -31.49
CA LEU C 223 -8.83 28.23 -31.87
C LEU C 223 -8.05 27.12 -32.56
N ILE C 224 -6.94 27.44 -33.21
CA ILE C 224 -6.16 26.39 -33.82
C ILE C 224 -5.28 25.78 -32.73
N GLU C 225 -4.82 26.60 -31.79
CA GLU C 225 -4.16 26.04 -30.60
C GLU C 225 -5.10 25.06 -29.86
N ILE C 226 -6.39 25.39 -29.75
CA ILE C 226 -7.32 24.54 -29.03
C ILE C 226 -7.62 23.27 -29.83
N GLN C 227 -7.74 23.40 -31.15
CA GLN C 227 -7.97 22.23 -32.00
C GLN C 227 -6.92 21.15 -31.78
N TYR C 228 -5.67 21.54 -31.58
CA TYR C 228 -4.59 20.57 -31.44
C TYR C 228 -4.13 20.35 -30.00
N GLU C 229 -4.88 20.86 -29.02
CA GLU C 229 -4.49 20.80 -27.59
C GLU C 229 -3.96 19.42 -27.18
N LEU C 230 -4.69 18.36 -27.52
CA LEU C 230 -4.34 17.00 -27.13
C LEU C 230 -2.95 16.59 -27.58
N THR C 231 -2.69 16.69 -28.88
CA THR C 231 -1.42 16.20 -29.41
C THR C 231 -0.30 17.19 -29.11
N ASP C 232 -0.64 18.46 -28.93
CA ASP C 232 0.29 19.47 -28.41
C ASP C 232 0.81 19.03 -27.04
N ARG C 233 -0.12 18.65 -26.17
CA ARG C 233 0.17 18.23 -24.79
C ARG C 233 0.97 16.92 -24.80
N LEU C 234 0.67 16.01 -25.72
CA LEU C 234 1.43 14.75 -25.79
C LEU C 234 2.87 14.98 -26.23
N ALA C 235 3.06 15.86 -27.19
CA ALA C 235 4.41 16.18 -27.66
C ALA C 235 5.21 16.89 -26.58
N PHE C 236 4.55 17.75 -25.83
CA PHE C 236 5.28 18.54 -24.87
C PHE C 236 5.78 17.67 -23.71
N TYR C 237 5.11 16.55 -23.46
CA TYR C 237 5.43 15.74 -22.31
C TYR C 237 6.77 15.06 -22.54
N LEU C 238 7.09 14.80 -23.80
CA LEU C 238 8.35 14.18 -24.16
C LEU C 238 9.44 15.16 -24.62
N CYS C 239 9.04 16.29 -25.20
CA CYS C 239 9.99 17.21 -25.85
C CYS C 239 10.21 18.52 -25.11
N GLY C 240 9.26 18.89 -24.27
CA GLY C 240 9.25 20.21 -23.68
C GLY C 240 9.14 21.32 -24.71
N ARG C 241 8.65 20.96 -25.90
CA ARG C 241 8.31 21.91 -26.95
C ARG C 241 6.97 21.52 -27.63
N LYS C 242 6.46 22.39 -28.52
CA LYS C 242 5.15 22.23 -29.17
C LYS C 242 5.26 22.73 -30.61
N PRO C 243 4.36 22.29 -31.51
CA PRO C 243 4.51 22.73 -32.90
C PRO C 243 4.21 24.21 -33.09
N ASP C 244 4.73 24.76 -34.18
CA ASP C 244 4.51 26.15 -34.52
C ASP C 244 3.30 26.24 -35.45
N HIS C 245 2.12 26.43 -34.87
CA HIS C 245 0.88 26.37 -35.64
C HIS C 245 0.79 27.49 -36.69
N LYS C 246 1.47 28.60 -36.43
CA LYS C 246 1.50 29.69 -37.41
C LYS C 246 2.30 29.29 -38.65
N SER C 247 3.14 28.27 -38.50
CA SER C 247 4.02 27.82 -39.57
C SER C 247 3.36 26.77 -40.45
N GLY C 248 2.39 26.05 -39.90
CA GLY C 248 1.66 25.06 -40.66
C GLY C 248 1.88 23.58 -40.34
N GLN C 249 2.96 23.27 -39.63
CA GLN C 249 3.13 21.92 -39.11
C GLN C 249 2.38 21.87 -37.78
N HIS C 250 1.30 21.10 -37.73
CA HIS C 250 0.47 21.04 -36.51
C HIS C 250 0.80 19.85 -35.59
N PHE C 251 1.84 19.12 -35.97
CA PHE C 251 2.25 17.97 -35.22
C PHE C 251 3.73 17.97 -34.98
N LEU C 252 4.11 17.47 -33.81
CA LEU C 252 5.51 17.24 -33.51
C LEU C 252 5.65 15.76 -33.08
N ILE C 253 6.32 14.96 -33.91
CA ILE C 253 6.61 13.59 -33.52
C ILE C 253 7.96 13.55 -32.82
N PRO C 254 7.99 13.15 -31.56
CA PRO C 254 9.28 13.00 -30.86
C PRO C 254 10.13 11.88 -31.43
N GLN C 255 11.40 11.84 -31.08
CA GLN C 255 12.22 10.70 -31.46
C GLN C 255 12.24 9.66 -30.34
N ARG C 256 12.27 8.39 -30.69
CA ARG C 256 12.36 7.32 -29.68
C ARG C 256 13.77 7.31 -29.10
N ALA C 257 13.91 6.90 -27.86
CA ALA C 257 15.24 6.82 -27.23
C ALA C 257 16.11 5.74 -27.88
N ASP C 258 15.48 4.66 -28.36
CA ASP C 258 16.23 3.55 -28.97
C ASP C 258 16.22 3.62 -30.50
N ALA C 259 16.34 4.84 -31.02
CA ALA C 259 16.19 5.11 -32.46
C ALA C 259 17.42 4.66 -33.23
N ALA C 260 18.49 4.40 -32.50
CA ALA C 260 19.71 3.85 -33.07
C ALA C 260 19.57 2.34 -33.31
N LEU C 261 18.58 1.71 -32.67
CA LEU C 261 18.42 0.26 -32.76
C LEU C 261 17.10 -0.06 -33.43
N ASP C 262 17.07 -1.19 -34.13
CA ASP C 262 15.91 -1.62 -34.90
C ASP C 262 14.66 -1.83 -34.04
N LEU C 263 13.50 -1.42 -34.55
CA LEU C 263 12.26 -1.59 -33.79
C LEU C 263 12.01 -3.04 -33.48
N SER C 264 11.80 -3.33 -32.19
CA SER C 264 11.46 -4.69 -31.73
C SER C 264 10.15 -5.18 -32.31
N GLU C 265 9.94 -6.50 -32.31
CA GLU C 265 8.75 -7.06 -32.94
C GLU C 265 7.48 -6.79 -32.11
N LEU C 266 7.59 -6.96 -30.81
CA LEU C 266 6.54 -6.57 -29.87
C LEU C 266 6.04 -5.14 -30.06
N ALA C 267 6.92 -4.26 -30.55
CA ALA C 267 6.58 -2.86 -30.78
C ALA C 267 5.87 -2.72 -32.12
N LYS C 268 6.49 -3.25 -33.18
CA LYS C 268 5.89 -3.26 -34.50
C LYS C 268 4.49 -3.85 -34.46
N ALA C 269 4.32 -4.87 -33.62
CA ALA C 269 3.02 -5.52 -33.46
C ALA C 269 2.01 -4.60 -32.77
N ALA C 270 2.45 -3.94 -31.71
CA ALA C 270 1.57 -3.12 -30.91
C ALA C 270 1.04 -1.94 -31.74
N LYS C 271 1.93 -1.32 -32.52
CA LYS C 271 1.51 -0.24 -33.42
C LYS C 271 0.53 -0.75 -34.51
N LYS C 272 0.67 -2.01 -34.89
CA LYS C 272 -0.29 -2.62 -35.80
C LYS C 272 -1.68 -2.61 -35.15
N LYS C 273 -1.72 -3.06 -33.89
CA LYS C 273 -2.95 -3.17 -33.17
C LYS C 273 -3.53 -1.76 -32.92
N LEU C 274 -2.65 -0.76 -32.83
CA LEU C 274 -3.07 0.63 -32.67
C LEU C 274 -3.70 1.20 -33.96
N GLN C 275 -3.09 0.90 -35.11
CA GLN C 275 -3.59 1.45 -36.36
C GLN C 275 -4.93 0.81 -36.76
N SER C 276 -5.23 -0.38 -36.22
CA SER C 276 -6.47 -1.05 -36.57
C SER C 276 -7.69 -0.40 -35.94
N LEU C 277 -7.47 0.49 -34.99
CA LEU C 277 -8.59 1.16 -34.36
C LEU C 277 -9.22 2.14 -35.36
N SER C 278 -10.52 2.30 -35.26
CA SER C 278 -11.21 3.31 -36.02
C SER C 278 -10.86 4.66 -35.42
N ASN C 279 -11.14 5.72 -36.15
CA ASN C 279 -10.86 7.03 -35.63
C ASN C 279 -11.58 7.25 -34.34
N HIS C 280 -12.85 6.83 -34.29
CA HIS C 280 -13.60 7.00 -33.07
C HIS C 280 -12.86 6.33 -31.90
N LEU C 281 -12.42 5.10 -32.08
CA LEU C 281 -11.86 4.38 -30.95
C LEU C 281 -10.46 4.92 -30.63
N PHE C 282 -9.68 5.24 -31.64
CA PHE C 282 -8.35 5.80 -31.44
C PHE C 282 -8.37 7.11 -30.65
N GLU C 283 -9.36 7.94 -30.93
CA GLU C 283 -9.55 9.19 -30.23
C GLU C 283 -9.88 8.97 -28.75
N GLU C 284 -10.61 7.89 -28.44
CA GLU C 284 -10.87 7.52 -27.05
C GLU C 284 -9.56 7.12 -26.36
N LEU C 285 -8.80 6.21 -26.98
CA LEU C 285 -7.51 5.86 -26.45
C LEU C 285 -6.63 7.12 -26.26
N ALA C 286 -6.74 8.05 -27.20
CA ALA C 286 -5.96 9.28 -27.16
C ALA C 286 -6.33 10.16 -25.97
N MET C 287 -7.61 10.14 -25.56
CA MET C 287 -7.98 10.87 -24.35
C MET C 287 -7.48 10.18 -23.07
N ASP C 288 -7.45 8.84 -23.10
CA ASP C 288 -7.00 8.03 -21.97
C ASP C 288 -5.54 8.33 -21.71
N VAL C 289 -4.75 8.26 -22.77
CA VAL C 289 -3.35 8.59 -22.66
C VAL C 289 -3.17 10.06 -22.32
N TYR C 290 -4.05 10.91 -22.84
CA TYR C 290 -4.05 12.35 -22.50
C TYR C 290 -4.13 12.53 -21.00
N ASP C 291 -5.11 11.87 -20.36
CA ASP C 291 -5.33 12.00 -18.92
C ASP C 291 -4.14 11.44 -18.15
N GLU C 292 -3.57 10.34 -18.61
CA GLU C 292 -2.40 9.81 -17.91
C GLU C 292 -1.20 10.79 -18.00
N VAL C 293 -1.05 11.46 -19.14
CA VAL C 293 -0.05 12.50 -19.25
C VAL C 293 -0.36 13.55 -18.18
N ASP C 294 -1.64 13.94 -18.06
CA ASP C 294 -1.98 15.03 -17.17
C ASP C 294 -1.74 14.63 -15.72
N ARG C 295 -2.09 13.40 -15.38
CA ARG C 295 -1.84 12.88 -14.05
C ARG C 295 -0.32 12.93 -13.76
N ARG C 296 0.47 12.33 -14.67
CA ARG C 296 1.90 12.27 -14.48
C ARG C 296 2.48 13.68 -14.34
N GLU C 297 2.02 14.59 -15.18
CA GLU C 297 2.46 15.97 -15.11
C GLU C 297 2.04 16.56 -13.79
N THR C 298 0.79 16.39 -13.38
CA THR C 298 0.34 17.06 -12.16
C THR C 298 1.06 16.54 -10.91
N ASP C 299 1.39 15.26 -10.89
CA ASP C 299 2.20 14.68 -9.81
C ASP C 299 3.50 15.43 -9.63
N ALA C 300 4.19 15.72 -10.72
CA ALA C 300 5.46 16.44 -10.60
C ALA C 300 5.20 17.85 -10.11
N VAL C 301 4.10 18.46 -10.58
CA VAL C 301 3.76 19.78 -10.11
C VAL C 301 3.45 19.75 -8.61
N TRP C 302 2.72 18.73 -8.16
CA TRP C 302 2.37 18.60 -6.74
C TRP C 302 3.60 18.58 -5.85
N LEU C 303 4.55 17.69 -6.15
CA LEU C 303 5.80 17.68 -5.41
C LEU C 303 6.58 19.00 -5.45
N ALA C 304 6.56 19.65 -6.60
CA ALA C 304 7.38 20.84 -6.82
C ALA C 304 6.82 22.08 -6.11
N THR C 305 5.56 22.02 -5.66
CA THR C 305 4.90 23.17 -5.04
C THR C 305 4.51 22.94 -3.58
N GLN C 306 4.36 21.67 -3.19
CA GLN C 306 3.96 21.34 -1.81
C GLN C 306 5.14 21.37 -0.84
N ASN C 307 4.81 21.60 0.44
CA ASN C 307 5.78 21.55 1.53
C ASN C 307 6.01 20.11 1.96
N HIS C 308 7.24 19.80 2.35
CA HIS C 308 7.65 18.47 2.83
C HIS C 308 6.66 17.86 3.85
N SER C 309 5.97 18.73 4.60
CA SER C 309 5.00 18.32 5.62
C SER C 309 3.75 17.68 4.98
N THR C 310 3.16 18.36 4.01
CA THR C 310 1.98 17.86 3.30
C THR C 310 2.29 16.51 2.65
N LEU C 311 3.41 16.45 1.93
CA LEU C 311 3.82 15.28 1.17
C LEU C 311 4.14 14.05 2.02
N VAL C 312 4.90 14.26 3.09
CA VAL C 312 5.19 13.19 4.03
C VAL C 312 3.94 12.81 4.83
N THR C 313 2.86 13.57 4.63
CA THR C 313 1.55 13.28 5.23
C THR C 313 0.49 12.99 4.15
N VAL C 318 -4.17 9.20 -4.58
CA VAL C 318 -4.36 7.98 -5.36
C VAL C 318 -3.35 7.88 -6.52
N PRO C 319 -2.87 6.66 -6.79
CA PRO C 319 -1.67 6.46 -7.59
C PRO C 319 -1.91 6.06 -9.05
N PHE C 320 -3.10 6.36 -9.56
CA PHE C 320 -3.44 6.15 -10.97
C PHE C 320 -4.70 6.93 -11.26
N LEU C 321 -5.13 6.98 -12.52
CA LEU C 321 -6.34 7.72 -12.85
C LEU C 321 -7.52 7.28 -12.00
N PRO C 322 -8.17 8.22 -11.32
CA PRO C 322 -9.41 7.95 -10.59
C PRO C 322 -10.47 7.30 -11.48
N VAL C 323 -11.37 6.53 -10.86
CA VAL C 323 -12.44 5.87 -11.59
C VAL C 323 -13.42 6.90 -12.14
N ASN C 324 -13.85 6.73 -13.38
CA ASN C 324 -14.98 7.50 -13.88
C ASN C 324 -16.21 6.58 -13.97
N PRO C 325 -17.22 6.82 -13.13
CA PRO C 325 -18.45 6.01 -13.02
C PRO C 325 -19.19 5.86 -14.34
N GLU C 326 -19.06 6.85 -15.22
CA GLU C 326 -19.67 6.79 -16.54
C GLU C 326 -19.01 5.74 -17.41
N TYR C 327 -17.72 5.49 -17.21
CA TYR C 327 -17.00 4.49 -17.99
C TYR C 327 -17.30 3.11 -17.50
N SER C 328 -17.21 2.11 -18.38
CA SER C 328 -17.28 0.72 -17.96
C SER C 328 -16.06 0.31 -17.12
N SER C 329 -16.14 -0.83 -16.45
CA SER C 329 -14.99 -1.32 -15.73
C SER C 329 -13.83 -1.56 -16.69
N THR C 330 -14.11 -2.10 -17.88
CA THR C 330 -13.08 -2.31 -18.90
C THR C 330 -12.35 -1.01 -19.22
N ARG C 331 -13.11 0.01 -19.60
CA ARG C 331 -12.51 1.28 -19.96
C ARG C 331 -11.72 1.89 -18.78
N ASN C 332 -12.24 1.73 -17.57
CA ASN C 332 -11.57 2.19 -16.36
C ASN C 332 -10.35 1.35 -16.03
N GLN C 333 -10.41 0.05 -16.35
CA GLN C 333 -9.28 -0.84 -16.11
C GLN C 333 -8.14 -0.42 -17.05
N GLY C 334 -8.51 -0.12 -18.29
CA GLY C 334 -7.58 0.36 -19.30
C GLY C 334 -6.92 1.65 -18.90
N ARG C 335 -7.72 2.60 -18.40
CA ARG C 335 -7.15 3.87 -18.00
C ARG C 335 -6.19 3.68 -16.83
N GLN C 336 -6.57 2.88 -15.84
CA GLN C 336 -5.69 2.66 -14.68
C GLN C 336 -4.44 1.84 -14.98
N LYS C 337 -4.47 0.98 -16.02
CA LYS C 337 -3.26 0.20 -16.34
C LYS C 337 -2.14 1.10 -16.86
N LEU C 338 -2.47 2.23 -17.49
CA LEU C 338 -1.44 3.15 -17.99
C LEU C 338 -0.43 3.57 -16.90
N ALA C 339 -0.92 3.71 -15.67
CA ALA C 339 -0.09 4.04 -14.51
C ALA C 339 1.11 3.11 -14.25
N ARG C 340 1.07 1.88 -14.76
CA ARG C 340 2.20 0.98 -14.52
C ARG C 340 3.17 0.94 -15.71
N PHE C 341 2.90 1.73 -16.74
CA PHE C 341 3.90 1.89 -17.80
C PHE C 341 5.15 2.51 -17.19
N ASN C 342 6.30 1.96 -17.50
CA ASN C 342 7.53 2.63 -17.14
C ASN C 342 7.71 3.77 -18.11
N ALA C 343 8.75 4.57 -17.90
CA ALA C 343 8.98 5.75 -18.74
C ALA C 343 9.18 5.39 -20.23
N HIS C 344 9.77 4.23 -20.50
CA HIS C 344 10.03 3.79 -21.86
C HIS C 344 8.76 3.30 -22.59
N GLU C 345 7.98 2.46 -21.94
CA GLU C 345 6.75 1.97 -22.53
C GLU C 345 5.78 3.13 -22.78
N PHE C 346 5.66 4.05 -21.82
CA PHE C 346 4.74 5.19 -21.97
C PHE C 346 5.17 6.10 -23.13
N ALA C 347 6.46 6.42 -23.15
CA ALA C 347 7.02 7.19 -24.28
C ALA C 347 6.65 6.53 -25.60
N THR C 348 6.75 5.20 -25.67
CA THR C 348 6.51 4.48 -26.93
C THR C 348 5.05 4.54 -27.37
N LEU C 349 4.13 4.51 -26.40
CA LEU C 349 2.71 4.66 -26.72
C LEU C 349 2.40 6.09 -27.18
N VAL C 350 3.04 7.09 -26.56
CA VAL C 350 2.71 8.48 -26.82
C VAL C 350 3.16 8.84 -28.24
N ILE C 351 4.40 8.47 -28.56
CA ILE C 351 4.94 8.69 -29.89
C ILE C 351 4.06 8.04 -30.97
N ASP C 352 3.55 6.85 -30.70
CA ASP C 352 2.77 6.11 -31.69
C ASP C 352 1.40 6.70 -31.86
N ILE C 353 0.82 7.17 -30.75
CA ILE C 353 -0.38 7.99 -30.79
C ILE C 353 -0.11 9.29 -31.54
N LEU C 354 1.03 9.94 -31.26
CA LEU C 354 1.33 11.16 -32.01
C LEU C 354 1.42 10.93 -33.52
N SER C 355 2.21 9.94 -33.95
CA SER C 355 2.42 9.81 -35.40
C SER C 355 1.18 9.26 -36.12
N ASP C 356 0.30 8.55 -35.40
CA ASP C 356 -0.96 8.12 -36.02
C ASP C 356 -2.00 9.25 -36.05
N ALA C 357 -2.05 10.06 -35.00
CA ALA C 357 -2.87 11.28 -35.00
C ALA C 357 -2.56 12.08 -36.24
N LYS C 358 -1.26 12.25 -36.49
CA LYS C 358 -0.80 12.91 -37.71
C LYS C 358 -1.16 12.14 -39.00
N ARG C 359 -1.05 10.81 -38.98
CA ARG C 359 -1.43 10.03 -40.16
C ARG C 359 -2.92 10.24 -40.49
N ARG C 360 -3.78 10.19 -39.49
CA ARG C 360 -5.22 10.20 -39.73
C ARG C 360 -5.79 11.58 -40.05
N GLN C 361 -4.95 12.60 -40.06
CA GLN C 361 -5.45 13.95 -40.30
C GLN C 361 -5.06 14.40 -41.72
N GLN C 362 -4.17 13.64 -42.34
CA GLN C 362 -3.88 13.78 -43.76
C GLN C 362 -5.14 13.58 -44.60
N SER D 11 15.39 17.36 35.73
CA SER D 11 14.77 16.45 34.77
C SER D 11 13.23 16.59 34.70
N SER D 12 12.62 16.97 35.82
CA SER D 12 11.16 17.08 35.96
C SER D 12 10.57 18.07 34.97
N ASP D 13 11.43 18.81 34.29
CA ASP D 13 10.97 19.87 33.43
C ASP D 13 10.61 19.36 32.03
N VAL D 14 10.79 18.06 31.80
CA VAL D 14 10.71 17.53 30.43
C VAL D 14 10.18 16.10 30.31
N CYS D 15 9.48 15.79 29.22
CA CYS D 15 8.99 14.43 28.96
C CYS D 15 10.13 13.44 28.72
N ALA D 16 10.13 12.34 29.46
CA ALA D 16 11.18 11.32 29.36
C ALA D 16 11.27 10.68 27.97
N ASP D 17 10.21 10.77 27.17
CA ASP D 17 10.11 10.01 25.93
C ASP D 17 10.18 10.84 24.65
N CYS D 18 10.03 12.15 24.75
CA CYS D 18 10.15 13.01 23.57
C CYS D 18 10.83 14.36 23.91
N ASN D 19 11.12 14.57 25.18
CA ASN D 19 11.75 15.78 25.70
C ASN D 19 10.88 17.04 25.56
N GLY D 20 9.62 16.87 25.17
CA GLY D 20 8.67 17.96 25.18
C GLY D 20 8.55 18.58 26.56
N PRO D 21 8.23 19.87 26.62
CA PRO D 21 8.29 20.62 27.89
C PRO D 21 7.08 20.39 28.79
N ASP D 22 7.31 20.49 30.10
CA ASP D 22 6.25 20.45 31.12
C ASP D 22 5.30 19.25 31.04
N PRO D 23 5.81 18.03 31.31
CA PRO D 23 5.03 16.78 31.29
C PRO D 23 3.97 16.72 32.40
N SER D 24 2.85 16.06 32.18
CA SER D 24 1.78 16.11 33.20
C SER D 24 1.34 14.75 33.74
N TRP D 25 1.89 13.67 33.19
CA TRP D 25 1.55 12.32 33.64
C TRP D 25 2.80 11.70 34.25
N ALA D 26 2.61 10.64 35.04
CA ALA D 26 3.74 9.86 35.50
C ALA D 26 3.52 8.41 35.16
N SER D 27 4.55 7.76 34.65
CA SER D 27 4.59 6.30 34.60
C SER D 27 5.16 5.84 35.93
N VAL D 28 4.32 5.33 36.82
CA VAL D 28 4.74 5.19 38.20
C VAL D 28 5.78 4.08 38.30
N ASN D 29 5.55 2.96 37.59
CA ASN D 29 6.47 1.82 37.70
C ASN D 29 7.80 2.05 36.97
N ARG D 30 7.82 2.96 35.99
CA ARG D 30 9.04 3.28 35.21
C ARG D 30 9.77 4.50 35.75
N GLY D 31 9.16 5.20 36.69
CA GLY D 31 9.81 6.33 37.33
C GLY D 31 10.06 7.51 36.42
N THR D 32 9.16 7.77 35.48
CA THR D 32 9.32 8.86 34.50
C THR D 32 8.09 9.79 34.43
N PHE D 33 8.32 11.01 33.96
CA PHE D 33 7.23 11.97 33.75
C PHE D 33 7.00 12.14 32.25
N ILE D 34 5.76 11.99 31.80
CA ILE D 34 5.51 12.06 30.35
C ILE D 34 4.49 13.12 29.96
N CYS D 35 4.44 13.42 28.65
CA CYS D 35 3.53 14.43 28.11
C CYS D 35 2.21 13.80 27.68
N ASP D 36 1.22 14.66 27.43
CA ASP D 36 -0.09 14.18 27.01
C ASP D 36 0.01 13.22 25.81
N GLU D 37 0.73 13.62 24.77
CA GLU D 37 0.78 12.83 23.55
C GLU D 37 1.42 11.49 23.84
N CYS D 38 2.54 11.50 24.56
CA CYS D 38 3.22 10.24 24.85
C CYS D 38 2.36 9.36 25.76
N CYS D 39 1.67 9.97 26.72
CA CYS D 39 0.85 9.25 27.69
C CYS D 39 -0.18 8.43 26.99
N SER D 40 -0.76 9.01 25.95
CA SER D 40 -1.79 8.37 25.14
C SER D 40 -1.33 7.03 24.60
N VAL D 41 -0.01 6.87 24.42
CA VAL D 41 0.54 5.60 23.96
C VAL D 41 0.75 4.64 25.13
N HIS D 42 1.31 5.14 26.24
CA HIS D 42 1.35 4.38 27.49
C HIS D 42 -0.01 3.73 27.81
N ARG D 43 -1.09 4.51 27.67
CA ARG D 43 -2.44 4.04 28.00
C ARG D 43 -2.84 2.86 27.15
N SER D 44 -2.34 2.85 25.91
CA SER D 44 -2.62 1.77 24.98
C SER D 44 -1.76 0.54 25.27
N LEU D 45 -0.78 0.66 26.15
CA LEU D 45 0.11 -0.47 26.37
C LEU D 45 -0.32 -1.37 27.52
N GLY D 46 -0.96 -0.81 28.54
CA GLY D 46 -1.35 -1.62 29.69
C GLY D 46 -0.54 -1.41 30.95
N ARG D 47 -1.19 -1.59 32.09
CA ARG D 47 -0.60 -1.34 33.40
C ARG D 47 0.54 -2.29 33.68
N HIS D 48 0.50 -3.47 33.07
CA HIS D 48 1.58 -4.44 33.22
C HIS D 48 2.85 -3.95 32.53
N ILE D 49 2.71 -2.92 31.70
CA ILE D 49 3.87 -2.28 31.06
C ILE D 49 4.04 -0.85 31.60
N SER D 50 2.96 -0.10 31.64
CA SER D 50 3.05 1.22 32.22
C SER D 50 1.81 1.56 33.01
N GLN D 51 1.97 1.80 34.31
CA GLN D 51 0.90 2.25 35.21
C GLN D 51 0.89 3.78 35.24
N VAL D 52 -0.18 4.38 34.74
CA VAL D 52 -0.14 5.79 34.39
C VAL D 52 -1.03 6.59 35.33
N ARG D 53 -0.53 7.72 35.80
CA ARG D 53 -1.27 8.57 36.73
C ARG D 53 -0.95 10.04 36.54
N HIS D 54 -2.01 10.86 36.49
CA HIS D 54 -1.85 12.30 36.29
C HIS D 54 -1.16 12.94 37.49
N LEU D 55 -0.28 13.91 37.22
CA LEU D 55 0.50 14.56 38.27
C LEU D 55 -0.30 15.58 39.12
N LYS D 56 -1.12 16.42 38.48
CA LYS D 56 -1.80 17.49 39.20
C LYS D 56 -3.31 17.32 39.36
N HIS D 57 -3.90 16.31 38.73
CA HIS D 57 -5.34 16.29 38.69
C HIS D 57 -5.93 15.90 40.05
N THR D 58 -5.28 14.98 40.72
CA THR D 58 -5.78 14.48 42.00
C THR D 58 -4.60 14.49 42.96
N ALA D 59 -4.87 14.63 44.25
CA ALA D 59 -3.83 14.59 45.28
C ALA D 59 -3.30 13.18 45.43
N TRP D 60 -1.98 13.02 45.40
CA TRP D 60 -1.41 11.70 45.56
C TRP D 60 -1.14 11.47 47.02
N PRO D 61 -0.96 10.19 47.42
CA PRO D 61 -0.10 9.93 48.60
C PRO D 61 1.23 10.68 48.42
N PRO D 62 1.53 11.62 49.33
CA PRO D 62 2.74 12.44 49.30
C PRO D 62 4.01 11.66 49.01
N THR D 63 4.28 10.60 49.76
CA THR D 63 5.55 9.90 49.59
C THR D 63 5.60 9.15 48.26
N LEU D 64 4.45 8.74 47.77
CA LEU D 64 4.38 8.07 46.48
C LEU D 64 4.81 8.99 45.33
N LEU D 65 4.25 10.20 45.31
CA LEU D 65 4.63 11.19 44.32
C LEU D 65 6.09 11.59 44.49
N GLN D 66 6.56 11.67 45.74
CA GLN D 66 7.96 11.96 46.01
C GLN D 66 8.88 10.86 45.49
N MET D 67 8.43 9.61 45.63
CA MET D 67 9.23 8.48 45.14
C MET D 67 9.47 8.60 43.64
N VAL D 68 8.39 8.71 42.88
CA VAL D 68 8.46 8.82 41.43
C VAL D 68 9.26 10.03 40.94
N GLU D 69 8.99 11.20 41.50
CA GLU D 69 9.69 12.40 41.07
C GLU D 69 11.19 12.22 41.32
N THR D 70 11.53 11.70 42.49
CA THR D 70 12.92 11.44 42.84
C THR D 70 13.58 10.39 41.95
N LEU D 71 12.85 9.35 41.60
CA LEU D 71 13.36 8.35 40.70
C LEU D 71 13.73 8.98 39.35
N TYR D 72 12.84 9.80 38.80
CA TYR D 72 13.05 10.39 37.47
C TYR D 72 14.20 11.41 37.45
N ASN D 73 14.44 12.09 38.57
CA ASN D 73 15.55 13.04 38.63
C ASN D 73 16.89 12.37 38.91
N ASN D 74 16.87 11.09 39.21
CA ASN D 74 18.12 10.38 39.46
C ASN D 74 18.27 9.15 38.59
N GLY D 75 18.34 9.41 37.28
CA GLY D 75 18.65 8.40 36.28
C GLY D 75 17.70 7.23 36.10
N ALA D 76 16.41 7.43 36.35
CA ALA D 76 15.44 6.38 36.04
C ALA D 76 15.45 6.15 34.53
N ASN D 77 15.16 7.22 33.79
CA ASN D 77 15.30 7.21 32.34
C ASN D 77 16.64 6.69 31.83
N SER D 78 17.70 6.78 32.64
CA SER D 78 19.01 6.28 32.22
C SER D 78 18.99 4.77 32.03
N ILE D 79 17.99 4.11 32.62
CA ILE D 79 17.84 2.66 32.46
C ILE D 79 17.14 2.28 31.15
N TRP D 80 15.98 2.90 30.91
CA TRP D 80 15.19 2.59 29.73
C TRP D 80 15.84 3.04 28.44
N GLU D 81 16.80 3.97 28.54
CA GLU D 81 17.43 4.57 27.37
C GLU D 81 18.95 4.40 27.35
N HIS D 82 19.46 3.43 28.11
CA HIS D 82 20.89 3.17 28.24
C HIS D 82 21.64 3.16 26.91
N SER D 83 21.31 2.18 26.07
CA SER D 83 21.85 2.05 24.71
C SER D 83 21.91 3.35 23.91
N LEU D 84 20.94 4.22 24.12
CA LEU D 84 20.92 5.49 23.42
C LEU D 84 21.94 6.48 23.99
N LEU D 85 22.43 6.20 25.19
CA LEU D 85 23.35 7.13 25.86
C LEU D 85 24.79 6.67 25.69
N ASP D 86 24.99 5.36 25.51
CA ASP D 86 26.33 4.81 25.31
C ASP D 86 26.89 5.25 23.97
N PRO D 87 28.03 5.97 24.01
CA PRO D 87 28.73 6.52 22.84
C PRO D 87 29.18 5.43 21.86
N ALA D 88 29.21 4.18 22.31
CA ALA D 88 29.49 3.05 21.44
C ALA D 88 28.39 2.88 20.39
N SER D 89 27.15 3.20 20.75
CA SER D 89 26.01 3.15 19.83
C SER D 89 25.40 4.54 19.58
N ARG D 95 17.07 6.22 17.05
CA ARG D 95 16.80 7.62 17.33
C ARG D 95 15.59 7.82 18.28
N LYS D 96 15.74 8.70 19.27
CA LYS D 96 14.68 9.06 20.22
C LYS D 96 13.72 10.07 19.58
N ALA D 97 12.51 10.19 20.10
CA ALA D 97 11.51 11.08 19.51
C ALA D 97 11.81 12.55 19.78
N ASN D 98 11.49 13.42 18.82
CA ASN D 98 11.50 14.88 19.01
C ASN D 98 10.10 15.38 19.43
N PRO D 99 10.04 16.51 20.17
CA PRO D 99 8.73 17.00 20.67
C PRO D 99 7.68 17.21 19.59
N GLN D 100 8.13 17.61 18.40
CA GLN D 100 7.23 17.91 17.30
C GLN D 100 6.96 16.69 16.41
N ASP D 101 7.57 15.55 16.72
CA ASP D 101 7.34 14.32 15.96
C ASP D 101 5.85 13.98 15.94
N LYS D 102 5.39 13.45 14.83
CA LYS D 102 4.02 13.08 14.73
C LYS D 102 3.89 12.03 15.78
N VAL D 103 2.72 11.93 16.37
CA VAL D 103 2.45 10.95 17.40
C VAL D 103 2.54 9.53 16.87
N HIS D 104 2.07 9.31 15.66
CA HIS D 104 2.14 7.99 15.06
C HIS D 104 2.74 8.04 13.68
N PRO D 105 3.77 7.17 13.29
CA PRO D 105 4.25 6.24 14.34
C PRO D 105 5.49 6.64 15.10
N ASN D 106 6.01 7.84 14.93
CA ASN D 106 7.32 8.14 15.49
C ASN D 106 7.45 8.05 16.99
N LYS D 107 6.57 8.71 17.72
CA LYS D 107 6.57 8.63 19.18
C LYS D 107 6.17 7.25 19.69
N ALA D 108 5.05 6.73 19.19
CA ALA D 108 4.56 5.42 19.58
C ALA D 108 5.52 4.25 19.30
N GLU D 109 6.14 4.23 18.12
CA GLU D 109 7.13 3.19 17.83
C GLU D 109 8.25 3.28 18.84
N PHE D 110 8.65 4.52 19.18
CA PHE D 110 9.74 4.74 20.13
C PHE D 110 9.33 4.36 21.55
N ILE D 111 8.07 4.63 21.87
CA ILE D 111 7.57 4.32 23.20
C ILE D 111 7.45 2.81 23.36
N ARG D 112 6.92 2.13 22.33
CA ARG D 112 6.82 0.68 22.36
C ARG D 112 8.18 0.02 22.48
N ALA D 113 9.16 0.51 21.71
CA ALA D 113 10.52 -0.03 21.76
C ALA D 113 11.16 0.18 23.15
N LYS D 114 11.01 1.38 23.68
CA LYS D 114 11.62 1.78 24.94
C LYS D 114 11.12 1.00 26.17
N TYR D 115 9.83 0.68 26.21
CA TYR D 115 9.21 0.13 27.41
C TYR D 115 8.71 -1.32 27.27
N GLN D 116 8.14 -1.61 26.11
CA GLN D 116 7.57 -2.93 25.82
C GLN D 116 8.68 -3.84 25.34
N MET D 117 9.39 -3.40 24.31
CA MET D 117 10.44 -4.23 23.71
C MET D 117 11.79 -4.14 24.44
N LEU D 118 11.91 -3.17 25.37
CA LEU D 118 13.13 -2.93 26.16
C LEU D 118 14.39 -2.88 25.29
N ALA D 119 14.25 -2.30 24.10
CA ALA D 119 15.31 -2.32 23.10
C ALA D 119 16.54 -1.48 23.47
N PHE D 120 16.48 -0.76 24.59
CA PHE D 120 17.58 0.10 24.97
C PHE D 120 18.17 -0.24 26.32
N VAL D 121 17.66 -1.28 26.96
CA VAL D 121 18.25 -1.75 28.21
C VAL D 121 19.71 -2.12 27.97
N HIS D 122 20.54 -2.12 29.01
CA HIS D 122 21.90 -2.60 28.84
C HIS D 122 21.84 -4.11 28.81
N ARG D 123 21.09 -4.66 29.76
CA ARG D 123 20.78 -6.09 29.75
C ARG D 123 19.26 -6.28 29.81
N LEU D 124 18.76 -7.34 29.18
CA LEU D 124 17.35 -7.72 29.25
C LEU D 124 17.14 -8.62 30.46
N PRO D 125 16.03 -8.42 31.20
CA PRO D 125 15.76 -9.17 32.43
C PRO D 125 15.86 -10.69 32.28
N CYS D 126 15.90 -11.39 33.41
CA CYS D 126 16.06 -12.83 33.41
C CYS D 126 14.75 -13.53 33.11
N ARG D 127 14.85 -14.79 32.68
CA ARG D 127 13.66 -15.60 32.42
C ARG D 127 13.05 -16.12 33.73
N GLU D 128 11.75 -16.40 33.69
CA GLU D 128 11.07 -17.08 34.78
C GLU D 128 11.21 -16.37 36.13
N SER D 131 15.23 -19.23 37.51
CA SER D 131 15.33 -19.46 38.95
C SER D 131 16.65 -18.95 39.51
N VAL D 132 17.76 -19.38 38.91
CA VAL D 132 19.10 -19.10 39.45
C VAL D 132 19.44 -17.60 39.54
N THR D 133 19.30 -16.88 38.42
CA THR D 133 19.62 -15.46 38.38
C THR D 133 18.64 -14.65 39.26
N ALA D 134 17.38 -15.07 39.23
CA ALA D 134 16.30 -14.41 39.97
C ALA D 134 16.60 -14.34 41.47
N LYS D 135 17.08 -15.45 42.03
CA LYS D 135 17.45 -15.49 43.44
C LYS D 135 18.59 -14.51 43.75
N ASP D 136 19.64 -14.56 42.94
CA ASP D 136 20.82 -13.74 43.16
C ASP D 136 20.42 -12.26 43.20
N LEU D 137 19.64 -11.85 42.19
CA LEU D 137 19.15 -10.48 42.12
C LEU D 137 18.25 -10.11 43.29
N SER D 138 17.31 -10.98 43.63
CA SER D 138 16.42 -10.77 44.78
C SER D 138 17.18 -10.67 46.10
N LYS D 139 18.30 -11.39 46.21
CA LYS D 139 19.15 -11.30 47.39
C LYS D 139 19.84 -9.93 47.44
N GLN D 140 20.16 -9.40 46.26
CA GLN D 140 20.80 -8.09 46.14
C GLN D 140 19.83 -6.93 46.40
N LEU D 141 18.58 -7.10 45.97
CA LEU D 141 17.54 -6.12 46.29
C LEU D 141 17.32 -6.11 47.79
N HIS D 142 17.34 -7.30 48.37
CA HIS D 142 17.06 -7.50 49.79
C HIS D 142 18.02 -6.73 50.67
N SER D 143 19.29 -6.67 50.27
CA SER D 143 20.30 -5.90 51.00
C SER D 143 20.28 -4.43 50.62
N SER D 144 20.13 -4.14 49.33
CA SER D 144 20.16 -2.76 48.84
C SER D 144 19.11 -1.85 49.48
N VAL D 145 17.88 -2.31 49.66
CA VAL D 145 16.82 -1.39 50.07
C VAL D 145 16.97 -0.87 51.49
N ARG D 146 18.00 -1.29 52.21
CA ARG D 146 18.21 -0.80 53.56
C ARG D 146 18.76 0.64 53.55
N THR D 147 19.52 0.99 52.51
CA THR D 147 19.93 2.38 52.24
C THR D 147 18.99 3.01 51.19
N GLY D 148 18.84 4.32 51.23
CA GLY D 148 17.85 5.00 50.39
C GLY D 148 18.21 5.37 48.96
N ASN D 149 18.96 4.51 48.26
CA ASN D 149 19.23 4.76 46.85
C ASN D 149 18.21 4.07 45.94
N LEU D 150 17.25 4.85 45.44
CA LEU D 150 16.16 4.34 44.60
C LEU D 150 16.61 3.80 43.24
N GLU D 151 17.54 4.49 42.57
CA GLU D 151 17.97 4.08 41.23
C GLU D 151 18.44 2.64 41.20
N THR D 152 19.25 2.30 42.20
CA THR D 152 19.76 0.96 42.36
C THR D 152 18.61 -0.07 42.39
N CYS D 153 17.66 0.17 43.28
CA CYS D 153 16.54 -0.76 43.46
C CYS D 153 15.69 -0.92 42.20
N LEU D 154 15.51 0.17 41.43
CA LEU D 154 14.74 0.09 40.20
C LEU D 154 15.49 -0.74 39.15
N ARG D 155 16.78 -0.45 38.94
CA ARG D 155 17.56 -1.27 38.00
C ARG D 155 17.58 -2.73 38.47
N LEU D 156 17.76 -2.95 39.77
CA LEU D 156 17.68 -4.31 40.31
C LEU D 156 16.34 -4.97 40.00
N LEU D 157 15.25 -4.22 40.22
CA LEU D 157 13.92 -4.70 39.88
C LEU D 157 13.79 -4.92 38.38
N SER D 158 14.37 -3.99 37.62
CA SER D 158 14.29 -4.01 36.17
C SER D 158 14.95 -5.26 35.60
N LEU D 159 16.02 -5.70 36.25
CA LEU D 159 16.76 -6.88 35.82
C LEU D 159 16.05 -8.20 36.16
N GLY D 160 15.24 -8.21 37.23
CA GLY D 160 14.47 -9.40 37.53
C GLY D 160 14.29 -9.79 38.98
N ALA D 161 14.84 -8.97 39.88
CA ALA D 161 14.62 -9.15 41.31
C ALA D 161 13.11 -9.10 41.55
N GLN D 162 12.60 -10.06 42.31
CA GLN D 162 11.18 -10.03 42.66
C GLN D 162 11.06 -9.30 43.98
N ALA D 163 10.06 -8.42 44.07
CA ALA D 163 9.96 -7.50 45.18
C ALA D 163 9.49 -8.17 46.45
N ASN D 164 8.65 -9.18 46.31
CA ASN D 164 8.13 -9.81 47.51
C ASN D 164 8.83 -11.12 47.79
N PHE D 165 10.11 -11.17 47.40
CA PHE D 165 10.98 -12.31 47.64
C PHE D 165 11.11 -12.59 49.14
N PHE D 166 10.94 -13.86 49.52
CA PHE D 166 11.15 -14.29 50.90
C PHE D 166 12.52 -14.94 51.00
N HIS D 167 13.43 -14.29 51.72
CA HIS D 167 14.82 -14.73 51.87
C HIS D 167 14.89 -16.02 52.70
N PRO D 168 15.40 -17.12 52.10
CA PRO D 168 15.44 -18.41 52.79
C PRO D 168 16.29 -18.37 54.07
N GLU D 169 17.52 -17.89 53.96
CA GLU D 169 18.40 -17.82 55.12
C GLU D 169 17.99 -16.72 56.12
N LYS D 170 17.60 -15.54 55.64
CA LYS D 170 17.32 -14.41 56.52
C LYS D 170 15.87 -14.36 57.02
N GLY D 171 14.94 -14.90 56.23
CA GLY D 171 13.56 -15.07 56.68
C GLY D 171 12.58 -13.89 56.56
N SER D 172 12.92 -12.88 55.76
CA SER D 172 12.04 -11.73 55.61
C SER D 172 11.88 -11.33 54.14
N THR D 173 11.30 -10.16 53.89
CA THR D 173 11.15 -9.66 52.53
C THR D 173 11.82 -8.27 52.39
N PRO D 174 12.11 -7.85 51.13
CA PRO D 174 12.69 -6.51 51.00
C PRO D 174 11.81 -5.44 51.66
N LEU D 175 10.49 -5.64 51.63
CA LEU D 175 9.60 -4.71 52.29
C LEU D 175 9.88 -4.71 53.79
N HIS D 176 10.24 -5.86 54.34
CA HIS D 176 10.68 -5.93 55.73
C HIS D 176 11.93 -5.09 56.01
N VAL D 177 12.98 -5.32 55.22
CA VAL D 177 14.22 -4.57 55.39
C VAL D 177 13.97 -3.07 55.30
N ALA D 178 13.27 -2.66 54.24
CA ALA D 178 12.95 -1.26 53.99
C ALA D 178 12.23 -0.67 55.19
N SER D 179 11.26 -1.41 55.71
CA SER D 179 10.37 -0.91 56.75
C SER D 179 11.05 -0.73 58.12
N LYS D 180 11.91 -1.68 58.50
CA LYS D 180 12.64 -1.56 59.75
C LYS D 180 13.59 -0.37 59.69
N ALA D 181 14.18 -0.17 58.52
CA ALA D 181 15.10 0.95 58.32
C ALA D 181 14.32 2.26 58.19
N GLY D 182 13.04 2.13 57.90
CA GLY D 182 12.21 3.30 57.65
C GLY D 182 12.53 3.97 56.31
N GLN D 183 13.03 3.21 55.35
CA GLN D 183 13.33 3.75 54.03
C GLN D 183 12.04 3.91 53.21
N ILE D 184 11.25 4.93 53.54
CA ILE D 184 9.90 5.06 53.01
C ILE D 184 9.82 5.05 51.47
N LEU D 185 10.58 5.89 50.80
CA LEU D 185 10.45 5.97 49.38
C LEU D 185 10.74 4.63 48.80
N GLN D 186 11.59 3.87 49.44
CA GLN D 186 11.86 2.52 49.01
C GLN D 186 10.66 1.60 49.07
N ALA D 187 9.95 1.65 50.18
CA ALA D 187 8.85 0.75 50.38
C ALA D 187 7.80 1.06 49.40
N GLU D 188 7.53 2.34 49.30
CA GLU D 188 6.80 2.93 48.21
C GLU D 188 7.11 2.31 46.82
N LEU D 189 8.39 2.25 46.41
CA LEU D 189 8.74 1.63 45.11
C LEU D 189 8.57 0.10 45.14
N LEU D 190 8.92 -0.55 46.24
CA LEU D 190 8.64 -1.99 46.41
C LEU D 190 7.16 -2.29 46.22
N ALA D 191 6.32 -1.43 46.77
CA ALA D 191 4.88 -1.61 46.76
C ALA D 191 4.30 -1.55 45.34
N VAL D 192 4.86 -0.67 44.51
CA VAL D 192 4.45 -0.57 43.13
C VAL D 192 4.67 -1.93 42.42
N TYR D 193 5.73 -2.61 42.79
CA TYR D 193 6.09 -3.86 42.14
C TYR D 193 5.51 -5.07 42.88
N GLY D 194 4.44 -4.83 43.62
CA GLY D 194 3.71 -5.92 44.24
C GLY D 194 4.18 -6.44 45.60
N ALA D 195 4.96 -5.66 46.33
CA ALA D 195 5.35 -6.07 47.68
C ALA D 195 4.08 -6.09 48.54
N ASP D 196 3.97 -7.05 49.45
CA ASP D 196 2.79 -7.14 50.31
C ASP D 196 3.15 -6.69 51.72
N PRO D 197 2.44 -5.68 52.24
CA PRO D 197 2.63 -5.24 53.63
C PRO D 197 1.95 -6.19 54.65
N GLY D 198 1.36 -7.28 54.19
CA GLY D 198 0.67 -8.22 55.05
C GLY D 198 1.41 -9.52 55.25
N THR D 199 2.39 -9.77 54.39
CA THR D 199 3.28 -10.93 54.50
C THR D 199 3.97 -11.05 55.84
N GLN D 200 3.77 -12.17 56.53
CA GLN D 200 4.43 -12.40 57.82
C GLN D 200 5.79 -13.09 57.65
N ASP D 201 6.74 -12.76 58.52
CA ASP D 201 8.10 -13.31 58.45
C ASP D 201 8.32 -14.55 59.34
N SER D 202 9.59 -14.92 59.50
CA SER D 202 9.98 -16.03 60.37
C SER D 202 9.33 -15.92 61.75
N SER D 203 9.53 -14.78 62.40
CA SER D 203 8.96 -14.51 63.72
C SER D 203 7.47 -14.16 63.67
N GLY D 204 6.87 -14.21 62.49
CA GLY D 204 5.45 -13.95 62.33
C GLY D 204 5.04 -12.49 62.15
N LYS D 205 6.00 -11.57 62.22
CA LYS D 205 5.72 -10.13 62.11
C LYS D 205 5.60 -9.62 60.66
N THR D 206 4.94 -8.47 60.48
CA THR D 206 4.73 -7.86 59.16
C THR D 206 5.58 -6.59 58.97
N PRO D 207 5.79 -6.15 57.71
CA PRO D 207 6.46 -4.87 57.47
C PRO D 207 5.84 -3.73 58.28
N VAL D 208 4.53 -3.80 58.50
CA VAL D 208 3.84 -2.84 59.34
C VAL D 208 4.42 -2.87 60.74
N ASP D 209 4.59 -4.09 61.25
CA ASP D 209 5.07 -4.26 62.61
C ASP D 209 6.43 -3.60 62.75
N TYR D 210 7.40 -4.07 61.96
CA TYR D 210 8.75 -3.49 61.94
C TYR D 210 8.74 -1.99 61.84
N ALA D 211 7.79 -1.46 61.06
CA ALA D 211 7.74 -0.04 60.79
C ALA D 211 7.65 0.75 62.10
N ARG D 212 6.74 0.39 62.98
CA ARG D 212 6.68 1.20 64.19
C ARG D 212 7.34 0.54 65.42
N GLN D 213 7.92 -0.64 65.27
CA GLN D 213 8.95 -1.05 66.23
C GLN D 213 10.08 -0.04 66.11
N GLY D 214 10.42 0.32 64.87
CA GLY D 214 11.48 1.27 64.62
C GLY D 214 11.08 2.71 64.86
N GLY D 215 9.83 2.93 65.25
CA GLY D 215 9.33 4.27 65.52
C GLY D 215 9.04 5.09 64.27
N HIS D 216 8.83 4.41 63.15
CA HIS D 216 8.58 5.07 61.86
C HIS D 216 7.08 5.07 61.55
N HIS D 217 6.31 5.84 62.33
CA HIS D 217 4.86 5.73 62.37
C HIS D 217 4.21 6.24 61.08
N GLU D 218 4.78 7.29 60.51
CA GLU D 218 4.32 7.82 59.23
C GLU D 218 4.31 6.68 58.19
N LEU D 219 5.43 5.98 58.11
CA LEU D 219 5.57 4.87 57.18
C LEU D 219 4.60 3.73 57.50
N ALA D 220 4.53 3.32 58.76
CA ALA D 220 3.55 2.32 59.16
C ALA D 220 2.15 2.74 58.74
N GLU D 221 1.81 4.02 58.95
CA GLU D 221 0.50 4.53 58.59
C GLU D 221 0.36 4.36 57.07
N ARG D 222 1.45 4.66 56.37
CA ARG D 222 1.48 4.58 54.91
C ARG D 222 1.37 3.15 54.37
N LEU D 223 2.02 2.19 55.02
CA LEU D 223 1.99 0.79 54.58
C LEU D 223 0.58 0.17 54.73
N ILE D 224 -0.19 0.62 55.72
CA ILE D 224 -1.54 0.07 55.86
C ILE D 224 -2.40 0.59 54.74
N GLU D 225 -2.20 1.86 54.39
CA GLU D 225 -2.87 2.43 53.22
C GLU D 225 -2.58 1.57 52.00
N ILE D 226 -1.29 1.35 51.73
CA ILE D 226 -0.85 0.56 50.60
C ILE D 226 -1.48 -0.83 50.62
N GLN D 227 -1.53 -1.43 51.79
CA GLN D 227 -2.09 -2.78 51.98
C GLN D 227 -3.54 -2.87 51.51
N TYR D 228 -4.32 -1.82 51.74
CA TYR D 228 -5.73 -1.83 51.38
C TYR D 228 -6.00 -1.01 50.13
N GLU D 229 -4.95 -0.72 49.35
CA GLU D 229 -5.04 0.13 48.17
C GLU D 229 -6.22 -0.27 47.26
N LEU D 230 -6.29 -1.56 46.90
CA LEU D 230 -7.34 -2.09 46.01
C LEU D 230 -8.78 -1.78 46.43
N THR D 231 -9.18 -2.26 47.60
CA THR D 231 -10.53 -1.99 48.08
C THR D 231 -10.77 -0.50 48.31
N ASP D 232 -9.72 0.25 48.64
CA ASP D 232 -9.84 1.70 48.80
C ASP D 232 -10.18 2.34 47.46
N ARG D 233 -9.51 1.87 46.43
CA ARG D 233 -9.68 2.38 45.08
C ARG D 233 -11.12 2.10 44.64
N LEU D 234 -11.59 0.89 44.94
CA LEU D 234 -12.93 0.50 44.53
C LEU D 234 -13.99 1.29 45.28
N ALA D 235 -13.77 1.48 46.58
CA ALA D 235 -14.71 2.27 47.36
C ALA D 235 -14.68 3.74 46.94
N PHE D 236 -13.50 4.27 46.64
CA PHE D 236 -13.44 5.66 46.21
C PHE D 236 -14.11 5.83 44.83
N TYR D 237 -14.23 4.75 44.05
CA TYR D 237 -14.79 4.87 42.71
C TYR D 237 -16.32 5.08 42.74
N LEU D 238 -16.99 4.49 43.72
CA LEU D 238 -18.38 4.76 43.89
C LEU D 238 -18.71 5.85 44.89
N CYS D 239 -17.75 6.25 45.69
CA CYS D 239 -18.04 7.07 46.84
C CYS D 239 -17.40 8.43 46.91
N GLY D 240 -16.23 8.57 46.32
CA GLY D 240 -15.47 9.78 46.49
C GLY D 240 -14.84 9.90 47.86
N ARG D 241 -14.88 8.81 48.61
CA ARG D 241 -14.33 8.76 49.94
C ARG D 241 -13.66 7.44 50.08
N LYS D 242 -12.66 7.35 50.95
CA LYS D 242 -11.96 6.10 51.18
C LYS D 242 -11.96 5.87 52.70
N PRO D 243 -11.85 4.60 53.17
CA PRO D 243 -11.93 4.33 54.61
C PRO D 243 -10.97 5.13 55.49
N ASP D 244 -11.31 5.24 56.76
CA ASP D 244 -10.43 5.86 57.74
C ASP D 244 -9.66 4.76 58.47
N HIS D 245 -8.45 4.54 57.99
CA HIS D 245 -7.59 3.47 58.48
C HIS D 245 -7.06 3.77 59.88
N LYS D 246 -6.85 5.05 60.16
CA LYS D 246 -6.41 5.49 61.49
C LYS D 246 -7.53 5.34 62.53
N SER D 247 -8.77 5.20 62.08
CA SER D 247 -9.92 5.04 63.00
C SER D 247 -10.22 3.57 63.27
N GLY D 248 -9.84 2.70 62.35
CA GLY D 248 -10.05 1.27 62.54
C GLY D 248 -10.81 0.56 61.43
N GLN D 249 -11.69 1.28 60.73
CA GLN D 249 -12.34 0.73 59.54
C GLN D 249 -11.35 0.74 58.38
N HIS D 250 -11.10 -0.43 57.78
CA HIS D 250 -10.24 -0.50 56.59
C HIS D 250 -11.06 -0.75 55.34
N PHE D 251 -12.33 -1.13 55.54
CA PHE D 251 -13.26 -1.30 54.45
C PHE D 251 -14.34 -0.25 54.50
N LEU D 252 -14.88 0.09 53.33
CA LEU D 252 -16.03 0.97 53.23
C LEU D 252 -16.97 0.36 52.20
N ILE D 253 -18.12 -0.09 52.68
CA ILE D 253 -19.09 -0.72 51.79
C ILE D 253 -20.08 0.33 51.33
N PRO D 254 -19.97 0.74 50.06
CA PRO D 254 -20.90 1.79 49.63
C PRO D 254 -22.30 1.23 49.56
N GLN D 255 -23.29 2.10 49.71
CA GLN D 255 -24.66 1.65 49.63
C GLN D 255 -25.10 1.42 48.21
N ARG D 256 -25.92 0.41 48.02
CA ARG D 256 -26.50 0.08 46.73
C ARG D 256 -27.52 1.17 46.33
N ALA D 257 -27.60 1.49 45.04
CA ALA D 257 -28.51 2.55 44.57
C ALA D 257 -29.99 2.19 44.73
N ASP D 258 -30.33 0.91 44.51
CA ASP D 258 -31.70 0.42 44.67
C ASP D 258 -31.89 -0.27 46.01
N ALA D 259 -31.16 0.17 47.03
CA ALA D 259 -31.19 -0.47 48.35
C ALA D 259 -32.53 -0.29 49.05
N ALA D 260 -33.47 0.37 48.38
CA ALA D 260 -34.85 0.42 48.86
C ALA D 260 -35.66 -0.75 48.28
N LEU D 261 -35.10 -1.43 47.30
CA LEU D 261 -35.73 -2.61 46.72
C LEU D 261 -34.95 -3.85 47.13
N ASP D 262 -35.67 -4.92 47.44
CA ASP D 262 -35.01 -6.17 47.83
C ASP D 262 -34.33 -6.76 46.61
N LEU D 263 -33.25 -7.50 46.83
CA LEU D 263 -32.35 -7.92 45.75
C LEU D 263 -33.01 -8.79 44.68
N SER D 264 -32.61 -8.59 43.43
CA SER D 264 -33.10 -9.37 42.30
C SER D 264 -32.65 -10.83 42.37
N GLU D 265 -33.29 -11.68 41.56
CA GLU D 265 -32.95 -13.11 41.52
C GLU D 265 -31.55 -13.28 40.93
N LEU D 266 -31.36 -12.76 39.72
CA LEU D 266 -30.06 -12.78 39.04
C LEU D 266 -28.93 -12.19 39.89
N ALA D 267 -29.21 -11.08 40.58
CA ALA D 267 -28.21 -10.44 41.44
C ALA D 267 -27.77 -11.38 42.56
N LYS D 268 -28.75 -11.97 43.25
CA LYS D 268 -28.49 -12.92 44.35
C LYS D 268 -27.71 -14.16 43.85
N ALA D 269 -27.96 -14.56 42.61
CA ALA D 269 -27.27 -15.67 41.97
C ALA D 269 -25.81 -15.33 41.67
N ALA D 270 -25.63 -14.14 41.10
CA ALA D 270 -24.31 -13.66 40.77
C ALA D 270 -23.44 -13.67 42.01
N LYS D 271 -23.96 -13.09 43.09
CA LYS D 271 -23.22 -12.97 44.34
C LYS D 271 -22.90 -14.35 44.93
N LYS D 272 -23.77 -15.33 44.68
CA LYS D 272 -23.51 -16.68 45.10
C LYS D 272 -22.28 -17.23 44.36
N LYS D 273 -22.26 -17.07 43.04
CA LYS D 273 -21.12 -17.52 42.26
C LYS D 273 -19.84 -16.82 42.72
N LEU D 274 -19.98 -15.58 43.18
CA LEU D 274 -18.83 -14.80 43.62
C LEU D 274 -18.20 -15.40 44.87
N GLN D 275 -19.04 -15.90 45.76
CA GLN D 275 -18.57 -16.44 47.04
C GLN D 275 -18.02 -17.85 46.89
N SER D 276 -18.39 -18.52 45.80
CA SER D 276 -17.86 -19.86 45.53
C SER D 276 -16.39 -19.83 45.09
N LEU D 277 -15.85 -18.65 44.86
CA LEU D 277 -14.45 -18.59 44.43
C LEU D 277 -13.52 -18.76 45.63
N SER D 278 -12.41 -19.45 45.39
CA SER D 278 -11.33 -19.53 46.36
C SER D 278 -10.83 -18.13 46.64
N ASN D 279 -10.32 -17.89 47.84
CA ASN D 279 -9.62 -16.65 48.13
C ASN D 279 -8.69 -16.22 46.99
N HIS D 280 -7.97 -17.20 46.44
CA HIS D 280 -7.02 -16.91 45.39
C HIS D 280 -7.70 -16.32 44.16
N LEU D 281 -8.74 -16.97 43.66
CA LEU D 281 -9.36 -16.54 42.41
C LEU D 281 -10.10 -15.21 42.55
N PHE D 282 -10.68 -15.00 43.74
CA PHE D 282 -11.33 -13.74 44.09
C PHE D 282 -10.35 -12.57 44.13
N GLU D 283 -9.13 -12.85 44.61
CA GLU D 283 -8.11 -11.84 44.61
C GLU D 283 -7.75 -11.48 43.17
N GLU D 284 -7.72 -12.49 42.29
CA GLU D 284 -7.45 -12.23 40.88
C GLU D 284 -8.55 -11.39 40.25
N LEU D 285 -9.80 -11.72 40.57
CA LEU D 285 -10.92 -10.99 40.03
C LEU D 285 -10.87 -9.55 40.51
N ALA D 286 -10.42 -9.35 41.74
CA ALA D 286 -10.32 -8.01 42.30
C ALA D 286 -9.31 -7.19 41.55
N MET D 287 -8.19 -7.82 41.19
CA MET D 287 -7.20 -7.14 40.37
C MET D 287 -7.79 -6.73 39.00
N ASP D 288 -8.66 -7.57 38.42
CA ASP D 288 -9.32 -7.29 37.12
C ASP D 288 -10.27 -6.08 37.22
N VAL D 289 -11.17 -6.15 38.19
CA VAL D 289 -12.04 -5.05 38.53
C VAL D 289 -11.26 -3.79 38.89
N TYR D 290 -10.18 -3.96 39.64
CA TYR D 290 -9.30 -2.84 39.96
C TYR D 290 -8.95 -2.12 38.68
N ASP D 291 -8.27 -2.84 37.79
CA ASP D 291 -7.83 -2.31 36.51
C ASP D 291 -8.94 -1.57 35.78
N GLU D 292 -10.11 -2.18 35.74
CA GLU D 292 -11.24 -1.57 35.06
C GLU D 292 -11.63 -0.25 35.71
N VAL D 293 -11.56 -0.18 37.05
CA VAL D 293 -11.78 1.10 37.72
C VAL D 293 -10.71 2.13 37.29
N ASP D 294 -9.44 1.75 37.29
CA ASP D 294 -8.39 2.65 36.85
C ASP D 294 -8.53 3.11 35.37
N ARG D 295 -8.96 2.21 34.49
CA ARG D 295 -9.18 2.60 33.08
C ARG D 295 -10.32 3.62 32.93
N ARG D 296 -11.43 3.36 33.62
CA ARG D 296 -12.59 4.25 33.58
C ARG D 296 -12.24 5.55 34.26
N GLU D 297 -11.49 5.47 35.35
CA GLU D 297 -11.03 6.67 36.06
C GLU D 297 -10.14 7.51 35.17
N THR D 298 -9.23 6.87 34.44
CA THR D 298 -8.27 7.62 33.66
C THR D 298 -8.91 8.22 32.41
N ASP D 299 -10.04 7.66 31.97
CA ASP D 299 -10.76 8.23 30.84
C ASP D 299 -11.36 9.60 31.18
N ALA D 300 -11.95 9.73 32.36
CA ALA D 300 -12.50 11.02 32.76
C ALA D 300 -11.34 11.98 32.98
N VAL D 301 -10.25 11.47 33.55
CA VAL D 301 -9.07 12.30 33.75
C VAL D 301 -8.53 12.71 32.37
N TRP D 302 -8.53 11.79 31.45
CA TRP D 302 -8.05 12.13 30.12
C TRP D 302 -8.86 13.30 29.55
N LEU D 303 -10.19 13.13 29.42
CA LEU D 303 -11.10 14.18 28.92
C LEU D 303 -11.09 15.50 29.69
N ALA D 304 -10.73 15.49 30.96
CA ALA D 304 -10.79 16.73 31.75
C ALA D 304 -9.54 17.58 31.57
N THR D 305 -8.53 17.01 30.90
CA THR D 305 -7.22 17.64 30.84
C THR D 305 -6.83 18.00 29.41
N GLN D 306 -7.38 17.29 28.43
CA GLN D 306 -7.00 17.51 27.05
C GLN D 306 -7.76 18.66 26.41
N ASN D 307 -7.11 19.37 25.50
CA ASN D 307 -7.77 20.33 24.64
C ASN D 307 -8.68 19.58 23.66
N HIS D 308 -9.77 20.20 23.24
CA HIS D 308 -10.72 19.55 22.32
C HIS D 308 -10.06 19.16 20.99
N SER D 309 -8.86 19.70 20.75
CA SER D 309 -8.10 19.43 19.53
C SER D 309 -7.46 18.03 19.49
N THR D 310 -7.00 17.54 20.64
CA THR D 310 -6.33 16.24 20.73
C THR D 310 -7.27 15.09 20.38
N LEU D 311 -8.57 15.32 20.57
CA LEU D 311 -9.62 14.35 20.24
C LEU D 311 -10.84 15.04 19.62
N VAL D 318 -8.09 0.72 22.80
CA VAL D 318 -8.48 1.97 23.46
C VAL D 318 -9.71 1.83 24.39
N PRO D 319 -10.83 1.26 23.90
CA PRO D 319 -12.08 1.40 24.65
C PRO D 319 -12.30 0.29 25.68
N PHE D 320 -11.33 -0.59 25.83
CA PHE D 320 -11.36 -1.62 26.86
C PHE D 320 -9.95 -1.87 27.37
N LEU D 321 -9.78 -2.83 28.27
CA LEU D 321 -8.44 -3.09 28.79
C LEU D 321 -7.58 -3.67 27.69
N PRO D 322 -6.36 -3.14 27.55
CA PRO D 322 -5.40 -3.74 26.63
C PRO D 322 -5.07 -5.19 26.98
N VAL D 323 -4.82 -5.99 25.94
CA VAL D 323 -4.37 -7.35 26.09
C VAL D 323 -3.10 -7.42 26.94
N ASN D 324 -3.09 -8.32 27.93
CA ASN D 324 -1.84 -8.66 28.60
C ASN D 324 -1.37 -10.03 28.11
N PRO D 325 -0.22 -10.07 27.37
CA PRO D 325 0.30 -11.32 26.78
C PRO D 325 0.72 -12.39 27.78
N GLU D 326 0.89 -12.03 29.04
CA GLU D 326 1.23 -13.02 30.06
C GLU D 326 -0.04 -13.75 30.51
N TYR D 327 -1.20 -13.18 30.19
CA TYR D 327 -2.51 -13.75 30.55
C TYR D 327 -3.06 -14.67 29.49
N SER D 328 -3.86 -15.64 29.89
CA SER D 328 -4.51 -16.51 28.92
C SER D 328 -5.54 -15.74 28.11
N SER D 329 -5.99 -16.32 27.01
CA SER D 329 -7.06 -15.75 26.20
C SER D 329 -8.28 -15.41 27.08
N THR D 330 -8.77 -16.42 27.81
CA THR D 330 -9.90 -16.31 28.73
C THR D 330 -9.82 -15.13 29.70
N ARG D 331 -8.68 -15.03 30.39
CA ARG D 331 -8.46 -14.04 31.43
C ARG D 331 -8.64 -12.63 30.87
N ASN D 332 -8.06 -12.44 29.69
CA ASN D 332 -8.18 -11.19 28.96
C ASN D 332 -9.59 -10.92 28.48
N GLN D 333 -10.24 -11.93 27.90
CA GLN D 333 -11.63 -11.83 27.44
C GLN D 333 -12.49 -11.36 28.60
N GLY D 334 -12.20 -11.93 29.77
CA GLY D 334 -12.87 -11.53 31.00
C GLY D 334 -12.65 -10.07 31.32
N ARG D 335 -11.39 -9.63 31.28
CA ARG D 335 -11.05 -8.24 31.62
C ARG D 335 -11.73 -7.29 30.64
N GLN D 336 -11.74 -7.67 29.37
CA GLN D 336 -12.28 -6.78 28.36
C GLN D 336 -13.80 -6.77 28.44
N LYS D 337 -14.39 -7.89 28.87
CA LYS D 337 -15.84 -7.95 29.07
C LYS D 337 -16.28 -6.92 30.10
N LEU D 338 -15.44 -6.64 31.10
CA LEU D 338 -15.75 -5.63 32.13
C LEU D 338 -16.13 -4.27 31.50
N ALA D 339 -15.59 -3.97 30.33
CA ALA D 339 -15.89 -2.69 29.70
C ALA D 339 -17.36 -2.60 29.25
N ARG D 340 -18.03 -3.74 29.10
CA ARG D 340 -19.42 -3.77 28.60
C ARG D 340 -20.44 -3.56 29.71
N PHE D 341 -19.99 -3.70 30.95
CA PHE D 341 -20.83 -3.40 32.10
C PHE D 341 -21.26 -1.96 31.97
N ASN D 342 -22.50 -1.67 32.33
CA ASN D 342 -22.89 -0.27 32.39
C ASN D 342 -22.60 0.26 33.80
N ALA D 343 -22.97 1.51 34.06
CA ALA D 343 -22.65 2.14 35.33
C ALA D 343 -23.20 1.29 36.46
N HIS D 344 -24.42 0.79 36.26
CA HIS D 344 -25.13 0.07 37.30
C HIS D 344 -24.65 -1.40 37.47
N GLU D 345 -24.47 -2.10 36.36
CA GLU D 345 -23.95 -3.45 36.43
C GLU D 345 -22.58 -3.44 37.08
N PHE D 346 -21.80 -2.41 36.79
CA PHE D 346 -20.42 -2.31 37.28
C PHE D 346 -20.35 -1.98 38.77
N ALA D 347 -21.19 -1.04 39.19
CA ALA D 347 -21.30 -0.66 40.60
C ALA D 347 -21.78 -1.81 41.50
N THR D 348 -22.75 -2.58 41.01
CA THR D 348 -23.21 -3.81 41.68
C THR D 348 -22.06 -4.78 41.93
N LEU D 349 -21.26 -5.02 40.88
CA LEU D 349 -20.09 -5.88 40.99
C LEU D 349 -19.12 -5.37 42.01
N VAL D 350 -18.88 -4.06 41.99
CA VAL D 350 -17.87 -3.46 42.85
C VAL D 350 -18.27 -3.54 44.32
N ILE D 351 -19.56 -3.29 44.62
CA ILE D 351 -20.08 -3.43 45.99
C ILE D 351 -19.98 -4.85 46.54
N ASP D 352 -20.26 -5.86 45.71
CA ASP D 352 -20.22 -7.24 46.16
C ASP D 352 -18.79 -7.65 46.49
N ILE D 353 -17.84 -7.17 45.69
CA ILE D 353 -16.43 -7.47 45.91
C ILE D 353 -15.94 -6.86 47.21
N LEU D 354 -16.24 -5.58 47.43
CA LEU D 354 -15.88 -4.92 48.67
C LEU D 354 -16.44 -5.67 49.87
N SER D 355 -17.73 -5.97 49.83
CA SER D 355 -18.41 -6.57 50.98
C SER D 355 -17.96 -8.01 51.26
N ASP D 356 -17.46 -8.69 50.25
CA ASP D 356 -16.86 -10.01 50.47
C ASP D 356 -15.40 -9.90 50.78
N ALA D 357 -14.75 -8.89 50.21
CA ALA D 357 -13.39 -8.59 50.60
C ALA D 357 -13.38 -8.43 52.12
N LYS D 358 -14.41 -7.77 52.65
CA LYS D 358 -14.56 -7.61 54.09
C LYS D 358 -14.82 -8.93 54.81
N ARG D 359 -15.75 -9.73 54.28
CA ARG D 359 -16.09 -11.02 54.87
C ARG D 359 -14.86 -11.89 54.93
N ARG D 360 -14.14 -11.96 53.82
CA ARG D 360 -13.00 -12.85 53.71
C ARG D 360 -11.87 -12.50 54.67
N GLN D 361 -11.88 -11.28 55.22
CA GLN D 361 -10.87 -10.89 56.18
C GLN D 361 -11.37 -11.06 57.62
N GLN D 362 -12.70 -11.12 57.76
CA GLN D 362 -13.36 -11.36 59.05
C GLN D 362 -13.64 -12.85 59.28
N ARG E 10 36.30 -61.17 20.95
CA ARG E 10 37.61 -61.44 20.36
C ARG E 10 38.75 -60.68 21.06
N SER E 11 38.67 -59.35 21.10
CA SER E 11 39.67 -58.53 21.78
C SER E 11 39.74 -58.80 23.29
N SER E 12 38.68 -59.37 23.84
CA SER E 12 38.56 -59.57 25.29
C SER E 12 39.57 -60.56 25.87
N ASP E 13 40.12 -61.42 25.02
CA ASP E 13 40.95 -62.49 25.53
C ASP E 13 42.37 -62.02 25.82
N VAL E 14 42.69 -60.79 25.43
CA VAL E 14 44.06 -60.29 25.54
C VAL E 14 44.16 -58.86 26.03
N CYS E 15 45.28 -58.56 26.67
CA CYS E 15 45.58 -57.22 27.13
C CYS E 15 45.79 -56.30 25.92
N ALA E 16 45.20 -55.11 25.97
CA ALA E 16 45.30 -54.19 24.86
C ALA E 16 46.71 -53.65 24.69
N ASP E 17 47.53 -53.73 25.74
CA ASP E 17 48.82 -53.04 25.73
C ASP E 17 50.02 -53.95 25.48
N CYS E 18 49.97 -55.20 25.94
CA CYS E 18 51.08 -56.13 25.72
C CYS E 18 50.64 -57.48 25.12
N ASN E 19 49.39 -57.56 24.72
CA ASN E 19 48.84 -58.73 24.07
C ASN E 19 48.85 -59.88 25.02
N GLY E 20 49.03 -59.59 26.29
CA GLY E 20 49.05 -60.60 27.31
C GLY E 20 47.71 -61.24 27.52
N PRO E 21 47.75 -62.62 27.70
CA PRO E 21 46.43 -63.24 27.80
C PRO E 21 45.70 -63.03 29.11
N ASP E 22 44.38 -63.05 29.04
CA ASP E 22 43.53 -62.96 30.20
C ASP E 22 43.72 -61.77 31.12
N PRO E 23 43.41 -60.52 30.53
CA PRO E 23 43.58 -59.38 31.42
C PRO E 23 42.58 -59.31 32.53
N SER E 24 42.94 -58.63 33.61
CA SER E 24 42.10 -58.50 34.78
C SER E 24 41.59 -57.10 35.07
N TRP E 25 42.03 -56.13 34.31
CA TRP E 25 41.67 -54.74 34.60
C TRP E 25 41.14 -54.04 33.35
N ALA E 26 40.52 -52.89 33.58
CA ALA E 26 39.97 -52.09 32.50
C ALA E 26 40.39 -50.66 32.69
N SER E 27 40.79 -50.04 31.58
CA SER E 27 40.94 -48.61 31.47
C SER E 27 39.62 -48.13 30.88
N VAL E 28 38.76 -47.57 31.73
CA VAL E 28 37.36 -47.26 31.40
C VAL E 28 37.18 -46.21 30.33
N ASN E 29 37.93 -45.11 30.41
CA ASN E 29 37.81 -44.04 29.45
C ASN E 29 38.52 -44.31 28.12
N ARG E 30 39.30 -45.39 28.07
CA ARG E 30 40.01 -45.77 26.85
C ARG E 30 39.38 -46.95 26.18
N GLY E 31 38.32 -47.46 26.79
CA GLY E 31 37.66 -48.67 26.33
C GLY E 31 38.59 -49.86 26.08
N THR E 32 39.53 -50.12 26.98
CA THR E 32 40.47 -51.22 26.77
C THR E 32 40.59 -52.12 28.00
N PHE E 33 40.81 -53.42 27.75
CA PHE E 33 41.09 -54.39 28.81
C PHE E 33 42.61 -54.54 28.97
N ILE E 34 43.12 -54.45 30.19
CA ILE E 34 44.57 -54.52 30.34
C ILE E 34 44.97 -55.57 31.37
N CYS E 35 46.22 -56.04 31.27
CA CYS E 35 46.72 -57.01 32.25
C CYS E 35 47.17 -56.30 33.52
N ASP E 36 47.47 -57.09 34.55
CA ASP E 36 47.89 -56.56 35.86
C ASP E 36 49.13 -55.66 35.79
N GLU E 37 50.19 -56.18 35.17
CA GLU E 37 51.42 -55.40 35.04
C GLU E 37 51.16 -54.07 34.36
N CYS E 38 50.60 -54.09 33.16
CA CYS E 38 50.32 -52.86 32.45
C CYS E 38 49.49 -51.86 33.28
N CYS E 39 48.59 -52.40 34.09
CA CYS E 39 47.75 -51.59 34.97
C CYS E 39 48.58 -50.86 36.02
N SER E 40 49.59 -51.54 36.55
CA SER E 40 50.49 -50.91 37.50
C SER E 40 51.05 -49.63 36.92
N VAL E 41 51.40 -49.66 35.63
CA VAL E 41 51.78 -48.44 34.93
C VAL E 41 50.62 -47.46 34.89
N HIS E 42 49.46 -47.91 34.41
CA HIS E 42 48.23 -47.09 34.33
C HIS E 42 47.93 -46.30 35.61
N ARG E 43 48.14 -46.90 36.77
CA ARG E 43 47.78 -46.25 38.03
C ARG E 43 48.71 -45.09 38.34
N SER E 44 49.91 -45.12 37.81
CA SER E 44 50.90 -44.10 38.13
C SER E 44 50.69 -42.90 37.22
N LEU E 45 49.84 -43.08 36.21
CA LEU E 45 49.58 -42.04 35.21
C LEU E 45 48.50 -41.03 35.60
N GLY E 46 47.54 -41.46 36.42
CA GLY E 46 46.49 -40.59 36.91
C GLY E 46 45.16 -40.78 36.21
N ARG E 47 44.07 -40.44 36.90
CA ARG E 47 42.72 -40.60 36.32
C ARG E 47 42.52 -39.67 35.11
N HIS E 48 43.34 -38.64 34.98
CA HIS E 48 43.16 -37.76 33.84
C HIS E 48 43.66 -38.45 32.56
N ILE E 49 44.42 -39.53 32.71
CA ILE E 49 44.91 -40.28 31.55
C ILE E 49 44.18 -41.61 31.41
N SER E 50 43.98 -42.28 32.54
CA SER E 50 43.42 -43.63 32.55
C SER E 50 42.63 -43.95 33.82
N GLN E 51 41.35 -44.28 33.66
CA GLN E 51 40.53 -44.64 34.81
C GLN E 51 40.50 -46.16 35.00
N VAL E 52 41.13 -46.59 36.09
CA VAL E 52 41.33 -48.01 36.33
C VAL E 52 40.25 -48.64 37.24
N ARG E 53 39.69 -49.75 36.79
CA ARG E 53 38.81 -50.53 37.64
C ARG E 53 39.04 -52.02 37.38
N HIS E 54 39.10 -52.80 38.46
CA HIS E 54 39.25 -54.24 38.30
C HIS E 54 38.02 -54.92 37.64
N LEU E 55 38.24 -56.08 37.02
CA LEU E 55 37.20 -56.71 36.21
C LEU E 55 36.35 -57.68 37.00
N LYS E 56 36.94 -58.33 38.00
CA LYS E 56 36.21 -59.38 38.70
C LYS E 56 36.13 -59.24 40.23
N HIS E 57 36.72 -58.19 40.80
CA HIS E 57 36.79 -58.06 42.27
C HIS E 57 35.50 -57.52 42.84
N THR E 58 34.74 -56.83 42.01
CA THR E 58 33.54 -56.15 42.46
C THR E 58 32.56 -56.06 41.31
N ALA E 59 31.30 -56.40 41.54
CA ALA E 59 30.28 -56.30 40.51
C ALA E 59 30.19 -54.85 40.05
N TRP E 60 30.07 -54.67 38.74
CA TRP E 60 29.91 -53.35 38.12
C TRP E 60 28.45 -53.02 37.93
N PRO E 61 28.16 -51.75 37.60
CA PRO E 61 26.88 -51.54 36.92
C PRO E 61 26.94 -52.31 35.60
N PRO E 62 25.90 -53.09 35.31
CA PRO E 62 26.02 -53.99 34.15
C PRO E 62 26.31 -53.27 32.83
N THR E 63 25.65 -52.14 32.57
CA THR E 63 25.74 -51.47 31.28
C THR E 63 27.05 -50.68 31.11
N LEU E 64 27.68 -50.33 32.24
CA LEU E 64 28.98 -49.68 32.19
C LEU E 64 30.02 -50.67 31.68
N LEU E 65 30.02 -51.87 32.25
CA LEU E 65 30.96 -52.91 31.84
C LEU E 65 30.66 -53.30 30.40
N GLN E 66 29.37 -53.37 30.10
CA GLN E 66 28.93 -53.70 28.73
C GLN E 66 29.49 -52.70 27.74
N MET E 67 29.36 -51.43 28.07
CA MET E 67 29.88 -50.36 27.23
C MET E 67 31.38 -50.54 27.00
N VAL E 68 32.13 -50.81 28.06
CA VAL E 68 33.58 -50.90 27.88
C VAL E 68 33.94 -52.09 27.02
N GLU E 69 33.24 -53.21 27.24
CA GLU E 69 33.57 -54.44 26.53
C GLU E 69 33.24 -54.31 25.06
N THR E 70 32.13 -53.64 24.76
CA THR E 70 31.74 -53.32 23.39
C THR E 70 32.80 -52.49 22.66
N LEU E 71 33.20 -51.39 23.31
CA LEU E 71 34.21 -50.51 22.76
C LEU E 71 35.50 -51.22 22.41
N TYR E 72 36.05 -51.94 23.38
CA TYR E 72 37.27 -52.70 23.19
C TYR E 72 37.13 -53.71 22.05
N ASN E 73 35.93 -54.27 21.93
CA ASN E 73 35.69 -55.28 20.90
C ASN E 73 35.30 -54.70 19.55
N ASN E 74 35.32 -53.37 19.41
CA ASN E 74 35.07 -52.75 18.12
C ASN E 74 36.04 -51.65 17.81
N GLY E 75 37.31 -51.91 18.10
CA GLY E 75 38.37 -51.06 17.62
C GLY E 75 38.65 -49.82 18.46
N ALA E 76 38.36 -49.91 19.75
CA ALA E 76 38.84 -48.89 20.66
C ALA E 76 40.35 -48.81 20.53
N ASN E 77 40.99 -49.97 20.53
CA ASN E 77 42.44 -50.02 20.54
C ASN E 77 43.08 -49.56 19.23
N SER E 78 42.31 -49.55 18.15
CA SER E 78 42.85 -49.12 16.86
C SER E 78 43.06 -47.61 16.86
N ILE E 79 42.28 -46.91 17.68
CA ILE E 79 42.38 -45.47 17.78
C ILE E 79 43.72 -45.08 18.40
N TRP E 80 44.08 -45.78 19.47
CA TRP E 80 45.29 -45.46 20.23
C TRP E 80 46.54 -46.04 19.60
N GLU E 81 46.36 -46.94 18.64
CA GLU E 81 47.48 -47.65 18.06
C GLU E 81 47.52 -47.53 16.54
N HIS E 82 46.77 -46.57 15.99
CA HIS E 82 46.61 -46.38 14.54
C HIS E 82 47.89 -46.42 13.71
N SER E 83 48.91 -45.68 14.12
CA SER E 83 50.19 -45.69 13.43
C SER E 83 50.87 -47.07 13.46
N LEU E 84 50.70 -47.80 14.56
CA LEU E 84 51.25 -49.16 14.70
C LEU E 84 50.45 -50.18 13.87
N LEU E 85 49.32 -49.73 13.32
CA LEU E 85 48.45 -50.61 12.57
C LEU E 85 48.53 -50.44 11.06
N ASP E 86 48.75 -49.25 10.53
CA ASP E 86 48.80 -49.20 9.07
C ASP E 86 50.27 -49.30 8.59
N PRO E 87 50.52 -50.12 7.56
CA PRO E 87 51.79 -50.56 6.96
C PRO E 87 52.82 -49.50 6.66
N ALA E 88 52.38 -48.31 6.31
CA ALA E 88 53.29 -47.26 5.92
C ALA E 88 54.09 -46.64 7.09
N SER E 89 53.80 -47.05 8.32
CA SER E 89 54.46 -46.43 9.46
C SER E 89 55.17 -47.41 10.39
N ILE E 90 55.23 -48.69 10.03
CA ILE E 90 55.75 -49.68 10.96
C ILE E 90 57.27 -49.80 10.84
N MET E 91 57.95 -49.43 11.93
CA MET E 91 59.41 -49.47 12.02
C MET E 91 59.88 -50.09 13.32
N SER E 92 61.20 -50.27 13.43
CA SER E 92 61.81 -50.98 14.56
C SER E 92 61.79 -50.19 15.87
N GLY E 93 61.71 -48.86 15.79
CA GLY E 93 61.69 -48.02 16.99
C GLY E 93 60.32 -47.84 17.63
N ARG E 94 59.26 -48.18 16.88
CA ARG E 94 57.91 -48.09 17.40
C ARG E 94 57.34 -49.49 17.55
N ARG E 95 57.63 -50.12 18.69
CA ARG E 95 57.24 -51.51 18.91
C ARG E 95 56.36 -51.63 20.14
N LYS E 96 55.11 -52.01 19.91
CA LYS E 96 54.19 -52.42 20.99
C LYS E 96 54.90 -53.46 21.86
N ALA E 97 54.58 -53.53 23.15
CA ALA E 97 55.29 -54.44 24.05
C ALA E 97 54.88 -55.90 23.86
N ASN E 98 55.78 -56.82 24.24
CA ASN E 98 55.47 -58.26 24.22
C ASN E 98 55.00 -58.74 25.60
N PRO E 99 54.17 -59.80 25.66
CA PRO E 99 53.68 -60.34 26.94
C PRO E 99 54.78 -60.52 27.98
N GLN E 100 55.93 -61.00 27.54
CA GLN E 100 57.00 -61.31 28.46
C GLN E 100 58.04 -60.18 28.55
N ASP E 101 57.77 -59.05 27.90
CA ASP E 101 58.62 -57.87 28.06
C ASP E 101 58.78 -57.45 29.51
N LYS E 102 59.87 -56.74 29.79
CA LYS E 102 60.08 -56.20 31.13
C LYS E 102 59.06 -55.08 31.35
N VAL E 103 58.50 -55.00 32.55
CA VAL E 103 57.54 -53.95 32.88
C VAL E 103 58.22 -52.59 32.69
N HIS E 104 59.38 -52.41 33.32
CA HIS E 104 60.22 -51.22 33.15
C HIS E 104 61.51 -51.62 32.44
N PRO E 105 61.91 -50.87 31.38
CA PRO E 105 61.19 -49.73 30.82
C PRO E 105 60.21 -50.09 29.68
N ASN E 106 60.39 -51.24 29.02
CA ASN E 106 59.62 -51.60 27.82
C ASN E 106 58.11 -51.36 27.86
N LYS E 107 57.40 -52.11 28.69
CA LYS E 107 55.95 -51.94 28.77
C LYS E 107 55.61 -50.53 29.20
N ALA E 108 56.22 -50.10 30.30
CA ALA E 108 55.99 -48.77 30.84
C ALA E 108 56.17 -47.65 29.83
N GLU E 109 57.28 -47.66 29.10
CA GLU E 109 57.52 -46.64 28.08
C GLU E 109 56.46 -46.67 26.97
N PHE E 110 56.05 -47.87 26.58
CA PHE E 110 55.04 -48.02 25.55
C PHE E 110 53.66 -47.51 25.99
N ILE E 111 53.25 -47.92 27.17
CA ILE E 111 51.99 -47.46 27.75
C ILE E 111 51.95 -45.94 27.82
N ARG E 112 52.99 -45.34 28.41
CA ARG E 112 53.09 -43.88 28.49
C ARG E 112 53.06 -43.25 27.09
N ALA E 113 53.66 -43.93 26.12
CA ALA E 113 53.69 -43.44 24.73
C ALA E 113 52.31 -43.48 24.10
N LYS E 114 51.64 -44.61 24.30
CA LYS E 114 50.33 -44.89 23.71
C LYS E 114 49.18 -44.00 24.23
N TYR E 115 49.21 -43.64 25.50
CA TYR E 115 48.05 -42.94 26.10
C TYR E 115 48.39 -41.53 26.62
N GLN E 116 49.54 -41.40 27.29
CA GLN E 116 49.97 -40.09 27.80
C GLN E 116 50.48 -39.21 26.66
N MET E 117 51.42 -39.74 25.89
CA MET E 117 51.97 -39.02 24.74
C MET E 117 51.04 -39.01 23.51
N LEU E 118 50.09 -39.95 23.47
CA LEU E 118 49.28 -40.22 22.28
C LEU E 118 50.16 -40.37 21.04
N ALA E 119 51.31 -41.02 21.21
CA ALA E 119 52.30 -41.15 20.15
C ALA E 119 51.79 -41.81 18.87
N PHE E 120 50.80 -42.69 18.99
CA PHE E 120 50.41 -43.51 17.85
C PHE E 120 49.02 -43.19 17.32
N VAL E 121 48.47 -42.02 17.66
CA VAL E 121 47.13 -41.71 17.17
C VAL E 121 47.21 -41.05 15.78
N HIS E 122 46.10 -41.14 15.05
CA HIS E 122 46.02 -40.59 13.70
C HIS E 122 46.20 -39.08 13.70
N ARG E 123 45.30 -38.36 14.36
CA ARG E 123 45.45 -36.93 14.54
C ARG E 123 45.37 -36.61 16.03
N LEU E 124 46.26 -35.76 16.52
CA LEU E 124 46.26 -35.33 17.92
C LEU E 124 44.98 -34.54 18.23
N PRO E 125 44.61 -34.41 19.52
CA PRO E 125 43.44 -33.60 19.83
C PRO E 125 43.73 -32.11 19.64
N CYS E 126 42.70 -31.30 19.42
CA CYS E 126 42.88 -29.87 19.20
C CYS E 126 43.25 -29.16 20.50
N ARG E 127 43.69 -27.90 20.39
CA ARG E 127 44.24 -27.17 21.53
C ARG E 127 43.16 -26.75 22.53
N SER E 131 38.94 -23.57 19.76
CA SER E 131 37.55 -23.15 19.92
C SER E 131 36.73 -23.45 18.68
N VAL E 132 37.26 -23.13 17.50
CA VAL E 132 36.54 -23.38 16.24
C VAL E 132 36.50 -24.87 15.90
N THR E 133 37.59 -25.58 16.21
CA THR E 133 37.70 -27.01 15.93
C THR E 133 36.90 -27.83 16.96
N ALA E 134 37.01 -27.43 18.22
CA ALA E 134 36.29 -28.09 19.32
C ALA E 134 34.78 -28.09 19.06
N LYS E 135 34.20 -26.90 18.84
CA LYS E 135 32.78 -26.78 18.54
C LYS E 135 32.36 -27.58 17.30
N ASP E 136 33.28 -27.81 16.37
CA ASP E 136 32.95 -28.61 15.19
C ASP E 136 32.78 -30.09 15.54
N LEU E 137 33.81 -30.67 16.14
CA LEU E 137 33.76 -32.04 16.60
C LEU E 137 32.57 -32.25 17.52
N SER E 138 32.40 -31.33 18.46
CA SER E 138 31.34 -31.43 19.47
C SER E 138 29.95 -31.50 18.87
N LYS E 139 29.69 -30.70 17.84
CA LYS E 139 28.41 -30.78 17.14
C LYS E 139 28.31 -32.15 16.47
N GLN E 140 29.41 -32.56 15.84
CA GLN E 140 29.49 -33.87 15.22
C GLN E 140 29.21 -34.95 16.26
N LEU E 141 29.68 -34.74 17.49
CA LEU E 141 29.39 -35.66 18.59
C LEU E 141 27.92 -35.57 18.99
N HIS E 142 27.36 -34.37 18.93
CA HIS E 142 25.98 -34.14 19.32
C HIS E 142 25.02 -34.86 18.38
N SER E 143 25.47 -35.13 17.16
CA SER E 143 24.64 -35.83 16.18
C SER E 143 24.87 -37.33 16.25
N SER E 144 26.14 -37.74 16.29
CA SER E 144 26.51 -39.15 16.25
C SER E 144 25.94 -39.96 17.40
N VAL E 145 25.74 -39.29 18.53
CA VAL E 145 25.29 -39.96 19.76
C VAL E 145 23.87 -40.54 19.63
N ARG E 146 23.04 -39.97 18.76
CA ARG E 146 21.71 -40.52 18.48
C ARG E 146 21.78 -41.95 17.91
N THR E 147 22.84 -42.28 17.17
CA THR E 147 23.04 -43.63 16.66
C THR E 147 23.59 -44.55 17.76
N GLY E 148 24.13 -45.71 17.37
CA GLY E 148 24.66 -46.64 18.35
C GLY E 148 26.12 -47.03 18.16
N ASN E 149 26.91 -46.15 17.54
CA ASN E 149 28.30 -46.49 17.25
C ASN E 149 29.26 -45.83 18.26
N LEU E 150 29.77 -46.66 19.17
CA LEU E 150 30.61 -46.19 20.27
C LEU E 150 32.00 -45.76 19.83
N GLU E 151 32.57 -46.47 18.87
CA GLU E 151 33.90 -46.15 18.37
C GLU E 151 33.89 -44.76 17.69
N THR E 152 32.76 -44.38 17.11
CA THR E 152 32.63 -43.03 16.53
C THR E 152 32.66 -41.93 17.59
N CYS E 153 31.97 -42.15 18.70
CA CYS E 153 31.93 -41.17 19.77
C CYS E 153 33.27 -41.11 20.47
N LEU E 154 33.84 -42.27 20.72
CA LEU E 154 35.17 -42.35 21.33
C LEU E 154 36.21 -41.60 20.46
N ARG E 155 36.10 -41.73 19.14
CA ARG E 155 37.05 -41.06 18.25
C ARG E 155 36.90 -39.56 18.38
N LEU E 156 35.66 -39.08 18.39
CA LEU E 156 35.43 -37.64 18.47
C LEU E 156 35.91 -37.08 19.80
N LEU E 157 35.71 -37.86 20.86
CA LEU E 157 36.08 -37.44 22.21
C LEU E 157 37.60 -37.40 22.35
N SER E 158 38.28 -38.23 21.59
CA SER E 158 39.73 -38.21 21.56
C SER E 158 40.29 -37.05 20.73
N LEU E 159 39.53 -36.59 19.75
CA LEU E 159 39.97 -35.51 18.86
C LEU E 159 39.75 -34.13 19.47
N GLY E 160 38.85 -34.04 20.47
CA GLY E 160 38.62 -32.80 21.17
C GLY E 160 37.17 -32.44 21.48
N ALA E 161 36.24 -33.30 21.07
CA ALA E 161 34.83 -33.07 21.38
C ALA E 161 34.60 -32.97 22.88
N GLN E 162 33.79 -32.00 23.30
CA GLN E 162 33.47 -31.82 24.71
C GLN E 162 32.19 -32.58 25.02
N ALA E 163 32.23 -33.44 26.04
CA ALA E 163 31.11 -34.34 26.35
C ALA E 163 29.88 -33.60 26.88
N ASN E 164 30.11 -32.48 27.56
CA ASN E 164 29.00 -31.74 28.13
C ASN E 164 28.79 -30.45 27.36
N PHE E 165 29.10 -30.54 26.07
CA PHE E 165 28.87 -29.46 25.12
C PHE E 165 27.39 -29.07 25.08
N PHE E 166 27.12 -27.77 25.15
CA PHE E 166 25.75 -27.25 25.11
C PHE E 166 25.44 -26.62 23.77
N HIS E 167 24.75 -27.36 22.92
CA HIS E 167 24.48 -26.91 21.55
C HIS E 167 23.66 -25.61 21.52
N PRO E 168 24.28 -24.52 21.03
CA PRO E 168 23.64 -23.20 20.95
C PRO E 168 22.33 -23.23 20.15
N GLU E 169 22.38 -23.73 18.92
CA GLU E 169 21.19 -23.83 18.10
C GLU E 169 20.16 -24.84 18.64
N LYS E 170 20.55 -26.11 18.78
CA LYS E 170 19.63 -27.18 19.17
C LYS E 170 19.16 -27.15 20.65
N GLY E 171 19.99 -26.54 21.52
CA GLY E 171 19.59 -26.29 22.90
C GLY E 171 19.89 -27.39 23.92
N SER E 172 20.47 -28.50 23.45
CA SER E 172 20.65 -29.68 24.30
C SER E 172 22.07 -30.24 24.24
N THR E 173 22.49 -30.94 25.29
CA THR E 173 23.80 -31.60 25.34
C THR E 173 23.75 -32.98 24.71
N PRO E 174 24.91 -33.54 24.36
CA PRO E 174 24.88 -34.89 23.79
C PRO E 174 24.15 -35.89 24.67
N LEU E 175 24.36 -35.78 25.98
CA LEU E 175 23.70 -36.66 26.95
C LEU E 175 22.17 -36.64 26.83
N HIS E 176 21.59 -35.46 26.56
CA HIS E 176 20.16 -35.31 26.29
C HIS E 176 19.72 -36.12 25.09
N VAL E 177 20.56 -36.13 24.06
CA VAL E 177 20.22 -36.84 22.82
C VAL E 177 20.24 -38.34 23.05
N ALA E 178 21.31 -38.82 23.69
CA ALA E 178 21.47 -40.24 23.99
C ALA E 178 20.32 -40.75 24.82
N SER E 179 19.89 -39.94 25.78
CA SER E 179 18.77 -40.29 26.65
C SER E 179 17.43 -40.27 25.94
N LYS E 180 17.15 -39.22 25.15
CA LYS E 180 15.92 -39.19 24.35
C LYS E 180 15.87 -40.43 23.46
N ALA E 181 17.03 -40.86 22.98
CA ALA E 181 17.14 -42.00 22.08
C ALA E 181 17.22 -43.36 22.79
N GLY E 182 17.46 -43.35 24.09
CA GLY E 182 17.62 -44.60 24.82
C GLY E 182 18.92 -45.33 24.48
N GLN E 183 19.93 -44.58 24.04
CA GLN E 183 21.24 -45.14 23.77
C GLN E 183 22.08 -45.20 25.05
N ILE E 184 21.91 -46.30 25.76
CA ILE E 184 22.43 -46.46 27.11
C ILE E 184 23.95 -46.62 27.17
N LEU E 185 24.53 -47.26 26.17
CA LEU E 185 25.98 -47.39 26.12
C LEU E 185 26.60 -46.05 25.76
N GLN E 186 25.88 -45.25 24.98
CA GLN E 186 26.35 -43.91 24.65
C GLN E 186 26.36 -43.01 25.86
N ALA E 187 25.32 -43.10 26.68
CA ALA E 187 25.21 -42.29 27.89
C ALA E 187 26.33 -42.67 28.83
N GLU E 188 26.56 -43.96 28.89
CA GLU E 188 27.57 -44.54 29.77
C GLU E 188 28.98 -44.02 29.45
N LEU E 189 29.30 -43.95 28.15
CA LEU E 189 30.60 -43.45 27.70
C LEU E 189 30.69 -41.94 27.90
N LEU E 190 29.66 -41.23 27.48
CA LEU E 190 29.57 -39.79 27.73
C LEU E 190 29.71 -39.46 29.22
N ALA E 191 28.97 -40.18 30.06
CA ALA E 191 29.03 -39.97 31.52
C ALA E 191 30.48 -40.06 31.99
N VAL E 192 31.24 -40.98 31.40
CA VAL E 192 32.64 -41.16 31.76
C VAL E 192 33.52 -39.98 31.30
N TYR E 193 33.18 -39.33 30.19
CA TYR E 193 33.97 -38.17 29.74
C TYR E 193 33.41 -36.89 30.35
N GLY E 194 32.72 -37.08 31.49
CA GLY E 194 32.27 -35.98 32.31
C GLY E 194 30.95 -35.34 31.94
N ALA E 195 30.06 -36.08 31.30
CA ALA E 195 28.75 -35.53 30.99
C ALA E 195 27.93 -35.44 32.28
N ASP E 196 26.97 -34.51 32.33
CA ASP E 196 26.17 -34.32 33.54
C ASP E 196 24.70 -34.69 33.32
N PRO E 197 24.19 -35.66 34.11
CA PRO E 197 22.80 -36.11 34.02
C PRO E 197 21.84 -35.09 34.60
N GLY E 198 22.36 -34.10 35.30
CA GLY E 198 21.54 -33.11 35.96
C GLY E 198 21.31 -31.81 35.21
N THR E 199 22.13 -31.56 34.18
CA THR E 199 22.07 -30.34 33.39
C THR E 199 20.72 -30.15 32.65
N GLN E 200 20.11 -28.98 32.82
CA GLN E 200 18.82 -28.68 32.18
C GLN E 200 18.97 -28.06 30.79
N ASP E 201 18.19 -28.53 29.82
CA ASP E 201 18.28 -28.01 28.45
C ASP E 201 17.48 -26.70 28.28
N SER E 202 17.21 -26.33 27.03
CA SER E 202 16.42 -25.13 26.74
C SER E 202 15.04 -25.21 27.38
N SER E 203 14.33 -26.30 27.10
CA SER E 203 13.02 -26.55 27.67
C SER E 203 13.03 -26.63 29.21
N GLY E 204 14.21 -26.76 29.80
CA GLY E 204 14.33 -26.86 31.26
C GLY E 204 14.47 -28.29 31.77
N LYS E 205 14.37 -29.25 30.86
CA LYS E 205 14.44 -30.67 31.19
C LYS E 205 15.88 -31.21 31.34
N THR E 206 16.02 -32.28 32.13
CA THR E 206 17.29 -32.99 32.31
C THR E 206 17.24 -34.32 31.58
N PRO E 207 18.40 -34.88 31.21
CA PRO E 207 18.45 -36.18 30.53
C PRO E 207 17.64 -37.27 31.22
N VAL E 208 17.58 -37.22 32.56
CA VAL E 208 16.85 -38.21 33.31
C VAL E 208 15.40 -38.17 32.89
N ASP E 209 14.86 -36.95 32.82
CA ASP E 209 13.50 -36.73 32.33
C ASP E 209 13.31 -37.35 30.95
N TYR E 210 14.17 -36.97 30.00
CA TYR E 210 14.09 -37.47 28.61
C TYR E 210 14.16 -39.00 28.54
N ALA E 211 14.83 -39.61 29.51
CA ALA E 211 14.96 -41.05 29.51
C ALA E 211 13.67 -41.70 29.97
N ARG E 212 13.05 -41.13 31.00
CA ARG E 212 11.77 -41.63 31.51
C ARG E 212 10.65 -41.37 30.52
N GLN E 213 10.57 -40.13 30.04
CA GLN E 213 9.54 -39.73 29.09
C GLN E 213 9.50 -40.70 27.93
N GLY E 214 10.67 -41.06 27.41
CA GLY E 214 10.77 -41.99 26.31
C GLY E 214 10.53 -43.43 26.73
N GLY E 215 10.48 -43.66 28.04
CA GLY E 215 10.20 -45.00 28.55
C GLY E 215 11.45 -45.85 28.67
N HIS E 216 12.60 -45.18 28.80
CA HIS E 216 13.88 -45.87 28.93
C HIS E 216 14.28 -46.00 30.39
N HIS E 217 13.41 -46.61 31.18
CA HIS E 217 13.50 -46.52 32.63
C HIS E 217 14.75 -47.17 33.20
N GLU E 218 15.22 -48.28 32.62
CA GLU E 218 16.50 -48.85 33.03
C GLU E 218 17.63 -47.81 32.94
N LEU E 219 17.63 -47.04 31.85
CA LEU E 219 18.62 -46.00 31.66
C LEU E 219 18.37 -44.86 32.61
N ALA E 220 17.12 -44.63 32.95
CA ALA E 220 16.79 -43.58 33.90
C ALA E 220 17.49 -43.84 35.22
N GLU E 221 17.26 -45.02 35.77
CA GLU E 221 17.78 -45.38 37.09
C GLU E 221 19.30 -45.34 37.06
N ARG E 222 19.87 -45.68 35.91
CA ARG E 222 21.33 -45.69 35.73
C ARG E 222 21.88 -44.27 35.69
N LEU E 223 21.13 -43.38 35.04
CA LEU E 223 21.50 -41.97 34.95
C LEU E 223 21.52 -41.33 36.33
N ILE E 224 20.63 -41.79 37.20
CA ILE E 224 20.58 -41.28 38.56
C ILE E 224 21.74 -41.79 39.40
N GLU E 225 22.06 -43.08 39.23
CA GLU E 225 23.21 -43.70 39.87
C GLU E 225 24.49 -42.98 39.45
N ILE E 226 24.50 -42.54 38.19
CA ILE E 226 25.64 -41.82 37.64
C ILE E 226 25.64 -40.40 38.20
N GLN E 227 24.45 -39.79 38.25
CA GLN E 227 24.32 -38.44 38.78
C GLN E 227 24.91 -38.33 40.19
N TYR E 228 24.80 -39.40 40.96
CA TYR E 228 25.25 -39.37 42.35
C TYR E 228 26.50 -40.25 42.57
N GLU E 229 27.16 -40.60 41.48
CA GLU E 229 28.35 -41.43 41.56
C GLU E 229 29.30 -40.91 42.62
N LEU E 230 29.53 -39.59 42.63
CA LEU E 230 30.51 -39.01 43.55
C LEU E 230 30.15 -39.30 45.01
N THR E 231 29.01 -38.80 45.48
CA THR E 231 28.69 -38.95 46.90
C THR E 231 28.41 -40.42 47.29
N ASP E 232 28.06 -41.24 46.30
CA ASP E 232 27.87 -42.66 46.55
C ASP E 232 29.22 -43.34 46.89
N ARG E 233 30.26 -42.99 46.14
CA ARG E 233 31.56 -43.62 46.33
C ARG E 233 32.16 -43.27 47.69
N LEU E 234 31.94 -42.02 48.12
CA LEU E 234 32.44 -41.53 49.40
C LEU E 234 31.71 -42.20 50.53
N ALA E 235 30.40 -42.39 50.35
CA ALA E 235 29.58 -43.10 51.34
C ALA E 235 29.99 -44.57 51.42
N PHE E 236 30.12 -45.20 50.27
CA PHE E 236 30.50 -46.61 50.24
C PHE E 236 31.90 -46.86 50.83
N TYR E 237 32.75 -45.83 50.80
CA TYR E 237 34.10 -45.95 51.33
C TYR E 237 34.07 -46.15 52.82
N LEU E 238 33.07 -45.54 53.47
CA LEU E 238 32.95 -45.61 54.94
C LEU E 238 31.95 -46.65 55.44
N CYS E 239 30.95 -46.98 54.64
CA CYS E 239 29.84 -47.84 55.10
C CYS E 239 29.68 -49.21 54.45
N GLY E 240 30.30 -49.40 53.29
CA GLY E 240 30.02 -50.56 52.46
C GLY E 240 28.57 -50.57 51.98
N ARG E 241 27.93 -49.40 52.00
CA ARG E 241 26.58 -49.24 51.46
C ARG E 241 26.43 -47.96 50.64
N LYS E 242 25.34 -47.89 49.90
CA LYS E 242 24.97 -46.71 49.14
C LYS E 242 23.50 -46.38 49.42
N PRO E 243 23.09 -45.14 49.17
CA PRO E 243 21.70 -44.70 49.26
C PRO E 243 20.75 -45.53 48.43
N ASP E 244 19.54 -45.76 48.92
CA ASP E 244 18.52 -46.41 48.11
C ASP E 244 17.88 -45.39 47.14
N HIS E 245 18.48 -45.20 45.97
CA HIS E 245 18.01 -44.17 45.04
C HIS E 245 16.55 -44.38 44.60
N LYS E 246 16.11 -45.62 44.63
CA LYS E 246 14.72 -45.93 44.34
C LYS E 246 13.82 -45.40 45.45
N SER E 247 14.35 -45.30 46.66
CA SER E 247 13.56 -44.84 47.80
C SER E 247 13.20 -43.37 47.67
N GLY E 248 14.19 -42.53 47.43
CA GLY E 248 13.92 -41.12 47.31
C GLY E 248 14.96 -40.26 47.99
N GLN E 249 15.67 -40.82 48.98
CA GLN E 249 16.81 -40.09 49.56
C GLN E 249 18.11 -40.58 48.92
N HIS E 250 18.85 -39.63 48.34
CA HIS E 250 19.97 -39.94 47.45
C HIS E 250 21.32 -39.78 48.12
N PHE E 251 21.29 -39.42 49.40
CA PHE E 251 22.52 -39.30 50.20
C PHE E 251 22.53 -40.27 51.39
N LEU E 252 23.71 -40.75 51.76
CA LEU E 252 23.89 -41.53 52.98
C LEU E 252 24.95 -40.84 53.79
N ILE E 253 24.60 -40.37 54.98
CA ILE E 253 25.59 -39.71 55.83
C ILE E 253 26.06 -40.70 56.89
N PRO E 254 27.33 -41.10 56.82
CA PRO E 254 27.91 -42.01 57.83
C PRO E 254 28.06 -41.31 59.17
N GLN E 255 28.19 -42.07 60.25
CA GLN E 255 28.43 -41.49 61.55
C GLN E 255 29.90 -41.33 61.80
N ARG E 256 30.29 -40.28 62.52
CA ARG E 256 31.66 -40.13 62.96
C ARG E 256 31.96 -41.26 63.94
N ALA E 257 33.24 -41.64 64.05
CA ALA E 257 33.62 -42.73 64.93
C ALA E 257 33.57 -42.29 66.40
N ASP E 258 33.80 -41.00 66.62
CA ASP E 258 33.81 -40.41 67.96
C ASP E 258 32.48 -39.69 68.25
N ALA E 259 31.44 -40.05 67.51
CA ALA E 259 30.12 -39.44 67.67
C ALA E 259 29.53 -39.56 69.08
N ALA E 260 30.21 -40.33 69.95
CA ALA E 260 29.85 -40.39 71.36
C ALA E 260 30.29 -39.10 72.05
N LEU E 261 31.47 -38.62 71.68
CA LEU E 261 31.99 -37.34 72.15
C LEU E 261 31.59 -36.18 71.21
N ASP E 262 31.34 -35.00 71.76
CA ASP E 262 31.01 -33.83 70.94
C ASP E 262 32.22 -33.42 70.07
N LEU E 263 32.02 -32.42 69.20
CA LEU E 263 33.04 -32.07 68.20
C LEU E 263 34.19 -31.19 68.71
N SER E 264 35.37 -31.38 68.12
CA SER E 264 36.56 -30.56 68.41
C SER E 264 36.30 -29.10 68.09
N GLU E 265 37.11 -28.21 68.67
CA GLU E 265 37.07 -26.81 68.30
C GLU E 265 37.61 -26.69 66.88
N LEU E 266 38.68 -27.46 66.62
CA LEU E 266 39.28 -27.54 65.30
C LEU E 266 38.34 -28.10 64.23
N ALA E 267 37.60 -29.16 64.57
CA ALA E 267 36.67 -29.77 63.62
C ALA E 267 35.63 -28.75 63.22
N LYS E 268 34.94 -28.19 64.21
CA LYS E 268 33.93 -27.15 63.98
C LYS E 268 34.51 -26.03 63.13
N ALA E 269 35.79 -25.75 63.31
CA ALA E 269 36.50 -24.74 62.54
C ALA E 269 36.68 -25.17 61.09
N ALA E 270 37.10 -26.41 60.89
CA ALA E 270 37.36 -26.90 59.54
C ALA E 270 36.09 -26.94 58.68
N LYS E 271 34.96 -27.35 59.26
CA LYS E 271 33.71 -27.44 58.52
C LYS E 271 33.19 -26.04 58.19
N LYS E 272 33.56 -25.04 58.97
CA LYS E 272 33.21 -23.66 58.65
C LYS E 272 33.96 -23.25 57.38
N LYS E 273 35.26 -23.53 57.35
CA LYS E 273 36.06 -23.23 56.17
C LYS E 273 35.52 -23.99 54.96
N LEU E 274 34.99 -25.20 55.17
CA LEU E 274 34.45 -25.99 54.06
C LEU E 274 33.14 -25.41 53.50
N GLN E 275 32.29 -24.84 54.36
CA GLN E 275 31.00 -24.33 53.89
C GLN E 275 31.15 -22.93 53.30
N SER E 276 32.25 -22.26 53.64
CA SER E 276 32.56 -20.96 53.05
C SER E 276 32.95 -21.06 51.58
N LEU E 277 33.23 -22.26 51.10
CA LEU E 277 33.51 -22.45 49.68
C LEU E 277 32.26 -22.24 48.82
N SER E 278 32.42 -21.62 47.66
CA SER E 278 31.36 -21.56 46.66
C SER E 278 30.96 -22.98 46.26
N ASN E 279 29.82 -23.12 45.61
CA ASN E 279 29.47 -24.42 45.06
C ASN E 279 30.53 -24.91 44.07
N HIS E 280 31.02 -24.02 43.20
CA HIS E 280 32.01 -24.40 42.18
C HIS E 280 33.27 -24.99 42.78
N LEU E 281 33.82 -24.33 43.79
CA LEU E 281 35.04 -24.83 44.41
C LEU E 281 34.78 -26.06 45.32
N PHE E 282 33.59 -26.13 45.91
CA PHE E 282 33.19 -27.29 46.68
C PHE E 282 33.21 -28.57 45.82
N GLU E 283 32.45 -28.55 44.74
CA GLU E 283 32.53 -29.61 43.73
C GLU E 283 33.98 -30.00 43.38
N GLU E 284 34.85 -29.00 43.22
CA GLU E 284 36.26 -29.26 42.91
C GLU E 284 36.94 -30.07 44.00
N LEU E 285 36.83 -29.58 45.23
CA LEU E 285 37.36 -30.26 46.39
C LEU E 285 36.80 -31.69 46.54
N ALA E 286 35.50 -31.86 46.28
CA ALA E 286 34.90 -33.19 46.35
C ALA E 286 35.51 -34.12 45.28
N MET E 287 35.73 -33.60 44.08
CA MET E 287 36.36 -34.37 43.00
C MET E 287 37.74 -34.85 43.42
N ASP E 288 38.51 -33.96 44.06
CA ASP E 288 39.82 -34.34 44.61
C ASP E 288 39.71 -35.48 45.64
N VAL E 289 38.88 -35.29 46.66
CA VAL E 289 38.63 -36.34 47.64
C VAL E 289 38.05 -37.61 46.99
N TYR E 290 37.27 -37.47 45.92
CA TYR E 290 36.81 -38.65 45.17
C TYR E 290 38.02 -39.44 44.65
N ASP E 291 38.94 -38.75 43.98
CA ASP E 291 40.16 -39.37 43.42
C ASP E 291 41.05 -40.03 44.47
N GLU E 292 41.15 -39.43 45.64
CA GLU E 292 41.89 -40.03 46.74
C GLU E 292 41.19 -41.30 47.24
N VAL E 293 39.85 -41.30 47.28
CA VAL E 293 39.13 -42.50 47.69
C VAL E 293 39.36 -43.61 46.68
N ASP E 294 39.36 -43.23 45.39
CA ASP E 294 39.57 -44.18 44.30
C ASP E 294 40.97 -44.77 44.33
N ARG E 295 41.93 -43.97 44.76
CA ARG E 295 43.30 -44.43 44.90
C ARG E 295 43.44 -45.45 46.06
N ARG E 296 42.96 -45.09 47.25
CA ARG E 296 43.07 -45.93 48.46
C ARG E 296 42.31 -47.25 48.27
N GLU E 297 41.12 -47.19 47.65
CA GLU E 297 40.37 -48.41 47.37
C GLU E 297 41.13 -49.29 46.39
N THR E 298 41.67 -48.67 45.34
CA THR E 298 42.39 -49.42 44.34
C THR E 298 43.69 -50.04 44.93
N ASP E 299 44.26 -49.40 45.94
CA ASP E 299 45.43 -49.97 46.62
C ASP E 299 45.12 -51.33 47.21
N ALA E 300 43.95 -51.42 47.84
CA ALA E 300 43.50 -52.66 48.47
C ALA E 300 43.12 -53.69 47.38
N VAL E 301 42.52 -53.19 46.31
CA VAL E 301 42.17 -54.05 45.22
C VAL E 301 43.45 -54.67 44.64
N TRP E 302 44.41 -53.82 44.32
CA TRP E 302 45.73 -54.26 43.94
C TRP E 302 46.24 -55.40 44.82
N LEU E 303 46.33 -55.16 46.13
CA LEU E 303 46.89 -56.15 47.04
C LEU E 303 46.08 -57.44 47.07
N ALA E 304 44.76 -57.34 47.03
CA ALA E 304 43.96 -58.55 47.07
C ALA E 304 44.15 -59.36 45.82
N THR E 305 44.48 -58.71 44.71
CA THR E 305 44.54 -59.42 43.44
C THR E 305 45.94 -59.82 42.97
N GLN E 306 46.98 -59.39 43.67
CA GLN E 306 48.34 -59.69 43.24
C GLN E 306 49.00 -60.82 44.04
N ASN E 307 49.87 -61.57 43.36
CA ASN E 307 50.69 -62.61 43.98
C ASN E 307 51.83 -61.98 44.79
N HIS E 308 52.30 -62.66 45.83
CA HIS E 308 53.37 -62.13 46.69
C HIS E 308 54.68 -61.84 45.94
N SER E 309 54.75 -62.26 44.68
CA SER E 309 55.93 -62.07 43.82
C SER E 309 55.98 -60.70 43.13
N THR E 310 54.84 -60.24 42.61
CA THR E 310 54.78 -58.96 41.92
C THR E 310 54.98 -57.77 42.86
N LEU E 311 54.73 -57.99 44.15
CA LEU E 311 54.79 -56.92 45.15
C LEU E 311 56.12 -56.91 45.92
N VAL E 318 53.32 -45.41 43.12
CA VAL E 318 53.19 -44.04 43.62
C VAL E 318 52.33 -43.98 44.89
N PRO E 319 52.84 -43.30 45.94
CA PRO E 319 52.24 -43.29 47.28
C PRO E 319 51.19 -42.20 47.49
N PHE E 320 50.93 -41.40 46.45
CA PHE E 320 49.94 -40.35 46.52
C PHE E 320 49.41 -40.06 45.10
N LEU E 321 48.38 -39.22 44.98
CA LEU E 321 47.78 -38.97 43.69
C LEU E 321 48.81 -38.43 42.70
N PRO E 322 48.86 -39.05 41.51
CA PRO E 322 49.70 -38.60 40.38
C PRO E 322 49.50 -37.11 40.05
N VAL E 323 50.52 -36.47 39.48
CA VAL E 323 50.40 -35.06 39.15
C VAL E 323 49.56 -34.96 37.90
N ASN E 324 48.63 -34.01 37.89
CA ASN E 324 47.93 -33.67 36.65
C ASN E 324 48.53 -32.38 36.11
N PRO E 325 49.14 -32.44 34.91
CA PRO E 325 49.80 -31.27 34.31
C PRO E 325 48.79 -30.19 33.91
N GLU E 326 47.52 -30.58 33.80
CA GLU E 326 46.49 -29.63 33.50
C GLU E 326 46.04 -28.86 34.77
N TYR E 327 46.58 -29.26 35.93
CA TYR E 327 46.25 -28.60 37.21
C TYR E 327 47.42 -27.77 37.66
N SER E 328 47.18 -26.71 38.43
CA SER E 328 48.27 -25.92 39.01
C SER E 328 48.98 -26.74 40.07
N SER E 329 50.18 -26.35 40.45
CA SER E 329 50.89 -27.13 41.44
C SER E 329 50.16 -27.06 42.78
N THR E 330 49.53 -25.93 43.03
CA THR E 330 48.78 -25.75 44.26
C THR E 330 47.69 -26.82 44.36
N ARG E 331 46.89 -26.95 43.30
CA ARG E 331 45.90 -27.99 43.21
C ARG E 331 46.53 -29.38 43.38
N ASN E 332 47.67 -29.59 42.73
CA ASN E 332 48.41 -30.85 42.86
C ASN E 332 48.94 -31.07 44.27
N GLN E 333 49.34 -29.98 44.94
CA GLN E 333 49.78 -30.07 46.35
C GLN E 333 48.59 -30.38 47.26
N GLY E 334 47.42 -29.86 46.89
CA GLY E 334 46.19 -30.21 47.58
C GLY E 334 45.93 -31.71 47.49
N ARG E 335 46.03 -32.25 46.29
CA ARG E 335 45.57 -33.61 46.09
C ARG E 335 46.52 -34.61 46.70
N GLN E 336 47.80 -34.24 46.77
CA GLN E 336 48.79 -35.17 47.29
C GLN E 336 48.86 -35.07 48.80
N LYS E 337 48.43 -33.95 49.36
CA LYS E 337 48.36 -33.87 50.81
C LYS E 337 47.28 -34.83 51.30
N LEU E 338 46.32 -35.13 50.47
CA LEU E 338 45.27 -36.05 50.89
C LEU E 338 45.80 -37.44 51.31
N ALA E 339 46.91 -37.91 50.74
CA ALA E 339 47.52 -39.18 51.18
C ALA E 339 48.12 -39.13 52.60
N ARG E 340 48.50 -37.93 53.06
CA ARG E 340 49.05 -37.73 54.41
C ARG E 340 48.01 -37.96 55.50
N PHE E 341 46.74 -37.79 55.14
CA PHE E 341 45.61 -38.00 56.04
C PHE E 341 45.54 -39.43 56.57
N ASN E 342 45.51 -39.60 57.89
CA ASN E 342 45.24 -40.92 58.46
C ASN E 342 43.74 -41.29 58.33
N ALA E 343 43.37 -42.51 58.68
CA ALA E 343 41.97 -42.97 58.61
C ALA E 343 40.97 -42.03 59.31
N HIS E 344 41.33 -41.58 60.50
CA HIS E 344 40.44 -40.70 61.26
C HIS E 344 40.29 -39.31 60.60
N GLU E 345 41.43 -38.72 60.21
CA GLU E 345 41.43 -37.41 59.58
C GLU E 345 40.67 -37.50 58.28
N PHE E 346 40.94 -38.55 57.52
CA PHE E 346 40.29 -38.71 56.22
C PHE E 346 38.78 -39.04 56.34
N ALA E 347 38.37 -39.88 57.28
CA ALA E 347 36.94 -40.16 57.46
C ALA E 347 36.15 -38.89 57.78
N THR E 348 36.73 -38.00 58.57
CA THR E 348 36.04 -36.80 58.97
C THR E 348 35.75 -35.87 57.77
N LEU E 349 36.72 -35.72 56.88
CA LEU E 349 36.52 -34.90 55.68
C LEU E 349 35.44 -35.47 54.80
N VAL E 350 35.44 -36.80 54.64
CA VAL E 350 34.50 -37.47 53.74
C VAL E 350 33.09 -37.32 54.29
N ILE E 351 32.95 -37.34 55.61
CA ILE E 351 31.65 -37.08 56.19
C ILE E 351 31.20 -35.65 55.87
N ASP E 352 32.05 -34.67 56.14
CA ASP E 352 31.65 -33.29 55.94
C ASP E 352 31.31 -32.99 54.48
N ILE E 353 32.16 -33.42 53.56
CA ILE E 353 31.83 -33.30 52.14
C ILE E 353 30.42 -33.87 51.89
N LEU E 354 30.16 -35.09 52.37
CA LEU E 354 28.87 -35.76 52.19
C LEU E 354 27.72 -34.96 52.77
N SER E 355 27.78 -34.63 54.07
CA SER E 355 26.67 -33.92 54.72
C SER E 355 26.49 -32.52 54.14
N ASP E 356 27.57 -31.97 53.60
CA ASP E 356 27.49 -30.66 52.98
C ASP E 356 26.96 -30.76 51.57
N ALA E 357 27.23 -31.88 50.91
CA ALA E 357 26.68 -32.10 49.56
C ALA E 357 25.14 -32.19 49.64
N LYS E 358 24.63 -32.89 50.64
CA LYS E 358 23.18 -32.90 50.89
C LYS E 358 22.67 -31.51 51.26
N ARG E 359 23.45 -30.75 52.03
CA ARG E 359 23.02 -29.40 52.41
C ARG E 359 22.87 -28.56 51.15
N ARG E 360 23.80 -28.71 50.21
CA ARG E 360 23.77 -27.85 49.03
C ARG E 360 22.79 -28.30 47.94
N GLN E 361 21.96 -29.30 48.21
CA GLN E 361 20.94 -29.73 47.24
C GLN E 361 19.53 -29.65 47.84
N LEU F 9 -43.97 -6.29 5.76
CA LEU F 9 -42.73 -6.18 6.53
C LEU F 9 -41.52 -6.71 5.72
N ARG F 10 -41.19 -6.02 4.64
CA ARG F 10 -40.06 -6.39 3.79
C ARG F 10 -38.81 -5.50 4.02
N SER F 11 -39.00 -4.20 4.24
CA SER F 11 -37.88 -3.29 4.47
C SER F 11 -37.08 -3.65 5.72
N SER F 12 -37.74 -4.27 6.70
CA SER F 12 -37.13 -4.65 7.99
C SER F 12 -35.90 -5.56 7.84
N ASP F 13 -35.75 -6.16 6.66
CA ASP F 13 -34.68 -7.12 6.39
C ASP F 13 -33.32 -6.46 6.23
N VAL F 14 -33.30 -5.22 5.76
CA VAL F 14 -32.00 -4.63 5.51
C VAL F 14 -31.79 -3.26 6.13
N CYS F 15 -30.53 -2.84 6.11
CA CYS F 15 -30.13 -1.51 6.51
C CYS F 15 -30.71 -0.48 5.54
N ALA F 16 -31.29 0.57 6.09
CA ALA F 16 -31.79 1.63 5.26
C ALA F 16 -30.65 2.38 4.56
N ASP F 17 -29.47 2.40 5.16
CA ASP F 17 -28.42 3.24 4.64
C ASP F 17 -27.48 2.51 3.71
N CYS F 18 -27.31 1.20 3.89
CA CYS F 18 -26.39 0.48 2.99
C CYS F 18 -26.90 -0.88 2.48
N ASN F 19 -28.13 -1.25 2.81
CA ASN F 19 -28.75 -2.52 2.37
C ASN F 19 -28.14 -3.79 2.94
N GLY F 20 -27.31 -3.66 3.95
CA GLY F 20 -26.69 -4.79 4.56
C GLY F 20 -27.73 -5.59 5.26
N PRO F 21 -27.38 -6.93 5.52
CA PRO F 21 -28.49 -7.73 6.03
C PRO F 21 -28.71 -7.64 7.51
N ASP F 22 -29.93 -7.92 7.94
CA ASP F 22 -30.18 -8.10 9.35
C ASP F 22 -29.66 -6.97 10.20
N PRO F 23 -30.33 -5.75 10.02
CA PRO F 23 -29.84 -4.67 10.87
C PRO F 23 -30.23 -4.74 12.34
N SER F 24 -29.56 -3.91 13.15
CA SER F 24 -29.49 -4.12 14.58
C SER F 24 -30.09 -2.94 15.33
N TRP F 25 -29.99 -1.76 14.70
CA TRP F 25 -30.36 -0.52 15.35
C TRP F 25 -31.54 0.16 14.67
N ALA F 26 -32.11 1.15 15.36
CA ALA F 26 -33.13 2.01 14.77
C ALA F 26 -32.73 3.49 14.84
N SER F 27 -32.95 4.22 13.76
CA SER F 27 -32.96 5.67 13.86
C SER F 27 -34.42 6.08 14.03
N VAL F 28 -34.83 6.27 15.29
CA VAL F 28 -36.25 6.41 15.69
C VAL F 28 -36.95 7.62 15.07
N ASN F 29 -36.25 8.74 15.02
CA ASN F 29 -36.82 9.96 14.44
C ASN F 29 -36.84 9.88 12.92
N ARG F 30 -36.11 8.93 12.37
CA ARG F 30 -35.98 8.85 10.93
C ARG F 30 -36.85 7.71 10.41
N GLY F 31 -37.40 6.94 11.33
CA GLY F 31 -38.17 5.76 10.98
C GLY F 31 -37.38 4.72 10.18
N THR F 32 -36.13 4.46 10.55
CA THR F 32 -35.34 3.50 9.78
C THR F 32 -34.63 2.49 10.67
N PHE F 33 -34.41 1.30 10.11
CA PHE F 33 -33.51 0.31 10.71
C PHE F 33 -32.11 0.39 10.08
N ILE F 34 -31.08 0.40 10.88
CA ILE F 34 -29.73 0.46 10.33
C ILE F 34 -28.83 -0.61 10.91
N CYS F 35 -27.73 -0.90 10.21
CA CYS F 35 -26.74 -1.86 10.68
C CYS F 35 -25.76 -1.23 11.70
N ASP F 36 -24.73 -1.97 12.11
CA ASP F 36 -23.81 -1.50 13.15
C ASP F 36 -22.83 -0.49 12.62
N GLU F 37 -22.40 -0.67 11.38
CA GLU F 37 -21.40 0.21 10.83
C GLU F 37 -22.06 1.55 10.64
N CYS F 38 -23.25 1.54 10.06
CA CYS F 38 -23.96 2.78 9.79
C CYS F 38 -24.36 3.44 11.10
N CYS F 39 -24.61 2.64 12.12
CA CYS F 39 -24.98 3.16 13.43
C CYS F 39 -23.82 3.90 14.03
N SER F 40 -22.61 3.37 13.85
CA SER F 40 -21.41 4.05 14.37
C SER F 40 -21.34 5.46 13.80
N VAL F 41 -21.77 5.65 12.55
CA VAL F 41 -21.80 7.00 12.00
C VAL F 41 -22.96 7.80 12.62
N HIS F 42 -24.14 7.19 12.67
CA HIS F 42 -25.31 7.82 13.30
C HIS F 42 -24.98 8.36 14.70
N ARG F 43 -24.21 7.61 15.48
CA ARG F 43 -23.85 8.05 16.83
C ARG F 43 -22.99 9.31 16.90
N SER F 44 -22.12 9.51 15.92
CA SER F 44 -21.23 10.67 15.95
C SER F 44 -21.97 11.95 15.53
N LEU F 45 -23.16 11.77 14.94
CA LEU F 45 -24.02 12.86 14.44
C LEU F 45 -24.86 13.55 15.51
N GLY F 46 -25.22 12.84 16.59
CA GLY F 46 -25.95 13.43 17.69
C GLY F 46 -27.47 13.32 17.59
N ARG F 47 -28.15 13.39 18.74
CA ARG F 47 -29.59 13.15 18.79
C ARG F 47 -30.38 14.17 17.98
N HIS F 48 -29.75 15.27 17.56
CA HIS F 48 -30.52 16.24 16.82
C HIS F 48 -30.62 15.80 15.37
N ILE F 49 -29.85 14.79 14.99
CA ILE F 49 -29.96 14.28 13.63
C ILE F 49 -30.54 12.87 13.62
N SER F 50 -30.10 12.04 14.57
CA SER F 50 -30.56 10.67 14.66
C SER F 50 -30.56 10.17 16.10
N GLN F 51 -31.73 9.73 16.58
CA GLN F 51 -31.85 9.15 17.91
C GLN F 51 -31.65 7.63 17.73
N VAL F 52 -30.59 7.11 18.33
CA VAL F 52 -30.21 5.73 18.14
C VAL F 52 -30.67 4.79 19.26
N ARG F 53 -31.28 3.68 18.89
CA ARG F 53 -31.65 2.68 19.88
C ARG F 53 -31.46 1.27 19.37
N HIS F 54 -30.86 0.40 20.18
CA HIS F 54 -30.66 -0.97 19.73
C HIS F 54 -32.00 -1.75 19.76
N LEU F 55 -32.19 -2.65 18.79
CA LEU F 55 -33.49 -3.31 18.62
C LEU F 55 -33.71 -4.53 19.54
N LYS F 56 -32.63 -5.24 19.88
CA LYS F 56 -32.81 -6.46 20.63
C LYS F 56 -32.26 -6.37 22.05
N HIS F 57 -31.48 -5.33 22.36
CA HIS F 57 -30.79 -5.32 23.65
C HIS F 57 -31.71 -5.10 24.84
N THR F 58 -32.71 -4.24 24.68
CA THR F 58 -33.69 -4.02 25.76
C THR F 58 -35.08 -3.94 25.20
N ALA F 59 -36.05 -4.61 25.84
CA ALA F 59 -37.43 -4.51 25.38
C ALA F 59 -37.84 -3.04 25.27
N TRP F 60 -38.49 -2.69 24.18
CA TRP F 60 -38.97 -1.34 23.96
C TRP F 60 -40.35 -1.16 24.57
N PRO F 61 -40.77 0.10 24.78
CA PRO F 61 -42.21 0.31 24.77
C PRO F 61 -42.79 -0.21 23.46
N PRO F 62 -43.63 -1.25 23.52
CA PRO F 62 -44.10 -1.96 22.31
C PRO F 62 -44.55 -1.06 21.16
N THR F 63 -45.48 -0.15 21.44
CA THR F 63 -46.04 0.71 20.40
C THR F 63 -44.98 1.59 19.71
N LEU F 64 -43.91 1.95 20.42
CA LEU F 64 -42.84 2.79 19.86
C LEU F 64 -42.06 2.03 18.79
N LEU F 65 -41.75 0.77 19.07
CA LEU F 65 -41.07 -0.07 18.10
C LEU F 65 -42.03 -0.33 16.96
N GLN F 66 -43.31 -0.49 17.29
CA GLN F 66 -44.32 -0.65 16.25
C GLN F 66 -44.35 0.55 15.34
N MET F 67 -44.22 1.76 15.90
CA MET F 67 -44.23 2.98 15.09
C MET F 67 -43.06 3.02 14.08
N VAL F 68 -41.85 2.79 14.58
CA VAL F 68 -40.66 2.83 13.74
C VAL F 68 -40.69 1.78 12.62
N GLU F 69 -41.07 0.54 12.95
CA GLU F 69 -41.08 -0.55 11.96
C GLU F 69 -42.17 -0.34 10.91
N THR F 70 -43.32 0.19 11.34
CA THR F 70 -44.40 0.51 10.41
C THR F 70 -43.93 1.59 9.45
N LEU F 71 -43.38 2.65 10.02
CA LEU F 71 -42.90 3.77 9.24
C LEU F 71 -41.86 3.32 8.18
N TYR F 72 -40.88 2.53 8.61
CA TYR F 72 -39.84 2.03 7.71
C TYR F 72 -40.44 1.18 6.59
N ASN F 73 -41.47 0.41 6.90
CA ASN F 73 -42.08 -0.47 5.91
C ASN F 73 -43.14 0.23 5.05
N ASN F 74 -43.24 1.56 5.19
CA ASN F 74 -44.18 2.32 4.39
C ASN F 74 -43.60 3.60 3.84
N GLY F 75 -42.35 3.56 3.41
CA GLY F 75 -41.72 4.66 2.70
C GLY F 75 -40.90 5.71 3.44
N ALA F 76 -40.50 5.45 4.68
CA ALA F 76 -39.65 6.37 5.42
C ALA F 76 -38.41 6.72 4.60
N ASN F 77 -37.72 5.69 4.14
CA ASN F 77 -36.54 5.84 3.32
C ASN F 77 -36.83 6.52 1.99
N SER F 78 -38.08 6.46 1.53
CA SER F 78 -38.46 7.10 0.28
C SER F 78 -38.49 8.63 0.45
N ILE F 79 -38.64 9.07 1.70
CA ILE F 79 -38.52 10.47 2.03
C ILE F 79 -37.07 10.96 1.99
N TRP F 80 -36.17 10.19 2.62
CA TRP F 80 -34.78 10.61 2.75
C TRP F 80 -33.96 10.34 1.50
N GLU F 81 -34.41 9.40 0.68
CA GLU F 81 -33.68 8.99 -0.52
C GLU F 81 -34.42 9.32 -1.82
N HIS F 82 -35.43 10.19 -1.72
CA HIS F 82 -36.27 10.59 -2.84
C HIS F 82 -35.54 10.78 -4.17
N SER F 83 -34.46 11.55 -4.15
CA SER F 83 -33.75 11.89 -5.36
C SER F 83 -33.19 10.66 -6.07
N LEU F 84 -32.86 9.64 -5.28
CA LEU F 84 -32.20 8.46 -5.79
C LEU F 84 -33.20 7.49 -6.38
N LEU F 85 -34.47 7.67 -6.04
CA LEU F 85 -35.52 6.79 -6.52
C LEU F 85 -36.24 7.44 -7.71
N ASP F 86 -36.03 8.74 -7.87
CA ASP F 86 -36.58 9.51 -8.98
C ASP F 86 -35.75 9.29 -10.25
N PRO F 87 -36.29 8.54 -11.24
CA PRO F 87 -35.59 8.20 -12.48
C PRO F 87 -34.98 9.41 -13.20
N ALA F 88 -35.63 10.56 -13.10
CA ALA F 88 -35.11 11.77 -13.73
C ALA F 88 -33.83 12.31 -13.05
N SER F 89 -33.72 12.07 -11.74
CA SER F 89 -32.61 12.59 -10.94
C SER F 89 -31.45 11.60 -10.81
N ILE F 90 -31.60 10.39 -11.36
CA ILE F 90 -30.58 9.37 -11.14
C ILE F 90 -29.31 9.75 -11.88
N MET F 91 -28.21 9.86 -11.14
CA MET F 91 -26.94 10.26 -11.72
C MET F 91 -25.77 9.60 -10.99
N SER F 92 -24.60 9.57 -11.64
CA SER F 92 -23.41 8.87 -11.15
C SER F 92 -22.77 9.44 -9.87
N GLY F 93 -22.90 10.74 -9.67
CA GLY F 93 -22.23 11.41 -8.55
C GLY F 93 -23.01 11.28 -7.24
N ARG F 94 -24.18 10.65 -7.34
CA ARG F 94 -25.02 10.39 -6.18
C ARG F 94 -25.29 8.89 -6.09
N ARG F 95 -24.45 8.18 -5.35
CA ARG F 95 -24.61 6.72 -5.27
C ARG F 95 -24.83 6.28 -3.84
N LYS F 96 -25.77 5.36 -3.68
CA LYS F 96 -26.08 4.79 -2.38
C LYS F 96 -25.00 3.77 -2.04
N ALA F 97 -24.65 3.68 -0.75
CA ALA F 97 -23.60 2.78 -0.29
C ALA F 97 -24.05 1.31 -0.29
N ASN F 98 -23.16 0.44 -0.75
CA ASN F 98 -23.36 -1.00 -0.83
C ASN F 98 -22.94 -1.60 0.51
N PRO F 99 -23.39 -2.83 0.81
CA PRO F 99 -23.04 -3.40 2.11
C PRO F 99 -21.54 -3.54 2.37
N GLN F 100 -20.77 -3.89 1.35
CA GLN F 100 -19.34 -4.17 1.50
C GLN F 100 -18.45 -2.90 1.51
N ASP F 101 -19.06 -1.73 1.31
CA ASP F 101 -18.33 -0.46 1.33
C ASP F 101 -17.61 -0.15 2.66
N LYS F 102 -16.58 0.70 2.59
CA LYS F 102 -15.82 1.11 3.77
C LYS F 102 -16.67 2.04 4.61
N VAL F 103 -16.59 1.90 5.93
CA VAL F 103 -17.35 2.80 6.80
C VAL F 103 -16.86 4.21 6.57
N HIS F 104 -15.53 4.39 6.45
CA HIS F 104 -14.95 5.67 6.02
C HIS F 104 -14.08 5.52 4.74
N PRO F 105 -14.24 6.45 3.79
CA PRO F 105 -15.19 7.57 3.88
C PRO F 105 -16.58 7.26 3.33
N ASN F 106 -16.76 6.09 2.71
CA ASN F 106 -17.89 5.86 1.83
C ASN F 106 -19.27 5.84 2.50
N LYS F 107 -19.42 5.01 3.52
CA LYS F 107 -20.70 4.92 4.20
C LYS F 107 -20.99 6.21 4.96
N ALA F 108 -19.98 6.71 5.65
CA ALA F 108 -20.14 7.89 6.49
C ALA F 108 -20.57 9.12 5.71
N GLU F 109 -19.94 9.31 4.57
CA GLU F 109 -20.27 10.43 3.72
C GLU F 109 -21.69 10.32 3.20
N PHE F 110 -22.18 9.09 3.03
CA PHE F 110 -23.53 8.90 2.50
C PHE F 110 -24.59 9.17 3.57
N ILE F 111 -24.37 8.59 4.73
CA ILE F 111 -25.23 8.85 5.87
C ILE F 111 -25.31 10.35 6.19
N ARG F 112 -24.16 11.02 6.24
CA ARG F 112 -24.15 12.45 6.53
C ARG F 112 -24.90 13.20 5.45
N ALA F 113 -24.77 12.76 4.22
CA ALA F 113 -25.42 13.47 3.14
C ALA F 113 -26.93 13.20 3.18
N LYS F 114 -27.29 11.98 3.55
CA LYS F 114 -28.69 11.59 3.57
C LYS F 114 -29.47 12.35 4.65
N TYR F 115 -28.93 12.39 5.86
CA TYR F 115 -29.69 12.86 7.02
C TYR F 115 -29.31 14.24 7.53
N GLN F 116 -28.09 14.70 7.23
CA GLN F 116 -27.59 15.96 7.77
C GLN F 116 -27.62 17.03 6.71
N MET F 117 -27.22 16.68 5.49
CA MET F 117 -27.35 17.61 4.38
C MET F 117 -28.74 17.59 3.76
N LEU F 118 -29.46 16.48 3.92
CA LEU F 118 -30.75 16.29 3.24
C LEU F 118 -30.57 16.43 1.72
N ALA F 119 -29.39 16.04 1.27
CA ALA F 119 -29.04 15.99 -0.14
C ALA F 119 -30.11 15.40 -1.07
N PHE F 120 -30.94 14.47 -0.56
CA PHE F 120 -31.79 13.69 -1.47
C PHE F 120 -33.31 13.86 -1.26
N VAL F 121 -33.69 14.68 -0.28
CA VAL F 121 -35.09 14.92 -0.04
C VAL F 121 -35.67 15.69 -1.20
N HIS F 122 -36.98 15.61 -1.37
CA HIS F 122 -37.68 16.25 -2.47
C HIS F 122 -37.69 17.79 -2.30
N ARG F 123 -38.13 18.26 -1.13
CA ARG F 123 -37.99 19.67 -0.76
C ARG F 123 -37.28 19.80 0.59
N LEU F 124 -36.35 20.73 0.70
CA LEU F 124 -35.75 21.03 2.00
C LEU F 124 -36.79 21.57 2.97
N PRO F 125 -36.57 21.35 4.28
CA PRO F 125 -37.43 21.97 5.27
C PRO F 125 -37.34 23.48 5.19
N CYS F 126 -38.36 24.16 5.68
CA CYS F 126 -38.37 25.60 5.70
C CYS F 126 -37.49 26.07 6.84
N ARG F 127 -36.98 27.28 6.75
CA ARG F 127 -36.24 27.85 7.87
C ARG F 127 -37.23 27.98 9.03
N GLU F 128 -36.76 27.85 10.28
CA GLU F 128 -37.68 27.87 11.42
C GLU F 128 -38.41 29.21 11.51
N ASP F 129 -37.76 30.29 11.05
CA ASP F 129 -38.33 31.64 11.16
C ASP F 129 -39.33 31.97 10.03
N ASP F 130 -39.51 31.02 9.11
CA ASP F 130 -40.51 31.13 8.03
C ASP F 130 -41.92 30.88 8.58
N SER F 131 -42.52 31.91 9.19
CA SER F 131 -43.85 31.79 9.79
C SER F 131 -44.91 31.20 8.84
N VAL F 132 -44.97 31.73 7.62
CA VAL F 132 -46.00 31.32 6.66
C VAL F 132 -45.95 29.82 6.37
N THR F 133 -44.82 29.37 5.81
CA THR F 133 -44.63 27.95 5.54
C THR F 133 -44.81 27.09 6.80
N ALA F 134 -44.09 27.41 7.88
CA ALA F 134 -44.16 26.59 9.10
C ALA F 134 -45.59 26.40 9.67
N LYS F 135 -46.38 27.48 9.70
CA LYS F 135 -47.75 27.39 10.20
C LYS F 135 -48.64 26.56 9.23
N ASP F 136 -48.41 26.72 7.94
CA ASP F 136 -49.23 26.01 6.97
C ASP F 136 -48.99 24.51 7.10
N LEU F 137 -47.71 24.14 7.18
CA LEU F 137 -47.32 22.74 7.33
C LEU F 137 -47.84 22.17 8.64
N SER F 138 -47.71 22.95 9.70
CA SER F 138 -48.16 22.56 11.03
C SER F 138 -49.64 22.27 11.07
N LYS F 139 -50.43 23.16 10.45
CA LYS F 139 -51.88 22.95 10.41
C LYS F 139 -52.18 21.64 9.67
N GLN F 140 -51.47 21.38 8.58
CA GLN F 140 -51.63 20.11 7.85
C GLN F 140 -51.29 18.93 8.73
N LEU F 141 -50.25 19.06 9.55
CA LEU F 141 -49.85 18.00 10.45
C LEU F 141 -50.97 17.77 11.42
N HIS F 142 -51.37 18.88 12.05
CA HIS F 142 -52.51 18.94 12.96
C HIS F 142 -53.81 18.27 12.45
N SER F 143 -54.03 18.21 11.14
CA SER F 143 -55.18 17.44 10.59
C SER F 143 -54.85 15.99 10.33
N SER F 144 -53.67 15.74 9.79
CA SER F 144 -53.30 14.42 9.32
C SER F 144 -53.16 13.40 10.44
N VAL F 145 -52.82 13.83 11.66
CA VAL F 145 -52.72 12.87 12.75
C VAL F 145 -54.10 12.46 13.29
N ARG F 146 -55.18 12.85 12.60
CA ARG F 146 -56.51 12.28 12.90
C ARG F 146 -56.59 10.89 12.23
N THR F 147 -56.15 10.83 10.99
CA THR F 147 -55.93 9.59 10.24
C THR F 147 -54.71 8.81 10.81
N GLY F 148 -54.52 7.57 10.35
CA GLY F 148 -53.42 6.73 10.81
C GLY F 148 -52.30 6.52 9.80
N ASN F 149 -52.08 7.50 8.94
CA ASN F 149 -51.00 7.46 7.96
C ASN F 149 -49.70 8.05 8.50
N LEU F 150 -48.79 7.19 8.98
CA LEU F 150 -47.54 7.68 9.54
C LEU F 150 -46.63 8.37 8.52
N GLU F 151 -46.54 7.83 7.29
CA GLU F 151 -45.62 8.40 6.32
C GLU F 151 -45.87 9.87 6.04
N THR F 152 -47.14 10.23 5.85
CA THR F 152 -47.57 11.62 5.66
C THR F 152 -47.14 12.53 6.80
N CYS F 153 -47.33 12.06 8.04
CA CYS F 153 -46.89 12.82 9.19
C CYS F 153 -45.40 12.97 9.19
N LEU F 154 -44.70 11.87 8.91
CA LEU F 154 -43.24 11.91 8.80
C LEU F 154 -42.81 12.91 7.72
N ARG F 155 -43.56 12.98 6.62
CA ARG F 155 -43.19 13.85 5.52
C ARG F 155 -43.42 15.33 5.87
N LEU F 156 -44.54 15.63 6.51
CA LEU F 156 -44.79 17.02 6.90
C LEU F 156 -43.74 17.48 7.92
N LEU F 157 -43.40 16.60 8.86
CA LEU F 157 -42.38 16.92 9.88
C LEU F 157 -41.05 17.18 9.18
N SER F 158 -40.73 16.36 8.19
CA SER F 158 -39.48 16.51 7.46
C SER F 158 -39.38 17.83 6.66
N LEU F 159 -40.53 18.42 6.33
CA LEU F 159 -40.59 19.69 5.60
C LEU F 159 -40.61 20.91 6.54
N GLY F 160 -40.83 20.67 7.83
CA GLY F 160 -40.72 21.75 8.78
C GLY F 160 -41.87 21.94 9.74
N ALA F 161 -42.88 21.07 9.65
CA ALA F 161 -43.99 21.08 10.59
C ALA F 161 -43.53 20.86 12.03
N GLN F 162 -44.12 21.59 12.97
CA GLN F 162 -43.75 21.52 14.38
C GLN F 162 -44.67 20.59 15.18
N ALA F 163 -44.10 19.56 15.80
CA ALA F 163 -44.91 18.54 16.46
C ALA F 163 -45.63 19.13 17.66
N ASN F 164 -45.04 20.17 18.26
CA ASN F 164 -45.65 20.82 19.43
C ASN F 164 -46.35 22.15 19.09
N PHE F 165 -46.80 22.27 17.85
CA PHE F 165 -47.54 23.42 17.36
C PHE F 165 -48.85 23.62 18.15
N PHE F 166 -49.16 24.85 18.48
CA PHE F 166 -50.43 25.15 19.12
C PHE F 166 -51.33 25.85 18.09
N HIS F 167 -52.38 25.17 17.64
CA HIS F 167 -53.30 25.71 16.65
C HIS F 167 -54.05 26.89 17.27
N PRO F 168 -53.77 28.10 16.78
CA PRO F 168 -54.34 29.32 17.35
C PRO F 168 -55.88 29.34 17.39
N GLU F 169 -56.53 28.91 16.31
CA GLU F 169 -57.98 29.00 16.20
C GLU F 169 -58.70 27.74 16.71
N LYS F 170 -58.04 26.59 16.69
CA LYS F 170 -58.69 25.39 17.25
C LYS F 170 -58.24 25.13 18.69
N GLY F 171 -57.16 25.77 19.12
CA GLY F 171 -56.76 25.73 20.52
C GLY F 171 -56.19 24.41 21.03
N SER F 172 -55.67 23.60 20.12
CA SER F 172 -55.10 22.29 20.48
C SER F 172 -53.82 21.95 19.70
N THR F 173 -53.04 21.00 20.21
CA THR F 173 -51.86 20.53 19.51
C THR F 173 -52.14 19.26 18.70
N PRO F 174 -51.22 18.88 17.78
CA PRO F 174 -51.43 17.60 17.10
C PRO F 174 -51.51 16.42 18.07
N LEU F 175 -50.75 16.47 19.17
CA LEU F 175 -50.82 15.39 20.14
C LEU F 175 -52.24 15.28 20.71
N HIS F 176 -52.91 16.42 20.94
CA HIS F 176 -54.35 16.43 21.32
C HIS F 176 -55.23 15.72 20.28
N VAL F 177 -55.05 16.09 19.01
CA VAL F 177 -55.83 15.51 17.93
C VAL F 177 -55.62 14.00 17.89
N ALA F 178 -54.35 13.61 17.97
CA ALA F 178 -53.97 12.19 17.89
C ALA F 178 -54.53 11.42 19.07
N SER F 179 -54.37 11.99 20.26
CA SER F 179 -54.84 11.36 21.50
C SER F 179 -56.33 11.16 21.45
N LYS F 180 -57.03 12.12 20.86
CA LYS F 180 -58.47 12.06 20.84
C LYS F 180 -58.92 11.05 19.80
N ALA F 181 -58.20 10.97 18.68
CA ALA F 181 -58.48 9.99 17.64
C ALA F 181 -58.06 8.55 17.98
N GLY F 182 -57.41 8.33 19.12
CA GLY F 182 -56.90 7.01 19.49
C GLY F 182 -55.78 6.55 18.55
N GLN F 183 -55.09 7.51 17.96
CA GLN F 183 -54.06 7.23 16.96
C GLN F 183 -52.69 7.08 17.63
N ILE F 184 -52.44 5.91 18.22
CA ILE F 184 -51.32 5.74 19.16
C ILE F 184 -49.92 5.82 18.49
N LEU F 185 -49.82 5.37 17.24
CA LEU F 185 -48.55 5.44 16.55
C LEU F 185 -48.25 6.91 16.15
N GLN F 186 -49.28 7.65 15.81
CA GLN F 186 -49.10 9.06 15.55
C GLN F 186 -48.57 9.75 16.79
N ALA F 187 -49.19 9.45 17.94
CA ALA F 187 -48.76 9.99 19.22
C ALA F 187 -47.28 9.67 19.48
N GLU F 188 -46.91 8.44 19.21
CA GLU F 188 -45.55 8.01 19.41
C GLU F 188 -44.57 8.76 18.48
N LEU F 189 -44.94 8.93 17.21
CA LEU F 189 -44.11 9.73 16.29
C LEU F 189 -44.00 11.19 16.71
N LEU F 190 -45.09 11.77 17.18
CA LEU F 190 -45.08 13.17 17.60
C LEU F 190 -44.18 13.36 18.83
N ALA F 191 -44.29 12.45 19.78
CA ALA F 191 -43.56 12.58 21.02
C ALA F 191 -42.07 12.49 20.72
N VAL F 192 -41.70 11.67 19.75
CA VAL F 192 -40.30 11.56 19.32
C VAL F 192 -39.79 12.89 18.75
N TYR F 193 -40.69 13.70 18.18
CA TYR F 193 -40.32 15.03 17.70
C TYR F 193 -40.64 16.10 18.75
N GLY F 194 -40.85 15.66 19.99
CA GLY F 194 -40.93 16.59 21.10
C GLY F 194 -42.31 17.05 21.53
N ALA F 195 -43.35 16.42 21.02
CA ALA F 195 -44.72 16.76 21.43
C ALA F 195 -44.92 16.57 22.94
N ASP F 196 -45.31 17.63 23.63
CA ASP F 196 -45.56 17.56 25.07
C ASP F 196 -46.96 16.96 25.37
N PRO F 197 -47.01 15.94 26.22
CA PRO F 197 -48.29 15.35 26.68
C PRO F 197 -48.92 16.12 27.83
N GLY F 198 -48.23 17.15 28.31
CA GLY F 198 -48.73 17.97 29.41
C GLY F 198 -49.29 19.30 28.98
N THR F 199 -49.13 19.63 27.69
CA THR F 199 -49.64 20.89 27.15
C THR F 199 -51.14 20.97 27.25
N GLN F 200 -51.63 22.01 27.92
CA GLN F 200 -53.07 22.20 28.09
C GLN F 200 -53.65 22.90 26.89
N ASP F 201 -54.90 22.59 26.57
CA ASP F 201 -55.59 23.20 25.44
C ASP F 201 -56.29 24.47 25.89
N SER F 202 -56.96 25.15 24.97
CA SER F 202 -57.63 26.43 25.27
C SER F 202 -58.47 26.33 26.54
N SER F 203 -59.00 25.14 26.79
CA SER F 203 -59.87 24.89 27.94
C SER F 203 -59.16 24.35 29.19
N GLY F 204 -57.89 23.99 29.07
CA GLY F 204 -57.11 23.50 30.21
C GLY F 204 -56.86 21.99 30.34
N LYS F 205 -57.18 21.23 29.29
CA LYS F 205 -57.04 19.77 29.30
C LYS F 205 -55.89 19.25 28.40
N THR F 206 -55.25 18.17 28.83
CA THR F 206 -54.06 17.67 28.11
C THR F 206 -54.34 16.47 27.21
N PRO F 207 -53.39 16.14 26.31
CA PRO F 207 -53.53 14.91 25.53
C PRO F 207 -53.79 13.67 26.39
N VAL F 208 -53.22 13.63 27.58
CA VAL F 208 -53.58 12.57 28.50
C VAL F 208 -55.08 12.62 28.86
N ASP F 209 -55.59 13.81 29.23
CA ASP F 209 -57.03 13.97 29.43
C ASP F 209 -57.83 13.54 28.20
N TYR F 210 -57.49 14.02 27.00
CA TYR F 210 -58.22 13.61 25.79
C TYR F 210 -58.19 12.08 25.58
N ALA F 211 -57.05 11.45 25.87
CA ALA F 211 -56.96 10.01 25.72
C ALA F 211 -57.91 9.35 26.70
N ARG F 212 -57.96 9.85 27.93
CA ARG F 212 -58.88 9.25 28.90
C ARG F 212 -60.35 9.52 28.49
N GLN F 213 -60.68 10.72 28.03
CA GLN F 213 -62.07 11.01 27.65
C GLN F 213 -62.55 10.22 26.42
N GLY F 214 -61.65 9.61 25.67
CA GLY F 214 -62.08 8.77 24.56
C GLY F 214 -62.05 7.28 24.88
N GLY F 215 -61.57 6.95 26.07
CA GLY F 215 -61.48 5.56 26.47
C GLY F 215 -60.21 4.84 26.07
N HIS F 216 -59.28 5.58 25.49
CA HIS F 216 -58.00 5.02 25.03
C HIS F 216 -56.99 4.92 26.20
N HIS F 217 -57.28 4.07 27.17
CA HIS F 217 -56.51 4.06 28.39
C HIS F 217 -55.08 3.55 28.17
N GLU F 218 -54.87 2.64 27.22
CA GLU F 218 -53.51 2.20 26.88
C GLU F 218 -52.67 3.39 26.41
N LEU F 219 -53.24 4.13 25.48
CA LEU F 219 -52.61 5.32 24.94
C LEU F 219 -52.30 6.34 26.02
N ALA F 220 -53.25 6.50 26.95
CA ALA F 220 -53.10 7.45 28.06
C ALA F 220 -51.98 7.01 29.02
N GLU F 221 -51.98 5.72 29.37
CA GLU F 221 -50.87 5.13 30.10
C GLU F 221 -49.56 5.35 29.36
N ARG F 222 -49.58 5.12 28.04
CA ARG F 222 -48.38 5.32 27.25
C ARG F 222 -47.94 6.77 27.29
N LEU F 223 -48.90 7.70 27.22
CA LEU F 223 -48.56 9.12 27.25
C LEU F 223 -47.94 9.50 28.59
N ILE F 224 -48.41 8.88 29.67
CA ILE F 224 -47.90 9.21 30.99
C ILE F 224 -46.46 8.70 31.12
N GLU F 225 -46.18 7.56 30.47
CA GLU F 225 -44.81 7.09 30.30
C GLU F 225 -43.95 8.08 29.54
N ILE F 226 -44.49 8.63 28.46
CA ILE F 226 -43.73 9.54 27.60
C ILE F 226 -43.50 10.86 28.33
N GLN F 227 -44.48 11.24 29.13
CA GLN F 227 -44.40 12.46 29.89
C GLN F 227 -43.23 12.47 30.88
N TYR F 228 -42.90 11.29 31.40
CA TYR F 228 -41.90 11.15 32.45
C TYR F 228 -40.61 10.48 31.96
N GLU F 229 -40.48 10.34 30.64
CA GLU F 229 -39.31 9.74 30.02
C GLU F 229 -37.98 10.25 30.57
N LEU F 230 -37.89 11.55 30.84
CA LEU F 230 -36.62 12.13 31.24
C LEU F 230 -36.19 11.63 32.61
N THR F 231 -37.05 11.79 33.61
CA THR F 231 -36.67 11.36 34.95
C THR F 231 -36.68 9.86 35.08
N ASP F 232 -37.39 9.16 34.19
CA ASP F 232 -37.43 7.70 34.25
C ASP F 232 -36.11 7.10 33.81
N ARG F 233 -35.56 7.63 32.71
CA ARG F 233 -34.32 7.11 32.18
C ARG F 233 -33.20 7.41 33.16
N LEU F 234 -33.27 8.58 33.79
CA LEU F 234 -32.25 8.96 34.76
C LEU F 234 -32.23 7.99 35.94
N ALA F 235 -33.41 7.61 36.43
CA ALA F 235 -33.49 6.68 37.56
C ALA F 235 -33.01 5.29 37.13
N PHE F 236 -33.43 4.87 35.94
CA PHE F 236 -33.03 3.57 35.43
C PHE F 236 -31.53 3.49 35.18
N TYR F 237 -30.92 4.63 34.86
CA TYR F 237 -29.47 4.69 34.68
C TYR F 237 -28.72 4.21 35.93
N LEU F 238 -29.21 4.58 37.11
CA LEU F 238 -28.60 4.21 38.39
C LEU F 238 -29.15 2.92 39.02
N CYS F 239 -30.42 2.58 38.79
CA CYS F 239 -31.05 1.44 39.52
C CYS F 239 -31.37 0.22 38.68
N GLY F 240 -31.58 0.42 37.38
CA GLY F 240 -32.19 -0.62 36.58
C GLY F 240 -33.65 -0.92 36.96
N ARG F 241 -34.32 0.06 37.57
CA ARG F 241 -35.77 0.01 37.73
C ARG F 241 -36.31 1.40 37.38
N LYS F 242 -37.57 1.47 36.93
CA LYS F 242 -38.29 2.73 36.67
C LYS F 242 -39.49 2.84 37.60
N PRO F 243 -39.95 4.07 37.88
CA PRO F 243 -41.14 4.26 38.74
C PRO F 243 -42.33 3.53 38.18
N ASP F 244 -43.27 3.16 39.06
CA ASP F 244 -44.53 2.57 38.64
C ASP F 244 -45.63 3.64 38.55
N HIS F 245 -45.95 4.05 37.32
CA HIS F 245 -46.86 5.17 37.11
C HIS F 245 -48.31 4.83 37.48
N LYS F 246 -48.68 3.57 37.29
CA LYS F 246 -50.01 3.10 37.62
C LYS F 246 -50.25 3.18 39.12
N SER F 247 -49.18 3.07 39.91
CA SER F 247 -49.27 3.24 41.35
C SER F 247 -49.65 4.68 41.71
N GLY F 248 -48.98 5.66 41.10
CA GLY F 248 -49.12 7.04 41.54
C GLY F 248 -47.77 7.61 41.96
N GLN F 249 -46.76 6.74 41.91
CA GLN F 249 -45.36 7.12 42.09
C GLN F 249 -44.77 7.38 40.70
N HIS F 250 -44.43 8.63 40.40
CA HIS F 250 -43.92 8.95 39.07
C HIS F 250 -42.43 9.24 39.10
N PHE F 251 -41.89 9.26 40.30
CA PHE F 251 -40.48 9.48 40.49
C PHE F 251 -39.89 8.36 41.31
N LEU F 252 -38.64 8.03 41.03
CA LEU F 252 -37.91 7.05 41.79
C LEU F 252 -36.60 7.71 42.16
N ILE F 253 -36.37 7.94 43.44
CA ILE F 253 -35.11 8.56 43.84
C ILE F 253 -34.07 7.53 44.31
N PRO F 254 -33.01 7.31 43.52
CA PRO F 254 -31.94 6.37 43.88
C PRO F 254 -31.24 6.81 45.17
N GLN F 255 -30.69 5.90 45.95
CA GLN F 255 -29.96 6.35 47.13
C GLN F 255 -28.53 6.65 46.73
N ARG F 256 -27.92 7.62 47.39
CA ARG F 256 -26.53 7.98 47.10
C ARG F 256 -25.64 6.84 47.57
N ALA F 257 -24.54 6.58 46.87
CA ALA F 257 -23.61 5.57 47.35
C ALA F 257 -22.93 6.05 48.65
N ASP F 258 -22.74 7.36 48.78
CA ASP F 258 -22.12 7.94 49.95
C ASP F 258 -23.17 8.33 50.99
N ALA F 259 -24.31 7.64 51.00
CA ALA F 259 -25.29 7.80 52.08
C ALA F 259 -24.70 7.27 53.37
N ALA F 260 -25.31 7.65 54.49
CA ALA F 260 -24.76 7.39 55.82
C ALA F 260 -23.42 8.12 56.01
N LEU F 261 -23.14 9.07 55.13
CA LEU F 261 -22.06 10.02 55.32
C LEU F 261 -22.66 11.42 55.18
N ASP F 262 -22.21 12.34 56.02
CA ASP F 262 -22.71 13.71 55.96
C ASP F 262 -22.37 14.30 54.59
N LEU F 263 -23.30 15.02 53.98
CA LEU F 263 -23.08 15.58 52.66
C LEU F 263 -22.01 16.67 52.71
N SER F 264 -21.13 16.71 51.71
CA SER F 264 -19.96 17.62 51.72
C SER F 264 -20.31 19.10 51.51
N GLU F 265 -19.37 19.97 51.85
CA GLU F 265 -19.58 21.41 51.74
C GLU F 265 -19.80 21.86 50.29
N LEU F 266 -19.05 21.27 49.37
CA LEU F 266 -19.16 21.59 47.96
C LEU F 266 -20.43 20.96 47.34
N ALA F 267 -20.82 19.79 47.82
CA ALA F 267 -22.08 19.21 47.33
C ALA F 267 -23.27 20.02 47.82
N LYS F 268 -23.17 20.59 49.01
CA LYS F 268 -24.28 21.36 49.56
C LYS F 268 -24.47 22.64 48.73
N ALA F 269 -23.35 23.26 48.38
CA ALA F 269 -23.33 24.43 47.50
C ALA F 269 -23.98 24.15 46.15
N ALA F 270 -23.54 23.08 45.52
CA ALA F 270 -24.05 22.66 44.21
C ALA F 270 -25.58 22.55 44.19
N LYS F 271 -26.15 21.84 45.17
CA LYS F 271 -27.59 21.71 45.22
C LYS F 271 -28.25 23.08 45.40
N LYS F 272 -27.57 23.99 46.10
CA LYS F 272 -28.13 25.34 46.23
C LYS F 272 -28.25 25.99 44.85
N LYS F 273 -27.19 25.90 44.05
CA LYS F 273 -27.19 26.53 42.72
C LYS F 273 -28.22 25.88 41.78
N LEU F 274 -28.29 24.54 41.80
CA LEU F 274 -29.26 23.79 41.00
C LEU F 274 -30.70 24.26 41.25
N GLN F 275 -31.06 24.38 42.51
CA GLN F 275 -32.39 24.83 42.93
C GLN F 275 -32.76 26.29 42.60
N SER F 276 -31.78 27.14 42.31
CA SER F 276 -32.08 28.52 41.97
C SER F 276 -32.56 28.65 40.52
N LEU F 277 -32.37 27.58 39.75
CA LEU F 277 -32.83 27.58 38.36
C LEU F 277 -34.36 27.67 38.26
N SER F 278 -34.81 28.47 37.31
CA SER F 278 -36.21 28.53 36.94
C SER F 278 -36.62 27.19 36.35
N ASN F 279 -37.90 26.88 36.47
CA ASN F 279 -38.36 25.62 35.93
C ASN F 279 -37.95 25.48 34.46
N HIS F 280 -37.96 26.58 33.70
CA HIS F 280 -37.54 26.50 32.30
C HIS F 280 -36.09 26.06 32.22
N LEU F 281 -35.26 26.71 33.01
CA LEU F 281 -33.83 26.42 32.93
C LEU F 281 -33.52 25.03 33.45
N PHE F 282 -34.18 24.63 34.53
CA PHE F 282 -33.89 23.35 35.14
C PHE F 282 -34.24 22.22 34.17
N GLU F 283 -35.36 22.36 33.48
CA GLU F 283 -35.77 21.38 32.46
C GLU F 283 -34.79 21.35 31.26
N GLU F 284 -34.16 22.48 30.94
CA GLU F 284 -33.08 22.48 29.96
C GLU F 284 -31.84 21.68 30.44
N LEU F 285 -31.37 21.96 31.67
CA LEU F 285 -30.25 21.23 32.25
C LEU F 285 -30.54 19.72 32.28
N ALA F 286 -31.79 19.38 32.55
CA ALA F 286 -32.14 17.99 32.70
C ALA F 286 -32.03 17.30 31.35
N MET F 287 -32.37 18.03 30.28
CA MET F 287 -32.23 17.50 28.93
C MET F 287 -30.77 17.24 28.57
N ASP F 288 -29.89 18.13 29.02
CA ASP F 288 -28.45 17.92 28.82
C ASP F 288 -28.02 16.64 29.54
N VAL F 289 -28.33 16.55 30.83
CA VAL F 289 -27.99 15.37 31.59
C VAL F 289 -28.65 14.12 31.01
N TYR F 290 -29.84 14.29 30.46
CA TYR F 290 -30.53 13.19 29.80
C TYR F 290 -29.79 12.75 28.54
N ASP F 291 -29.33 13.71 27.76
CA ASP F 291 -28.58 13.40 26.55
C ASP F 291 -27.28 12.67 26.95
N GLU F 292 -26.63 13.15 28.00
CA GLU F 292 -25.45 12.48 28.52
C GLU F 292 -25.75 11.06 29.04
N VAL F 293 -26.88 10.88 29.71
CA VAL F 293 -27.21 9.55 30.15
C VAL F 293 -27.31 8.64 28.92
N ASP F 294 -27.93 9.15 27.85
CA ASP F 294 -28.09 8.38 26.63
C ASP F 294 -26.76 7.97 25.94
N ARG F 295 -25.86 8.95 25.80
CA ARG F 295 -24.52 8.73 25.27
C ARG F 295 -23.78 7.63 26.03
N ARG F 296 -23.49 7.89 27.32
CA ARG F 296 -22.88 6.88 28.20
C ARG F 296 -23.53 5.50 28.10
N GLU F 297 -24.86 5.42 28.18
CA GLU F 297 -25.57 4.13 28.10
C GLU F 297 -25.44 3.43 26.75
N THR F 298 -25.67 4.16 25.67
CA THR F 298 -25.48 3.63 24.33
C THR F 298 -24.04 3.15 24.13
N ASP F 299 -23.09 3.85 24.72
CA ASP F 299 -21.70 3.45 24.65
C ASP F 299 -21.55 2.03 25.15
N ALA F 300 -22.19 1.73 26.27
CA ALA F 300 -22.06 0.40 26.86
C ALA F 300 -22.76 -0.64 25.96
N VAL F 301 -23.93 -0.26 25.42
CA VAL F 301 -24.70 -1.11 24.53
C VAL F 301 -23.89 -1.44 23.28
N TRP F 302 -23.27 -0.42 22.69
CA TRP F 302 -22.35 -0.60 21.56
C TRP F 302 -21.26 -1.64 21.89
N LEU F 303 -20.47 -1.37 22.93
CA LEU F 303 -19.47 -2.33 23.38
C LEU F 303 -20.06 -3.71 23.61
N ALA F 304 -21.23 -3.74 24.26
CA ALA F 304 -21.89 -5.00 24.59
C ALA F 304 -22.44 -5.76 23.40
N THR F 305 -22.35 -5.19 22.19
CA THR F 305 -22.98 -5.82 21.02
C THR F 305 -22.06 -6.04 19.83
N GLN F 306 -20.92 -5.36 19.81
CA GLN F 306 -20.05 -5.47 18.64
C GLN F 306 -19.05 -6.61 18.81
N ASN F 307 -18.63 -7.16 17.67
CA ASN F 307 -17.55 -8.13 17.60
C ASN F 307 -16.23 -7.43 17.90
N HIS F 308 -15.26 -8.18 18.43
CA HIS F 308 -13.94 -7.65 18.80
C HIS F 308 -13.26 -6.93 17.62
N SER F 309 -13.64 -7.33 16.41
CA SER F 309 -13.09 -6.78 15.15
C SER F 309 -13.22 -5.26 15.07
N VAL F 318 -16.91 10.92 19.00
CA VAL F 318 -17.21 9.71 19.79
C VAL F 318 -17.19 9.85 21.34
N PRO F 319 -16.32 10.74 21.91
CA PRO F 319 -16.10 10.64 23.36
C PRO F 319 -16.88 11.62 24.25
N PHE F 320 -17.76 12.42 23.65
CA PHE F 320 -18.60 13.33 24.40
C PHE F 320 -19.75 13.75 23.48
N LEU F 321 -20.79 14.38 24.01
CA LEU F 321 -21.93 14.80 23.16
C LEU F 321 -21.45 15.63 21.97
N PRO F 322 -21.81 15.19 20.75
CA PRO F 322 -21.62 15.93 19.50
C PRO F 322 -22.11 17.36 19.61
N VAL F 323 -21.55 18.26 18.81
CA VAL F 323 -22.05 19.61 18.73
C VAL F 323 -23.46 19.67 18.16
N ASN F 324 -24.34 20.44 18.77
CA ASN F 324 -25.61 20.76 18.14
C ASN F 324 -25.55 22.21 17.65
N PRO F 325 -25.61 22.40 16.33
CA PRO F 325 -25.44 23.72 15.73
C PRO F 325 -26.53 24.70 16.13
N GLU F 326 -27.71 24.23 16.54
CA GLU F 326 -28.76 25.14 16.97
C GLU F 326 -28.73 25.37 18.48
N TYR F 327 -27.65 24.92 19.13
CA TYR F 327 -27.29 25.36 20.48
C TYR F 327 -26.13 26.34 20.41
N SER F 328 -26.07 27.26 21.37
CA SER F 328 -24.94 28.18 21.50
C SER F 328 -23.74 27.41 21.95
N SER F 329 -22.54 27.93 21.70
CA SER F 329 -21.36 27.22 22.14
C SER F 329 -21.34 27.06 23.66
N THR F 330 -21.85 28.06 24.39
CA THR F 330 -21.87 27.99 25.85
C THR F 330 -22.71 26.81 26.27
N ARG F 331 -23.93 26.72 25.75
CA ARG F 331 -24.76 25.54 25.95
C ARG F 331 -24.04 24.27 25.49
N ASN F 332 -23.33 24.32 24.35
CA ASN F 332 -22.56 23.16 23.89
C ASN F 332 -21.37 22.84 24.80
N GLN F 333 -20.75 23.85 25.42
CA GLN F 333 -19.60 23.60 26.28
C GLN F 333 -20.06 22.83 27.52
N GLY F 334 -21.18 23.27 28.07
CA GLY F 334 -21.80 22.56 29.17
C GLY F 334 -22.07 21.08 28.88
N ARG F 335 -22.76 20.79 27.78
CA ARG F 335 -23.07 19.41 27.43
C ARG F 335 -21.83 18.54 27.34
N GLN F 336 -20.81 19.06 26.68
CA GLN F 336 -19.59 18.31 26.55
C GLN F 336 -18.83 18.21 27.87
N LYS F 337 -18.95 19.21 28.74
CA LYS F 337 -18.24 19.14 30.01
C LYS F 337 -18.80 17.98 30.87
N LEU F 338 -20.04 17.58 30.61
CA LEU F 338 -20.63 16.42 31.28
C LEU F 338 -19.86 15.13 31.06
N ALA F 339 -19.24 14.97 29.90
CA ALA F 339 -18.48 13.75 29.63
C ALA F 339 -17.35 13.49 30.62
N ARG F 340 -16.83 14.54 31.27
CA ARG F 340 -15.67 14.32 32.12
C ARG F 340 -16.08 14.06 33.57
N PHE F 341 -17.37 14.07 33.85
CA PHE F 341 -17.85 13.61 35.14
C PHE F 341 -17.48 12.15 35.32
N ASN F 342 -16.91 11.82 36.48
CA ASN F 342 -16.64 10.43 36.77
C ASN F 342 -17.93 9.78 37.32
N ALA F 343 -17.89 8.48 37.62
CA ALA F 343 -19.12 7.79 38.02
C ALA F 343 -19.76 8.40 39.27
N HIS F 344 -18.99 8.78 40.27
CA HIS F 344 -19.61 9.31 41.47
C HIS F 344 -20.17 10.72 41.23
N GLU F 345 -19.40 11.55 40.51
CA GLU F 345 -19.81 12.92 40.21
C GLU F 345 -21.13 12.92 39.43
N PHE F 346 -21.16 12.15 38.35
CA PHE F 346 -22.34 12.13 37.49
C PHE F 346 -23.59 11.56 38.21
N ALA F 347 -23.41 10.51 39.01
CA ALA F 347 -24.55 9.95 39.75
C ALA F 347 -25.11 10.96 40.78
N THR F 348 -24.24 11.82 41.29
CA THR F 348 -24.68 12.84 42.23
C THR F 348 -25.49 13.91 41.51
N LEU F 349 -25.10 14.23 40.28
CA LEU F 349 -25.87 15.19 39.50
C LEU F 349 -27.24 14.60 39.18
N VAL F 350 -27.29 13.37 38.66
CA VAL F 350 -28.55 12.70 38.34
C VAL F 350 -29.49 12.61 39.54
N ILE F 351 -28.97 12.14 40.68
CA ILE F 351 -29.79 12.03 41.88
C ILE F 351 -30.43 13.37 42.32
N ASP F 352 -29.62 14.44 42.35
CA ASP F 352 -30.15 15.77 42.65
C ASP F 352 -31.22 16.21 41.66
N ILE F 353 -30.97 16.00 40.36
CA ILE F 353 -31.94 16.38 39.32
C ILE F 353 -33.26 15.60 39.50
N LEU F 354 -33.15 14.31 39.80
CA LEU F 354 -34.32 13.52 40.13
C LEU F 354 -35.07 14.08 41.34
N SER F 355 -34.37 14.26 42.46
CA SER F 355 -35.03 14.71 43.68
C SER F 355 -35.62 16.13 43.52
N ASP F 356 -34.95 16.97 42.73
CA ASP F 356 -35.43 18.32 42.51
C ASP F 356 -36.63 18.33 41.53
N ALA F 357 -36.64 17.44 40.53
CA ALA F 357 -37.77 17.34 39.62
C ALA F 357 -39.03 16.98 40.39
N LYS F 358 -38.88 15.98 41.26
CA LYS F 358 -39.96 15.62 42.18
C LYS F 358 -40.34 16.83 43.06
N ARG F 359 -39.33 17.60 43.50
CA ARG F 359 -39.60 18.79 44.30
C ARG F 359 -40.48 19.77 43.51
N ARG F 360 -40.11 20.05 42.28
CA ARG F 360 -40.76 21.09 41.49
C ARG F 360 -42.19 20.70 41.10
N GLN F 361 -42.48 19.41 41.07
CA GLN F 361 -43.84 18.99 40.74
C GLN F 361 -44.76 19.17 41.94
N GLN F 362 -44.20 18.98 43.14
CA GLN F 362 -44.97 18.94 44.40
C GLN F 362 -45.22 20.31 45.05
N ALA G 1 -4.58 -22.47 36.06
CA ALA G 1 -4.60 -21.66 34.85
C ALA G 1 -6.00 -21.61 34.22
N LEU G 2 -6.19 -22.30 33.10
CA LEU G 2 -7.43 -22.23 32.34
C LEU G 2 -8.66 -22.56 33.18
N GLU G 3 -8.57 -23.62 33.98
CA GLU G 3 -9.66 -24.02 34.88
C GLU G 3 -9.92 -22.99 35.98
N GLU G 4 -8.94 -22.14 36.25
CA GLU G 4 -9.12 -21.05 37.18
C GLU G 4 -9.73 -19.84 36.43
N ASP G 5 -9.09 -19.45 35.31
CA ASP G 5 -9.54 -18.32 34.50
C ASP G 5 -10.99 -18.46 34.04
N ALA G 6 -11.39 -19.69 33.75
CA ALA G 6 -12.75 -19.99 33.32
C ALA G 6 -13.79 -19.79 34.44
N GLN G 7 -13.43 -20.13 35.68
CA GLN G 7 -14.32 -19.86 36.80
C GLN G 7 -14.59 -18.36 36.93
N ILE G 8 -13.55 -17.54 36.71
CA ILE G 8 -13.67 -16.09 36.83
C ILE G 8 -14.54 -15.48 35.71
N LEU G 9 -14.21 -15.83 34.46
CA LEU G 9 -15.00 -15.44 33.30
C LEU G 9 -16.48 -15.73 33.55
N LYS G 10 -16.75 -16.90 34.13
CA LYS G 10 -18.10 -17.32 34.46
C LYS G 10 -18.73 -16.34 35.44
N VAL G 11 -18.01 -16.04 36.53
CA VAL G 11 -18.52 -15.09 37.50
C VAL G 11 -18.74 -13.73 36.83
N ILE G 12 -17.78 -13.29 36.01
CA ILE G 12 -17.92 -12.00 35.34
C ILE G 12 -19.20 -11.95 34.48
N GLU G 13 -19.41 -12.98 33.68
CA GLU G 13 -20.61 -13.05 32.86
C GLU G 13 -21.91 -12.98 33.67
N ALA G 14 -21.87 -13.51 34.90
CA ALA G 14 -23.07 -13.59 35.72
C ALA G 14 -23.56 -12.22 36.14
N TYR G 15 -22.68 -11.22 36.10
CA TYR G 15 -23.05 -9.88 36.53
C TYR G 15 -23.53 -8.99 35.39
N CYS G 16 -23.71 -9.57 34.20
CA CYS G 16 -24.31 -8.88 33.07
C CYS G 16 -25.15 -9.84 32.22
N ALA H 1 42.54 -21.38 38.17
CA ALA H 1 42.74 -20.08 38.80
C ALA H 1 43.39 -20.26 40.18
N LEU H 2 44.38 -19.45 40.48
CA LEU H 2 45.15 -19.69 41.69
C LEU H 2 44.39 -19.31 42.94
N GLU H 3 43.63 -18.21 42.90
CA GLU H 3 42.87 -17.79 44.07
C GLU H 3 41.88 -18.89 44.42
N GLU H 4 41.36 -19.55 43.38
CA GLU H 4 40.45 -20.68 43.55
C GLU H 4 41.15 -21.89 44.16
N ASP H 5 42.29 -22.29 43.60
CA ASP H 5 43.04 -23.44 44.12
C ASP H 5 43.57 -23.22 45.54
N ALA H 6 44.10 -22.04 45.81
CA ALA H 6 44.57 -21.67 47.15
C ALA H 6 43.50 -21.89 48.22
N GLN H 7 42.25 -21.56 47.88
CA GLN H 7 41.14 -21.69 48.82
C GLN H 7 40.86 -23.14 49.17
N ILE H 8 40.90 -24.00 48.16
CA ILE H 8 40.73 -25.42 48.32
C ILE H 8 41.88 -25.99 49.17
N LEU H 9 43.09 -25.49 48.96
CA LEU H 9 44.24 -25.96 49.72
C LEU H 9 44.12 -25.59 51.18
N LYS H 10 43.63 -24.37 51.43
CA LYS H 10 43.47 -23.89 52.79
C LYS H 10 42.48 -24.78 53.54
N VAL H 11 41.45 -25.26 52.85
CA VAL H 11 40.44 -26.09 53.49
C VAL H 11 41.03 -27.43 53.81
N ILE H 12 41.73 -28.02 52.84
CA ILE H 12 42.36 -29.33 53.05
C ILE H 12 43.29 -29.27 54.26
N GLU H 13 44.17 -28.27 54.29
CA GLU H 13 45.08 -28.05 55.43
C GLU H 13 44.35 -27.86 56.75
N ALA H 14 43.08 -27.45 56.68
CA ALA H 14 42.27 -27.29 57.89
C ALA H 14 41.78 -28.63 58.43
N TYR H 15 41.90 -29.69 57.62
CA TYR H 15 41.43 -30.98 58.06
C TYR H 15 42.54 -31.87 58.62
N CYS H 16 43.77 -31.35 58.63
CA CYS H 16 44.89 -32.00 59.33
C CYS H 16 45.84 -30.96 59.97
N ALA I 1 -31.10 33.73 26.36
CA ALA I 1 -30.27 32.79 25.60
C ALA I 1 -28.93 32.68 26.28
N LEU I 2 -28.02 33.61 25.98
CA LEU I 2 -26.68 33.55 26.57
C LEU I 2 -26.75 33.74 28.08
N GLU I 3 -27.62 34.65 28.49
CA GLU I 3 -27.88 34.86 29.89
C GLU I 3 -28.26 33.55 30.56
N GLU I 4 -29.14 32.80 29.89
CA GLU I 4 -29.68 31.54 30.42
C GLU I 4 -28.66 30.40 30.39
N ASP I 5 -28.00 30.25 29.25
CA ASP I 5 -26.99 29.21 29.09
C ASP I 5 -25.89 29.32 30.18
N ALA I 6 -25.58 30.56 30.56
CA ALA I 6 -24.49 30.82 31.51
C ALA I 6 -24.79 30.24 32.88
N GLN I 7 -26.06 30.28 33.30
CA GLN I 7 -26.41 29.79 34.63
C GLN I 7 -26.30 28.28 34.66
N ILE I 8 -26.87 27.69 33.62
CA ILE I 8 -26.79 26.27 33.38
C ILE I 8 -25.33 25.82 33.39
N LEU I 9 -24.51 26.51 32.63
CA LEU I 9 -23.09 26.20 32.61
C LEU I 9 -22.48 26.31 34.00
N LYS I 10 -22.91 27.27 34.79
CA LYS I 10 -22.38 27.39 36.14
C LYS I 10 -22.84 26.23 37.04
N VAL I 11 -24.10 25.85 36.94
CA VAL I 11 -24.57 24.71 37.72
C VAL I 11 -23.76 23.46 37.38
N ILE I 12 -23.56 23.19 36.09
CA ILE I 12 -22.74 22.05 35.68
C ILE I 12 -21.38 22.11 36.35
N GLU I 13 -20.69 23.25 36.22
CA GLU I 13 -19.40 23.45 36.86
C GLU I 13 -19.39 23.18 38.37
N ALA I 14 -20.39 23.68 39.08
CA ALA I 14 -20.53 23.42 40.52
C ALA I 14 -20.42 21.94 40.87
N TYR I 15 -20.94 21.08 39.98
CA TYR I 15 -20.98 19.63 40.19
C TYR I 15 -19.73 18.89 39.70
N CYS I 16 -18.68 19.63 39.34
CA CYS I 16 -17.44 19.02 38.85
C CYS I 16 -16.22 19.91 39.04
N ALA J 1 31.92 17.71 3.63
CA ALA J 1 30.85 17.15 2.82
C ALA J 1 29.96 18.25 2.24
N LEU J 2 29.58 19.22 3.08
CA LEU J 2 28.62 20.25 2.69
C LEU J 2 29.04 20.99 1.40
N GLU J 3 30.32 21.33 1.27
CA GLU J 3 30.75 22.03 0.05
C GLU J 3 30.60 21.11 -1.17
N GLU J 4 30.71 19.81 -0.95
CA GLU J 4 30.56 18.82 -2.02
C GLU J 4 29.09 18.62 -2.39
N ASP J 5 28.27 18.44 -1.36
CA ASP J 5 26.84 18.26 -1.52
C ASP J 5 26.20 19.48 -2.15
N ALA J 6 26.65 20.67 -1.80
CA ALA J 6 26.09 21.89 -2.39
C ALA J 6 26.38 22.01 -3.89
N GLN J 7 27.54 21.54 -4.35
CA GLN J 7 27.83 21.48 -5.78
C GLN J 7 26.87 20.53 -6.49
N ILE J 8 26.65 19.35 -5.92
CA ILE J 8 25.70 18.41 -6.50
C ILE J 8 24.29 19.02 -6.58
N LEU J 9 23.81 19.59 -5.48
CA LEU J 9 22.48 20.20 -5.43
C LEU J 9 22.29 21.30 -6.50
N LYS J 10 23.35 22.03 -6.79
CA LYS J 10 23.25 23.08 -7.80
C LYS J 10 23.28 22.50 -9.24
N VAL J 11 23.85 21.32 -9.41
CA VAL J 11 23.77 20.73 -10.73
C VAL J 11 22.33 20.28 -10.87
N ILE J 12 21.81 19.59 -9.87
CA ILE J 12 20.43 19.11 -9.97
C ILE J 12 19.44 20.25 -10.27
N GLU J 13 19.60 21.39 -9.62
CA GLU J 13 18.67 22.50 -9.85
C GLU J 13 18.77 23.03 -11.27
N ALA J 14 19.94 22.88 -11.87
CA ALA J 14 20.16 23.30 -13.24
C ALA J 14 19.33 22.46 -14.22
N TYR J 15 19.00 21.24 -13.85
CA TYR J 15 18.22 20.38 -14.74
C TYR J 15 16.74 20.45 -14.42
N CYS J 16 16.33 21.42 -13.60
CA CYS J 16 14.91 21.61 -13.25
C CYS J 16 14.52 23.08 -13.20
N ALA K 1 -19.99 -0.40 -26.82
CA ALA K 1 -19.51 -0.28 -25.46
C ALA K 1 -18.49 -1.36 -25.17
N LEU K 2 -18.94 -2.56 -24.80
CA LEU K 2 -17.96 -3.56 -24.38
C LEU K 2 -17.03 -4.00 -25.51
N GLU K 3 -17.56 -4.20 -26.73
CA GLU K 3 -16.71 -4.52 -27.88
C GLU K 3 -15.73 -3.38 -28.20
N GLU K 4 -16.14 -2.15 -27.90
CA GLU K 4 -15.31 -0.96 -28.12
C GLU K 4 -14.19 -0.83 -27.09
N ASP K 5 -14.59 -0.84 -25.83
CA ASP K 5 -13.68 -0.68 -24.72
C ASP K 5 -12.62 -1.78 -24.73
N ALA K 6 -13.04 -2.98 -25.17
CA ALA K 6 -12.16 -4.16 -25.19
C ALA K 6 -11.01 -4.00 -26.19
N GLN K 7 -11.34 -3.50 -27.37
CA GLN K 7 -10.33 -3.19 -28.34
C GLN K 7 -9.31 -2.21 -27.78
N ILE K 8 -9.79 -1.16 -27.11
CA ILE K 8 -8.90 -0.20 -26.52
C ILE K 8 -8.04 -0.83 -25.44
N LEU K 9 -8.64 -1.65 -24.59
CA LEU K 9 -7.86 -2.36 -23.58
C LEU K 9 -6.78 -3.25 -24.22
N LYS K 10 -7.08 -3.86 -25.37
CA LYS K 10 -6.10 -4.77 -25.93
C LYS K 10 -4.91 -4.00 -26.52
N VAL K 11 -5.19 -2.82 -27.09
CA VAL K 11 -4.08 -2.03 -27.59
C VAL K 11 -3.18 -1.63 -26.43
N ILE K 12 -3.78 -1.17 -25.32
CA ILE K 12 -3.01 -0.80 -24.14
C ILE K 12 -2.13 -1.97 -23.64
N GLU K 13 -2.71 -3.15 -23.55
CA GLU K 13 -2.00 -4.30 -23.05
C GLU K 13 -0.83 -4.66 -23.94
N ALA K 14 -1.00 -4.46 -25.24
CA ALA K 14 0.08 -4.71 -26.19
C ALA K 14 1.28 -3.81 -25.98
N TYR K 15 1.05 -2.55 -25.58
CA TYR K 15 2.15 -1.65 -25.35
C TYR K 15 2.82 -1.87 -23.99
N CYS K 16 2.27 -2.80 -23.20
CA CYS K 16 2.82 -3.11 -21.89
C CYS K 16 3.05 -4.60 -21.71
N ALA L 1 -7.66 30.91 -63.65
CA ALA L 1 -6.90 32.12 -63.34
C ALA L 1 -6.24 32.69 -64.60
N LEU L 2 -6.47 33.96 -64.88
CA LEU L 2 -5.94 34.58 -66.07
C LEU L 2 -4.40 34.57 -66.12
N GLU L 3 -3.77 34.75 -64.97
CA GLU L 3 -2.32 34.82 -64.92
C GLU L 3 -1.73 33.50 -65.36
N GLU L 4 -2.42 32.41 -65.01
CA GLU L 4 -2.01 31.06 -65.41
C GLU L 4 -2.30 30.82 -66.91
N ASP L 5 -3.56 30.97 -67.27
CA ASP L 5 -4.04 30.80 -68.64
C ASP L 5 -3.17 31.57 -69.66
N ALA L 6 -2.70 32.75 -69.25
CA ALA L 6 -1.86 33.57 -70.10
C ALA L 6 -0.51 32.90 -70.36
N GLN L 7 0.05 32.25 -69.36
CA GLN L 7 1.34 31.59 -69.52
C GLN L 7 1.28 30.50 -70.59
N ILE L 8 0.22 29.72 -70.54
CA ILE L 8 0.03 28.62 -71.48
C ILE L 8 -0.19 29.09 -72.92
N LEU L 9 -1.07 30.08 -73.09
CA LEU L 9 -1.34 30.68 -74.41
C LEU L 9 -0.06 31.20 -75.05
N LYS L 10 0.90 31.64 -74.23
CA LYS L 10 2.17 32.13 -74.73
C LYS L 10 3.13 30.98 -75.07
N VAL L 11 3.00 29.86 -74.36
CA VAL L 11 3.70 28.66 -74.77
C VAL L 11 3.12 28.20 -76.12
N ILE L 12 1.80 28.17 -76.22
CA ILE L 12 1.18 27.67 -77.44
C ILE L 12 1.54 28.56 -78.63
N GLU L 13 1.70 29.86 -78.38
CA GLU L 13 2.07 30.77 -79.48
C GLU L 13 3.50 30.54 -79.97
N ALA L 14 4.41 30.29 -79.05
CA ALA L 14 5.78 29.95 -79.40
C ALA L 14 5.89 28.69 -80.30
N TYR L 15 4.89 27.81 -80.28
CA TYR L 15 4.98 26.62 -81.12
C TYR L 15 4.35 26.84 -82.49
N CYS L 16 3.90 28.06 -82.74
CA CYS L 16 3.28 28.41 -84.01
C CYS L 16 4.01 29.60 -84.65
ZN ZN M . 5.92 -10.69 5.27
ZN ZN N . -29.71 8.90 -82.64
ZN ZN O . -9.67 25.53 0.17
ZN ZN P . 6.33 13.13 25.15
ZN ZN Q . 49.75 -55.98 29.43
ZN ZN R . -25.65 -0.13 6.82
#